data_1I16
#
_entry.id   1I16
#
_cell.length_a   1.000
_cell.length_b   1.000
_cell.length_c   1.000
_cell.angle_alpha   90.00
_cell.angle_beta   90.00
_cell.angle_gamma   90.00
#
_symmetry.space_group_name_H-M   'P 1'
#
_entity_poly.entity_id   1
_entity_poly.type   'polypeptide(L)'
_entity_poly.pdbx_seq_one_letter_code
;MPDLNSSTDSAASASAASDVSVESTAEATVCTVTLEKMSAGLGFSLEGGKGSLHGDKPLTINRIFKGAASEQSETVQPGD
EILQLGGTAMQGLTRFEAWNIIKALPDGPVTIVIRRKSLQSKETTAAGDS
;
_entity_poly.pdbx_strand_id   A
#
# COMPACT_ATOMS: atom_id res chain seq x y z
N MET A 1 -3.91 -16.68 32.90
CA MET A 1 -4.13 -17.00 31.46
C MET A 1 -2.83 -17.51 30.85
N PRO A 2 -2.65 -18.81 30.89
CA PRO A 2 -1.45 -19.47 30.34
C PRO A 2 -1.58 -19.59 28.82
N ASP A 3 -2.56 -20.30 28.36
CA ASP A 3 -2.75 -20.46 26.88
C ASP A 3 -4.09 -19.84 26.49
N LEU A 4 -4.53 -20.08 25.28
CA LEU A 4 -5.83 -19.50 24.83
C LEU A 4 -6.94 -20.01 25.76
N ASN A 5 -8.17 -19.66 25.47
CA ASN A 5 -9.29 -20.11 26.33
C ASN A 5 -9.70 -21.53 25.94
N SER A 6 -10.26 -22.28 26.86
CA SER A 6 -10.67 -23.68 26.53
C SER A 6 -11.62 -24.19 27.62
N SER A 7 -11.74 -25.49 27.75
CA SER A 7 -12.64 -26.04 28.79
C SER A 7 -13.99 -25.32 28.74
N THR A 8 -14.54 -25.18 27.56
CA THR A 8 -15.86 -24.49 27.45
C THR A 8 -16.34 -24.54 25.99
N ASP A 9 -17.32 -23.74 25.65
CA ASP A 9 -17.82 -23.75 24.25
C ASP A 9 -16.66 -23.62 23.29
N SER A 10 -16.49 -24.57 22.40
CA SER A 10 -15.37 -24.51 21.43
C SER A 10 -15.42 -23.19 20.67
N ALA A 11 -14.77 -22.18 21.16
CA ALA A 11 -14.78 -20.87 20.47
C ALA A 11 -13.43 -20.18 20.65
N ALA A 12 -12.41 -20.68 19.99
CA ALA A 12 -11.06 -20.05 20.14
C ALA A 12 -10.51 -19.72 18.75
N SER A 13 -10.21 -18.47 18.51
CA SER A 13 -9.67 -18.08 17.18
C SER A 13 -8.48 -18.96 16.82
N ALA A 14 -8.42 -19.43 15.60
CA ALA A 14 -7.29 -20.30 15.18
C ALA A 14 -6.50 -19.61 14.07
N SER A 15 -7.07 -19.55 12.89
CA SER A 15 -6.38 -18.88 11.75
C SER A 15 -4.99 -19.51 11.56
N ALA A 16 -4.33 -19.19 10.48
CA ALA A 16 -2.98 -19.77 10.23
C ALA A 16 -1.99 -18.63 9.99
N ALA A 17 -0.75 -18.95 9.73
CA ALA A 17 0.26 -17.88 9.48
C ALA A 17 1.54 -18.50 8.93
N SER A 18 2.54 -17.70 8.66
CA SER A 18 3.82 -18.25 8.13
C SER A 18 3.60 -18.75 6.69
N ASP A 19 2.96 -19.88 6.54
CA ASP A 19 2.73 -20.42 5.17
C ASP A 19 1.46 -19.80 4.59
N VAL A 20 1.45 -19.53 3.31
CA VAL A 20 0.24 -18.92 2.69
C VAL A 20 -0.09 -19.66 1.39
N SER A 21 -1.36 -19.86 1.12
CA SER A 21 -1.73 -20.57 -0.13
C SER A 21 -2.73 -19.72 -0.92
N VAL A 22 -3.25 -20.23 -2.00
CA VAL A 22 -4.23 -19.44 -2.80
C VAL A 22 -3.54 -18.20 -3.37
N GLU A 23 -2.88 -18.34 -4.49
CA GLU A 23 -2.19 -17.17 -5.09
C GLU A 23 -3.10 -15.94 -5.03
N SER A 24 -2.53 -14.77 -5.06
CA SER A 24 -3.36 -13.53 -5.01
C SER A 24 -4.17 -13.42 -6.29
N THR A 25 -4.84 -12.31 -6.49
CA THR A 25 -5.67 -12.14 -7.72
C THR A 25 -5.31 -10.82 -8.40
N ALA A 26 -5.64 -10.68 -9.65
CA ALA A 26 -5.33 -9.42 -10.38
C ALA A 26 -3.90 -8.98 -10.07
N GLU A 27 -3.03 -9.91 -9.82
CA GLU A 27 -1.62 -9.56 -9.51
C GLU A 27 -1.59 -8.55 -8.37
N ALA A 28 -1.48 -9.03 -7.17
CA ALA A 28 -1.44 -8.12 -6.00
C ALA A 28 -0.14 -8.33 -5.23
N THR A 29 0.55 -7.28 -4.89
CA THR A 29 1.83 -7.45 -4.14
C THR A 29 1.93 -6.35 -3.07
N VAL A 30 2.47 -6.70 -1.93
CA VAL A 30 2.61 -5.68 -0.84
C VAL A 30 4.08 -5.25 -0.74
N CYS A 31 4.31 -4.04 -0.31
CA CYS A 31 5.71 -3.57 -0.18
C CYS A 31 5.90 -2.88 1.17
N THR A 32 6.23 -3.62 2.19
CA THR A 32 6.43 -3.00 3.53
C THR A 32 7.78 -2.28 3.56
N VAL A 33 7.79 -1.01 3.82
CA VAL A 33 9.08 -0.26 3.84
C VAL A 33 9.09 0.80 4.95
N THR A 34 10.25 1.32 5.30
CA THR A 34 10.30 2.38 6.35
C THR A 34 10.75 3.71 5.76
N LEU A 35 10.04 4.76 6.07
CA LEU A 35 10.46 6.10 5.59
C LEU A 35 11.13 6.79 6.76
N GLU A 36 11.61 7.99 6.58
CA GLU A 36 12.27 8.68 7.71
C GLU A 36 11.43 9.90 8.10
N LYS A 37 10.88 9.93 9.28
CA LYS A 37 10.05 11.12 9.67
C LYS A 37 10.97 12.26 10.10
N MET A 38 11.23 13.18 9.21
CA MET A 38 12.12 14.32 9.55
C MET A 38 11.73 15.57 8.72
N SER A 39 11.25 15.38 7.52
CA SER A 39 10.87 16.54 6.67
C SER A 39 9.44 16.99 7.00
N ALA A 40 8.93 16.62 8.14
CA ALA A 40 7.54 17.03 8.51
C ALA A 40 6.52 16.40 7.54
N GLY A 41 6.55 15.09 7.40
CA GLY A 41 5.59 14.43 6.47
C GLY A 41 6.31 13.40 5.60
N LEU A 42 7.37 12.83 6.10
CA LEU A 42 8.15 11.82 5.32
C LEU A 42 8.24 12.25 3.86
N GLY A 43 8.15 13.53 3.60
CA GLY A 43 8.25 14.01 2.20
C GLY A 43 7.12 13.43 1.36
N PHE A 44 6.17 12.77 1.96
CA PHE A 44 5.06 12.21 1.15
C PHE A 44 3.72 12.59 1.79
N SER A 45 2.71 12.66 0.98
CA SER A 45 1.34 13.02 1.49
C SER A 45 0.33 12.00 0.95
N LEU A 46 -0.67 11.67 1.74
CA LEU A 46 -1.67 10.65 1.29
C LEU A 46 -2.98 11.29 0.85
N GLU A 47 -3.50 10.83 -0.26
CA GLU A 47 -4.82 11.37 -0.75
C GLU A 47 -5.76 10.20 -1.01
N GLY A 48 -7.03 10.40 -0.85
CA GLY A 48 -8.01 9.30 -1.09
C GLY A 48 -9.42 9.84 -0.86
N GLY A 49 -10.16 9.29 0.06
CA GLY A 49 -11.53 9.82 0.29
C GLY A 49 -12.26 9.00 1.35
N LYS A 50 -12.36 9.48 2.56
CA LYS A 50 -13.08 8.73 3.61
C LYS A 50 -14.47 8.35 3.08
N GLY A 51 -15.18 7.50 3.76
CA GLY A 51 -16.54 7.12 3.28
C GLY A 51 -17.54 7.17 4.43
N SER A 52 -17.98 6.03 4.90
CA SER A 52 -18.96 6.02 6.02
C SER A 52 -19.23 4.57 6.44
N LEU A 53 -18.21 3.78 6.57
CA LEU A 53 -18.41 2.36 6.96
C LEU A 53 -19.37 1.70 5.96
N HIS A 54 -19.44 2.22 4.76
CA HIS A 54 -20.36 1.63 3.75
C HIS A 54 -19.70 1.67 2.37
N GLY A 55 -18.46 2.09 2.29
CA GLY A 55 -17.79 2.15 0.96
C GLY A 55 -16.31 1.75 1.12
N ASP A 56 -15.39 2.68 1.12
CA ASP A 56 -13.96 2.31 1.28
C ASP A 56 -13.06 3.50 0.90
N LYS A 57 -12.25 3.97 1.81
CA LYS A 57 -11.35 5.11 1.51
C LYS A 57 -9.89 4.64 1.52
N PRO A 58 -9.44 4.11 0.41
CA PRO A 58 -8.06 3.61 0.28
C PRO A 58 -7.11 4.78 0.06
N LEU A 59 -6.82 5.52 1.10
CA LEU A 59 -5.90 6.68 0.94
C LEU A 59 -4.72 6.24 0.07
N THR A 60 -4.10 7.15 -0.64
CA THR A 60 -2.98 6.75 -1.52
C THR A 60 -1.93 7.89 -1.57
N ILE A 61 -0.68 7.62 -1.94
CA ILE A 61 0.30 8.72 -2.00
C ILE A 61 0.12 9.52 -3.28
N ASN A 62 -0.06 10.79 -3.14
CA ASN A 62 -0.26 11.67 -4.34
C ASN A 62 0.92 12.63 -4.52
N ARG A 63 1.31 13.31 -3.50
CA ARG A 63 2.44 14.28 -3.67
C ARG A 63 3.68 13.80 -2.91
N ILE A 64 4.55 13.10 -3.59
CA ILE A 64 5.79 12.65 -2.91
C ILE A 64 6.87 13.69 -3.13
N PHE A 65 7.68 13.89 -2.15
CA PHE A 65 8.74 14.94 -2.27
C PHE A 65 10.11 14.30 -2.43
N LYS A 66 11.11 15.10 -2.73
CA LYS A 66 12.48 14.56 -2.91
C LYS A 66 13.36 14.97 -1.73
N GLY A 67 13.74 14.04 -0.91
CA GLY A 67 14.59 14.39 0.27
C GLY A 67 14.51 13.26 1.30
N ALA A 68 14.46 12.03 0.85
CA ALA A 68 14.37 10.88 1.79
C ALA A 68 14.39 9.58 1.00
N ALA A 69 14.01 8.49 1.62
CA ALA A 69 14.01 7.19 0.90
C ALA A 69 15.34 7.00 0.17
N SER A 70 16.43 7.34 0.81
CA SER A 70 17.76 7.18 0.16
C SER A 70 18.60 6.18 0.96
N GLU A 71 17.99 5.44 1.83
CA GLU A 71 18.76 4.46 2.65
C GLU A 71 18.43 3.04 2.20
N GLN A 72 17.68 2.89 1.15
CA GLN A 72 17.34 1.52 0.66
C GLN A 72 16.46 1.62 -0.59
N SER A 73 17.04 2.02 -1.69
CA SER A 73 16.24 2.12 -2.95
C SER A 73 15.04 3.05 -2.73
N GLU A 74 14.15 3.10 -3.68
CA GLU A 74 12.95 3.98 -3.54
C GLU A 74 11.95 3.32 -2.59
N THR A 75 11.77 3.89 -1.42
CA THR A 75 10.81 3.31 -0.45
C THR A 75 9.46 4.00 -0.59
N VAL A 76 9.18 4.52 -1.74
CA VAL A 76 7.87 5.21 -1.96
C VAL A 76 7.29 4.81 -3.32
N GLN A 77 6.01 5.04 -3.49
CA GLN A 77 5.34 4.71 -4.78
C GLN A 77 4.17 5.67 -4.99
N PRO A 78 4.00 6.11 -6.22
CA PRO A 78 2.92 7.05 -6.56
C PRO A 78 1.58 6.32 -6.74
N GLY A 79 0.53 6.82 -6.15
CA GLY A 79 -0.81 6.15 -6.31
C GLY A 79 -0.84 4.80 -5.57
N ASP A 80 0.12 4.51 -4.74
CA ASP A 80 0.10 3.21 -4.01
C ASP A 80 -1.02 3.24 -2.96
N GLU A 81 -1.75 2.16 -2.78
CA GLU A 81 -2.84 2.19 -1.74
C GLU A 81 -2.24 1.91 -0.36
N ILE A 82 -1.39 2.77 0.15
CA ILE A 82 -0.79 2.53 1.50
C ILE A 82 -1.91 2.33 2.53
N LEU A 83 -1.94 1.23 3.24
CA LEU A 83 -3.04 1.03 4.24
C LEU A 83 -2.66 1.67 5.60
N GLN A 84 -1.44 1.50 6.05
CA GLN A 84 -1.05 2.09 7.36
C GLN A 84 0.37 2.67 7.26
N LEU A 85 0.62 3.73 7.96
CA LEU A 85 1.97 4.37 7.92
C LEU A 85 2.78 3.92 9.13
N GLY A 86 3.86 4.58 9.44
CA GLY A 86 4.63 4.18 10.63
C GLY A 86 3.77 4.37 11.87
N GLY A 87 2.63 5.04 11.74
CA GLY A 87 1.77 5.24 12.96
C GLY A 87 0.35 5.71 12.58
N THR A 88 -0.19 5.28 11.46
CA THR A 88 -1.59 5.69 11.12
C THR A 88 -2.17 4.64 10.19
N ALA A 89 -3.35 4.21 10.45
CA ALA A 89 -3.96 3.20 9.54
C ALA A 89 -5.08 3.86 8.74
N MET A 90 -4.86 4.05 7.47
CA MET A 90 -5.89 4.70 6.61
C MET A 90 -7.22 3.98 6.77
N GLN A 91 -7.25 2.69 6.50
CA GLN A 91 -8.57 1.97 6.59
C GLN A 91 -9.41 2.39 7.81
N GLY A 92 -8.84 2.76 8.92
CA GLY A 92 -9.69 3.21 10.05
C GLY A 92 -9.36 4.68 10.28
N LEU A 93 -9.37 5.45 9.23
CA LEU A 93 -9.00 6.88 9.37
C LEU A 93 -9.53 7.65 8.15
N THR A 94 -9.84 8.89 8.33
CA THR A 94 -10.33 9.71 7.19
C THR A 94 -9.11 10.16 6.39
N ARG A 95 -9.29 10.95 5.37
CA ARG A 95 -8.09 11.39 4.58
C ARG A 95 -7.27 12.36 5.41
N PHE A 96 -7.85 13.44 5.87
CA PHE A 96 -7.07 14.41 6.68
C PHE A 96 -6.63 13.75 7.99
N GLU A 97 -7.56 13.21 8.73
CA GLU A 97 -7.19 12.56 10.01
C GLU A 97 -6.07 11.56 9.77
N ALA A 98 -6.12 10.84 8.68
CA ALA A 98 -5.04 9.85 8.40
C ALA A 98 -3.69 10.56 8.26
N TRP A 99 -3.56 11.39 7.28
CA TRP A 99 -2.25 12.10 7.09
C TRP A 99 -1.88 12.93 8.34
N ASN A 100 -2.78 13.07 9.28
CA ASN A 100 -2.45 13.87 10.51
C ASN A 100 -1.67 13.01 11.53
N ILE A 101 -2.09 11.79 11.81
CA ILE A 101 -1.34 10.98 12.81
C ILE A 101 0.12 10.85 12.38
N ILE A 102 0.36 10.66 11.11
CA ILE A 102 1.76 10.54 10.64
C ILE A 102 2.51 11.81 11.04
N LYS A 103 2.09 12.90 10.48
CA LYS A 103 2.75 14.21 10.80
C LYS A 103 3.05 14.29 12.30
N ALA A 104 2.17 13.77 13.10
CA ALA A 104 2.36 13.83 14.59
C ALA A 104 3.29 12.71 15.07
N LEU A 105 3.73 11.86 14.20
CA LEU A 105 4.63 10.75 14.64
C LEU A 105 5.98 11.32 15.10
N PRO A 106 6.85 10.47 15.59
CA PRO A 106 8.19 10.86 16.06
C PRO A 106 9.16 10.97 14.88
N ASP A 107 10.38 11.36 15.14
CA ASP A 107 11.38 11.49 14.04
C ASP A 107 12.23 10.23 13.94
N GLY A 108 11.83 9.30 13.13
CA GLY A 108 12.63 8.03 12.98
C GLY A 108 12.15 7.28 11.73
N PRO A 109 12.28 5.97 11.79
CA PRO A 109 11.89 5.08 10.69
C PRO A 109 10.37 4.90 10.67
N VAL A 110 9.71 5.53 9.74
CA VAL A 110 8.24 5.38 9.65
C VAL A 110 7.96 4.17 8.78
N THR A 111 7.21 3.24 9.28
CA THR A 111 6.94 2.01 8.47
C THR A 111 5.72 2.21 7.57
N ILE A 112 5.89 1.94 6.31
CA ILE A 112 4.77 2.08 5.35
C ILE A 112 4.35 0.70 4.88
N VAL A 113 3.12 0.54 4.51
CA VAL A 113 2.67 -0.79 4.02
C VAL A 113 1.77 -0.55 2.82
N ILE A 114 2.24 -0.85 1.65
CA ILE A 114 1.40 -0.60 0.45
C ILE A 114 1.16 -1.90 -0.31
N ARG A 115 -0.02 -2.04 -0.84
CA ARG A 115 -0.35 -3.26 -1.62
C ARG A 115 -0.80 -2.79 -3.00
N ARG A 116 0.04 -2.92 -3.98
CA ARG A 116 -0.34 -2.46 -5.34
C ARG A 116 -1.03 -3.62 -6.06
N LYS A 117 -2.27 -3.46 -6.43
CA LYS A 117 -2.99 -4.56 -7.13
C LYS A 117 -3.45 -4.06 -8.49
N SER A 118 -3.82 -4.96 -9.38
CA SER A 118 -4.28 -4.52 -10.74
C SER A 118 -3.07 -4.24 -11.62
N LEU A 119 -3.29 -3.94 -12.87
CA LEU A 119 -2.15 -3.65 -13.79
C LEU A 119 -1.28 -2.53 -13.20
N GLN A 120 -0.28 -2.11 -13.92
CA GLN A 120 0.61 -1.01 -13.43
C GLN A 120 1.53 -1.56 -12.34
N SER A 121 2.15 -2.69 -12.57
CA SER A 121 3.06 -3.28 -11.55
C SER A 121 4.24 -3.97 -12.24
N LYS A 122 5.44 -3.53 -11.97
CA LYS A 122 6.63 -4.16 -12.61
C LYS A 122 7.71 -4.40 -11.57
N GLU A 123 7.60 -5.47 -10.83
CA GLU A 123 8.63 -5.77 -9.78
C GLU A 123 8.47 -7.23 -9.33
N THR A 124 8.18 -8.11 -10.24
CA THR A 124 8.02 -9.54 -9.86
C THR A 124 9.40 -10.19 -9.75
N THR A 125 10.29 -9.61 -8.99
CA THR A 125 11.64 -10.21 -8.85
C THR A 125 12.17 -10.62 -10.22
N ALA A 126 12.81 -9.72 -10.93
CA ALA A 126 13.34 -10.06 -12.27
C ALA A 126 14.87 -10.00 -12.25
N ALA A 127 15.45 -9.99 -11.08
CA ALA A 127 16.94 -9.93 -10.99
C ALA A 127 17.49 -11.33 -10.76
N GLY A 128 17.07 -12.29 -11.56
CA GLY A 128 17.57 -13.68 -11.39
C GLY A 128 16.40 -14.64 -11.42
N ASP A 129 15.85 -14.91 -12.58
CA ASP A 129 14.70 -15.84 -12.67
C ASP A 129 15.17 -17.17 -13.30
N SER A 130 14.77 -18.27 -12.74
CA SER A 130 15.19 -19.59 -13.29
C SER A 130 14.41 -19.87 -14.57
N MET A 1 1.81 -63.34 33.98
CA MET A 1 2.56 -63.48 32.69
C MET A 1 2.85 -62.09 32.12
N PRO A 2 4.02 -61.95 31.52
CA PRO A 2 4.46 -60.69 30.92
C PRO A 2 3.80 -60.48 29.55
N ASP A 3 2.50 -60.45 29.49
CA ASP A 3 1.81 -60.25 28.18
C ASP A 3 2.13 -58.85 27.65
N LEU A 4 1.57 -57.84 28.26
CA LEU A 4 1.83 -56.45 27.80
C LEU A 4 1.32 -56.28 26.36
N ASN A 5 0.13 -56.75 26.08
CA ASN A 5 -0.41 -56.59 24.71
C ASN A 5 -0.92 -55.16 24.53
N SER A 6 -1.41 -54.55 25.57
CA SER A 6 -1.91 -53.16 25.46
C SER A 6 -2.88 -53.05 24.28
N SER A 7 -4.13 -53.41 24.49
CA SER A 7 -5.12 -53.33 23.38
C SER A 7 -5.52 -51.86 23.19
N THR A 8 -6.58 -51.61 22.47
CA THR A 8 -7.01 -50.21 22.25
C THR A 8 -5.91 -49.44 21.52
N ASP A 9 -6.26 -48.60 20.58
CA ASP A 9 -5.24 -47.82 19.84
C ASP A 9 -5.47 -46.33 20.05
N SER A 10 -4.42 -45.58 20.26
CA SER A 10 -4.58 -44.11 20.47
C SER A 10 -4.44 -43.40 19.12
N ALA A 11 -5.36 -42.53 18.79
CA ALA A 11 -5.27 -41.80 17.50
C ALA A 11 -4.76 -40.38 17.75
N ALA A 12 -3.94 -39.87 16.87
CA ALA A 12 -3.41 -38.49 17.05
C ALA A 12 -3.50 -37.72 15.73
N SER A 13 -4.60 -37.07 15.50
CA SER A 13 -4.76 -36.30 14.24
C SER A 13 -5.24 -34.88 14.54
N ALA A 14 -4.73 -33.90 13.85
CA ALA A 14 -5.16 -32.50 14.10
C ALA A 14 -5.35 -31.77 12.77
N SER A 15 -6.52 -31.87 12.19
CA SER A 15 -6.77 -31.18 10.90
C SER A 15 -7.15 -29.72 11.15
N ALA A 16 -6.28 -28.96 11.74
CA ALA A 16 -6.60 -27.54 12.03
C ALA A 16 -6.26 -26.68 10.79
N ALA A 17 -6.46 -25.39 10.89
CA ALA A 17 -6.15 -24.51 9.73
C ALA A 17 -4.76 -24.86 9.18
N SER A 18 -4.70 -25.50 8.06
CA SER A 18 -3.39 -25.86 7.47
C SER A 18 -3.27 -25.24 6.07
N ASP A 19 -3.97 -25.78 5.11
CA ASP A 19 -3.90 -25.23 3.73
C ASP A 19 -4.53 -23.83 3.71
N VAL A 20 -3.84 -22.85 4.22
CA VAL A 20 -4.41 -21.47 4.24
C VAL A 20 -4.01 -20.73 2.95
N SER A 21 -4.91 -19.99 2.38
CA SER A 21 -4.59 -19.25 1.13
C SER A 21 -4.07 -20.22 0.08
N VAL A 22 -4.95 -20.90 -0.60
CA VAL A 22 -4.51 -21.87 -1.64
C VAL A 22 -3.59 -21.15 -2.64
N GLU A 23 -2.30 -21.29 -2.48
CA GLU A 23 -1.36 -20.62 -3.41
C GLU A 23 -1.51 -19.10 -3.29
N SER A 24 -0.48 -18.37 -3.63
CA SER A 24 -0.54 -16.89 -3.55
C SER A 24 0.55 -16.28 -4.42
N THR A 25 0.59 -16.62 -5.67
CA THR A 25 1.64 -16.07 -6.58
C THR A 25 1.04 -14.99 -7.48
N ALA A 26 1.82 -14.02 -7.85
CA ALA A 26 1.30 -12.93 -8.73
C ALA A 26 -0.05 -12.45 -8.20
N GLU A 27 -0.70 -11.59 -8.93
CA GLU A 27 -2.02 -11.07 -8.47
C GLU A 27 -1.84 -10.22 -7.22
N ALA A 28 -1.77 -8.93 -7.39
CA ALA A 28 -1.60 -8.01 -6.22
C ALA A 28 -0.13 -7.99 -5.80
N THR A 29 0.35 -6.85 -5.34
CA THR A 29 1.77 -6.76 -4.92
C THR A 29 1.88 -5.94 -3.63
N VAL A 30 2.87 -6.20 -2.83
CA VAL A 30 3.04 -5.45 -1.57
C VAL A 30 4.50 -5.05 -1.40
N CYS A 31 4.74 -3.94 -0.75
CA CYS A 31 6.14 -3.50 -0.52
C CYS A 31 6.22 -2.79 0.83
N THR A 32 6.46 -3.51 1.89
CA THR A 32 6.54 -2.88 3.23
C THR A 32 7.86 -2.09 3.33
N VAL A 33 7.81 -0.84 3.74
CA VAL A 33 9.06 -0.04 3.81
C VAL A 33 9.00 0.96 4.97
N THR A 34 10.16 1.40 5.44
CA THR A 34 10.19 2.40 6.54
C THR A 34 10.87 3.68 6.07
N LEU A 35 10.19 4.78 6.15
CA LEU A 35 10.83 6.06 5.77
C LEU A 35 11.41 6.68 7.05
N GLU A 36 11.99 7.83 6.98
CA GLU A 36 12.53 8.43 8.23
C GLU A 36 11.75 9.71 8.54
N LYS A 37 11.14 9.79 9.70
CA LYS A 37 10.36 11.02 10.03
C LYS A 37 11.29 12.06 10.65
N MET A 38 12.09 12.70 9.84
CA MET A 38 13.03 13.74 10.37
C MET A 38 13.29 14.79 9.30
N SER A 39 12.31 15.07 8.46
CA SER A 39 12.54 16.09 7.39
C SER A 39 11.21 16.77 7.04
N ALA A 40 10.38 16.12 6.26
CA ALA A 40 9.08 16.74 5.88
C ALA A 40 7.93 15.74 6.06
N GLY A 41 8.07 14.83 6.99
CA GLY A 41 6.98 13.83 7.22
C GLY A 41 6.87 12.88 6.02
N LEU A 42 7.82 12.00 5.87
CA LEU A 42 7.79 11.02 4.74
C LEU A 42 7.89 11.74 3.39
N GLY A 43 7.94 13.04 3.36
CA GLY A 43 8.02 13.75 2.06
C GLY A 43 6.88 13.27 1.15
N PHE A 44 5.89 12.62 1.69
CA PHE A 44 4.78 12.16 0.83
C PHE A 44 3.45 12.46 1.51
N SER A 45 2.46 12.72 0.72
CA SER A 45 1.09 13.04 1.26
C SER A 45 0.10 11.96 0.82
N LEU A 46 -0.84 11.62 1.66
CA LEU A 46 -1.81 10.53 1.31
C LEU A 46 -3.14 11.10 0.78
N GLU A 47 -3.69 10.50 -0.24
CA GLU A 47 -5.01 10.97 -0.79
C GLU A 47 -5.84 9.77 -1.21
N GLY A 48 -7.13 9.92 -1.24
CA GLY A 48 -8.01 8.77 -1.63
C GLY A 48 -9.47 9.18 -1.43
N GLY A 49 -10.09 8.75 -0.38
CA GLY A 49 -11.51 9.16 -0.16
C GLY A 49 -12.15 8.35 0.97
N LYS A 50 -12.33 8.94 2.13
CA LYS A 50 -12.97 8.19 3.24
C LYS A 50 -14.23 7.51 2.71
N GLY A 51 -14.85 6.67 3.51
CA GLY A 51 -16.10 5.99 3.04
C GLY A 51 -15.84 4.48 2.93
N SER A 52 -16.67 3.66 3.52
CA SER A 52 -16.46 2.19 3.43
C SER A 52 -17.74 1.50 2.94
N LEU A 53 -17.75 0.19 2.96
CA LEU A 53 -18.96 -0.55 2.49
C LEU A 53 -18.98 -0.65 0.97
N HIS A 54 -18.62 0.39 0.27
CA HIS A 54 -18.65 0.33 -1.21
C HIS A 54 -17.37 0.91 -1.82
N GLY A 55 -16.26 0.80 -1.15
CA GLY A 55 -15.00 1.37 -1.73
C GLY A 55 -13.94 1.51 -0.64
N ASP A 56 -14.33 1.65 0.59
CA ASP A 56 -13.33 1.82 1.68
C ASP A 56 -12.46 3.03 1.37
N LYS A 57 -11.56 3.36 2.24
CA LYS A 57 -10.68 4.55 2.00
C LYS A 57 -9.24 4.09 1.79
N PRO A 58 -8.91 3.72 0.57
CA PRO A 58 -7.56 3.26 0.23
C PRO A 58 -6.65 4.47 0.03
N LEU A 59 -6.53 5.29 1.04
CA LEU A 59 -5.68 6.50 0.93
C LEU A 59 -4.40 6.13 0.18
N THR A 60 -4.05 6.87 -0.83
CA THR A 60 -2.83 6.54 -1.61
C THR A 60 -1.88 7.76 -1.64
N ILE A 61 -0.59 7.60 -1.85
CA ILE A 61 0.31 8.79 -1.90
C ILE A 61 0.08 9.54 -3.20
N ASN A 62 -0.29 10.78 -3.09
CA ASN A 62 -0.56 11.62 -4.31
C ASN A 62 0.63 12.53 -4.63
N ARG A 63 1.14 13.22 -3.66
CA ARG A 63 2.28 14.15 -3.95
C ARG A 63 3.51 13.74 -3.16
N ILE A 64 4.47 13.16 -3.81
CA ILE A 64 5.69 12.74 -3.10
C ILE A 64 6.81 13.77 -3.32
N PHE A 65 7.59 13.96 -2.32
CA PHE A 65 8.71 14.95 -2.42
C PHE A 65 10.05 14.22 -2.38
N LYS A 66 10.07 13.05 -1.79
CA LYS A 66 11.35 12.29 -1.71
C LYS A 66 12.47 13.20 -1.21
N GLY A 67 12.49 13.48 0.06
CA GLY A 67 13.56 14.36 0.61
C GLY A 67 14.18 13.70 1.84
N ALA A 68 13.78 12.48 2.14
CA ALA A 68 14.34 11.79 3.33
C ALA A 68 13.87 10.33 3.32
N ALA A 69 14.74 9.41 3.62
CA ALA A 69 14.33 7.97 3.62
C ALA A 69 15.50 7.11 4.10
N SER A 70 15.22 6.06 4.82
CA SER A 70 16.32 5.17 5.31
C SER A 70 16.38 3.91 4.44
N GLU A 71 15.68 3.89 3.34
CA GLU A 71 15.70 2.69 2.46
C GLU A 71 16.59 2.97 1.24
N GLN A 72 16.64 2.06 0.30
CA GLN A 72 17.50 2.29 -0.90
C GLN A 72 16.91 3.42 -1.75
N SER A 73 16.76 4.58 -1.18
CA SER A 73 16.19 5.73 -1.95
C SER A 73 15.00 5.24 -2.78
N GLU A 74 14.34 4.21 -2.34
CA GLU A 74 13.17 3.69 -3.10
C GLU A 74 12.11 3.18 -2.13
N THR A 75 11.65 4.02 -1.24
CA THR A 75 10.62 3.60 -0.25
C THR A 75 9.36 4.46 -0.42
N VAL A 76 8.98 4.74 -1.64
CA VAL A 76 7.77 5.58 -1.86
C VAL A 76 7.22 5.28 -3.25
N GLN A 77 5.93 5.39 -3.43
CA GLN A 77 5.34 5.11 -4.77
C GLN A 77 4.14 6.05 -5.00
N PRO A 78 3.92 6.38 -6.25
CA PRO A 78 2.82 7.28 -6.65
C PRO A 78 1.48 6.54 -6.70
N GLY A 79 0.52 6.98 -5.94
CA GLY A 79 -0.83 6.30 -5.96
C GLY A 79 -0.78 4.97 -5.19
N ASP A 80 0.29 4.67 -4.51
CA ASP A 80 0.35 3.39 -3.75
C ASP A 80 -0.84 3.30 -2.79
N GLU A 81 -1.48 2.15 -2.64
CA GLU A 81 -2.64 2.09 -1.68
C GLU A 81 -2.10 1.82 -0.26
N ILE A 82 -1.28 2.71 0.24
CA ILE A 82 -0.72 2.53 1.63
C ILE A 82 -1.87 2.50 2.65
N LEU A 83 -1.99 1.45 3.43
CA LEU A 83 -3.10 1.39 4.43
C LEU A 83 -2.68 2.10 5.73
N GLN A 84 -1.54 1.76 6.27
CA GLN A 84 -1.11 2.39 7.55
C GLN A 84 0.30 2.96 7.40
N LEU A 85 0.59 4.01 8.12
CA LEU A 85 1.96 4.60 8.03
C LEU A 85 2.67 4.38 9.36
N GLY A 86 3.90 4.81 9.46
CA GLY A 86 4.65 4.62 10.73
C GLY A 86 4.01 5.48 11.83
N GLY A 87 2.76 5.24 12.13
CA GLY A 87 2.09 6.05 13.21
C GLY A 87 0.60 6.28 12.88
N THR A 88 0.04 5.57 11.95
CA THR A 88 -1.40 5.76 11.66
C THR A 88 -1.90 4.62 10.78
N ALA A 89 -3.16 4.37 10.85
CA ALA A 89 -3.77 3.31 10.00
C ALA A 89 -5.00 3.90 9.31
N MET A 90 -4.87 4.26 8.07
CA MET A 90 -6.00 4.88 7.33
C MET A 90 -7.26 4.02 7.46
N GLN A 91 -7.20 2.78 7.05
CA GLN A 91 -8.44 1.93 7.13
C GLN A 91 -9.29 2.24 8.39
N GLY A 92 -8.73 2.69 9.47
CA GLY A 92 -9.56 3.02 10.65
C GLY A 92 -9.51 4.53 10.83
N LEU A 93 -9.65 5.26 9.74
CA LEU A 93 -9.57 6.74 9.82
C LEU A 93 -10.29 7.33 8.61
N THR A 94 -10.09 8.58 8.37
CA THR A 94 -10.73 9.23 7.19
C THR A 94 -9.58 9.76 6.30
N ARG A 95 -9.84 10.71 5.43
CA ARG A 95 -8.72 11.22 4.57
C ARG A 95 -7.82 12.22 5.31
N PHE A 96 -8.33 13.34 5.76
CA PHE A 96 -7.44 14.33 6.45
C PHE A 96 -6.92 13.75 7.77
N GLU A 97 -7.78 13.40 8.67
CA GLU A 97 -7.31 12.81 9.96
C GLU A 97 -6.24 11.75 9.70
N ALA A 98 -6.27 11.07 8.58
CA ALA A 98 -5.23 10.03 8.32
C ALA A 98 -3.87 10.69 8.15
N TRP A 99 -3.70 11.45 7.11
CA TRP A 99 -2.38 12.11 6.88
C TRP A 99 -2.00 13.00 8.08
N ASN A 100 -2.91 13.28 8.97
CA ASN A 100 -2.57 14.15 10.13
C ASN A 100 -1.87 13.35 11.23
N ILE A 101 -2.37 12.18 11.59
CA ILE A 101 -1.70 11.40 12.66
C ILE A 101 -0.24 11.15 12.30
N ILE A 102 0.02 10.85 11.05
CA ILE A 102 1.42 10.59 10.63
C ILE A 102 2.25 11.84 10.88
N LYS A 103 1.86 12.93 10.28
CA LYS A 103 2.62 14.19 10.47
C LYS A 103 3.02 14.35 11.93
N ALA A 104 2.21 13.88 12.82
CA ALA A 104 2.52 14.01 14.28
C ALA A 104 3.28 12.77 14.80
N LEU A 105 3.63 11.87 13.93
CA LEU A 105 4.37 10.65 14.38
C LEU A 105 5.70 11.05 15.03
N PRO A 106 6.44 10.07 15.49
CA PRO A 106 7.74 10.30 16.16
C PRO A 106 8.84 10.51 15.11
N ASP A 107 10.03 10.83 15.57
CA ASP A 107 11.16 11.06 14.61
C ASP A 107 11.99 9.78 14.49
N GLY A 108 11.65 8.93 13.54
CA GLY A 108 12.42 7.66 13.37
C GLY A 108 12.00 6.97 12.07
N PRO A 109 11.96 5.66 12.10
CA PRO A 109 11.56 4.84 10.95
C PRO A 109 10.05 4.85 10.77
N VAL A 110 9.57 5.55 9.78
CA VAL A 110 8.11 5.56 9.54
C VAL A 110 7.83 4.36 8.67
N THR A 111 7.13 3.42 9.20
CA THR A 111 6.86 2.17 8.44
C THR A 111 5.62 2.33 7.56
N ILE A 112 5.78 2.09 6.29
CA ILE A 112 4.65 2.22 5.36
C ILE A 112 4.31 0.83 4.81
N VAL A 113 3.10 0.65 4.37
CA VAL A 113 2.71 -0.68 3.81
C VAL A 113 1.94 -0.43 2.53
N ILE A 114 2.61 -0.50 1.42
CA ILE A 114 1.92 -0.26 0.13
C ILE A 114 1.58 -1.59 -0.53
N ARG A 115 0.38 -1.71 -1.02
CA ARG A 115 -0.02 -2.98 -1.69
C ARG A 115 -0.79 -2.60 -2.95
N ARG A 116 -0.17 -2.70 -4.09
CA ARG A 116 -0.87 -2.33 -5.35
C ARG A 116 -1.58 -3.57 -5.89
N LYS A 117 -2.78 -3.42 -6.36
CA LYS A 117 -3.52 -4.60 -6.91
C LYS A 117 -4.56 -4.14 -7.92
N SER A 118 -5.20 -5.07 -8.59
CA SER A 118 -6.24 -4.69 -9.59
C SER A 118 -5.54 -4.08 -10.82
N LEU A 119 -5.48 -4.80 -11.90
CA LEU A 119 -4.81 -4.26 -13.11
C LEU A 119 -5.53 -3.00 -13.56
N GLN A 120 -5.09 -1.86 -13.10
CA GLN A 120 -5.76 -0.59 -13.51
C GLN A 120 -4.74 0.30 -14.24
N SER A 121 -3.47 0.00 -14.09
CA SER A 121 -2.43 0.81 -14.77
C SER A 121 -1.41 -0.13 -15.42
N LYS A 122 -1.39 -0.18 -16.73
CA LYS A 122 -0.42 -1.07 -17.42
C LYS A 122 0.88 -0.33 -17.68
N GLU A 123 0.84 0.97 -17.66
CA GLU A 123 2.09 1.75 -17.92
C GLU A 123 2.52 1.59 -19.38
N THR A 124 2.19 2.52 -20.22
CA THR A 124 2.58 2.43 -21.65
C THR A 124 2.37 3.77 -22.33
N THR A 125 3.10 4.05 -23.38
CA THR A 125 2.94 5.36 -24.08
C THR A 125 2.92 6.49 -23.06
N ALA A 126 2.46 7.65 -23.44
CA ALA A 126 2.42 8.78 -22.47
C ALA A 126 1.25 9.70 -22.81
N ALA A 127 0.04 9.24 -22.62
CA ALA A 127 -1.14 10.09 -22.93
C ALA A 127 -1.15 10.42 -24.43
N GLY A 128 -0.34 11.34 -24.85
CA GLY A 128 -0.31 11.70 -26.29
C GLY A 128 -0.10 13.21 -26.44
N ASP A 129 0.71 13.80 -25.61
CA ASP A 129 0.96 15.27 -25.72
C ASP A 129 2.46 15.54 -25.68
N SER A 130 3.23 14.71 -26.31
CA SER A 130 4.71 14.92 -26.32
C SER A 130 5.13 15.50 -27.67
N MET A 1 -15.36 -13.54 -48.98
CA MET A 1 -15.20 -13.35 -47.51
C MET A 1 -13.83 -13.87 -47.07
N PRO A 2 -12.84 -13.02 -47.17
CA PRO A 2 -11.46 -13.36 -46.80
C PRO A 2 -11.29 -13.35 -45.28
N ASP A 3 -11.29 -12.20 -44.67
CA ASP A 3 -11.13 -12.13 -43.20
C ASP A 3 -11.82 -10.89 -42.65
N LEU A 4 -11.82 -10.70 -41.37
CA LEU A 4 -12.49 -9.50 -40.78
C LEU A 4 -11.44 -8.49 -40.34
N ASN A 5 -10.87 -8.67 -39.19
CA ASN A 5 -9.84 -7.70 -38.71
C ASN A 5 -8.86 -8.44 -37.77
N SER A 6 -7.68 -7.92 -37.62
CA SER A 6 -6.68 -8.59 -36.73
C SER A 6 -5.83 -7.52 -36.03
N SER A 7 -6.31 -6.31 -35.97
CA SER A 7 -5.53 -5.23 -35.31
C SER A 7 -6.16 -4.91 -33.95
N THR A 8 -7.18 -5.65 -33.57
CA THR A 8 -7.84 -5.39 -32.26
C THR A 8 -6.94 -5.90 -31.13
N ASP A 9 -6.35 -7.04 -31.30
CA ASP A 9 -5.45 -7.59 -30.24
C ASP A 9 -6.30 -7.98 -29.03
N SER A 10 -6.28 -9.23 -28.65
CA SER A 10 -7.09 -9.65 -27.47
C SER A 10 -8.57 -9.55 -27.80
N ALA A 11 -9.05 -8.36 -28.03
CA ALA A 11 -10.50 -8.19 -28.36
C ALA A 11 -11.33 -8.33 -27.08
N ALA A 12 -10.90 -7.73 -26.01
CA ALA A 12 -11.67 -7.85 -24.74
C ALA A 12 -12.97 -7.06 -24.87
N SER A 13 -12.92 -5.87 -25.39
CA SER A 13 -14.17 -5.07 -25.55
C SER A 13 -14.75 -4.75 -24.17
N ALA A 14 -15.33 -5.73 -23.53
CA ALA A 14 -15.92 -5.50 -22.18
C ALA A 14 -17.07 -4.49 -22.32
N SER A 15 -18.03 -4.77 -23.14
CA SER A 15 -19.16 -3.82 -23.31
C SER A 15 -18.62 -2.44 -23.69
N ALA A 16 -17.43 -2.39 -24.23
CA ALA A 16 -16.85 -1.08 -24.61
C ALA A 16 -16.59 -0.24 -23.35
N ALA A 17 -17.61 0.35 -22.79
CA ALA A 17 -17.40 1.17 -21.56
C ALA A 17 -17.56 0.27 -20.33
N SER A 18 -16.50 -0.36 -19.91
CA SER A 18 -16.58 -1.24 -18.71
C SER A 18 -17.02 -0.42 -17.50
N ASP A 19 -16.08 0.06 -16.73
CA ASP A 19 -16.42 0.88 -15.53
C ASP A 19 -15.40 2.02 -15.38
N VAL A 20 -15.70 2.97 -14.55
CA VAL A 20 -14.75 4.11 -14.35
C VAL A 20 -13.60 3.64 -13.45
N SER A 21 -12.40 4.06 -13.75
CA SER A 21 -11.24 3.64 -12.92
C SER A 21 -10.95 2.16 -13.14
N VAL A 22 -9.70 1.80 -13.24
CA VAL A 22 -9.35 0.37 -13.45
C VAL A 22 -8.39 -0.10 -12.35
N GLU A 23 -8.86 -0.93 -11.46
CA GLU A 23 -7.98 -1.41 -10.36
C GLU A 23 -8.26 -2.89 -10.07
N SER A 24 -7.59 -3.47 -9.12
CA SER A 24 -7.82 -4.90 -8.80
C SER A 24 -7.64 -5.74 -10.05
N THR A 25 -6.44 -6.17 -10.33
CA THR A 25 -6.20 -6.99 -11.54
C THR A 25 -6.24 -8.47 -11.17
N ALA A 26 -5.33 -8.92 -10.36
CA ALA A 26 -5.31 -10.35 -9.95
C ALA A 26 -4.12 -10.59 -9.01
N GLU A 27 -4.39 -10.89 -7.77
CA GLU A 27 -3.28 -11.12 -6.81
C GLU A 27 -2.50 -9.83 -6.63
N ALA A 28 -2.83 -9.08 -5.61
CA ALA A 28 -2.11 -7.80 -5.36
C ALA A 28 -0.75 -8.08 -4.73
N THR A 29 0.02 -7.07 -4.46
CA THR A 29 1.36 -7.30 -3.86
C THR A 29 1.67 -6.18 -2.86
N VAL A 30 2.04 -6.53 -1.66
CA VAL A 30 2.35 -5.48 -0.64
C VAL A 30 3.86 -5.30 -0.55
N CYS A 31 4.28 -4.10 -0.25
CA CYS A 31 5.74 -3.83 -0.13
C CYS A 31 5.96 -2.94 1.10
N THR A 32 6.11 -3.53 2.25
CA THR A 32 6.32 -2.74 3.49
C THR A 32 7.67 -2.03 3.44
N VAL A 33 7.68 -0.73 3.66
CA VAL A 33 8.96 0.03 3.61
C VAL A 33 8.98 1.10 4.71
N THR A 34 10.15 1.58 5.08
CA THR A 34 10.20 2.65 6.13
C THR A 34 10.64 3.97 5.51
N LEU A 35 10.00 5.05 5.86
CA LEU A 35 10.40 6.36 5.28
C LEU A 35 10.73 7.37 6.37
N GLU A 36 11.81 7.15 7.07
CA GLU A 36 12.25 8.06 8.18
C GLU A 36 11.39 9.32 8.26
N LYS A 37 10.73 9.53 9.37
CA LYS A 37 9.86 10.73 9.48
C LYS A 37 10.72 11.97 9.73
N MET A 38 11.07 12.67 8.69
CA MET A 38 11.91 13.89 8.84
C MET A 38 11.49 14.92 7.79
N SER A 39 12.37 15.81 7.42
CA SER A 39 12.03 16.82 6.40
C SER A 39 10.69 17.50 6.76
N ALA A 40 9.63 17.23 6.03
CA ALA A 40 8.33 17.89 6.36
C ALA A 40 7.22 16.84 6.43
N GLY A 41 7.48 15.64 6.01
CA GLY A 41 6.41 14.58 6.06
C GLY A 41 6.81 13.40 5.19
N LEU A 42 7.77 12.62 5.65
CA LEU A 42 8.22 11.42 4.85
C LEU A 42 8.27 11.77 3.37
N GLY A 43 8.45 13.02 3.05
CA GLY A 43 8.51 13.41 1.62
C GLY A 43 7.27 12.89 0.89
N PHE A 44 6.25 12.49 1.61
CA PHE A 44 5.05 11.99 0.90
C PHE A 44 3.80 12.27 1.74
N SER A 45 2.73 12.58 1.06
CA SER A 45 1.44 12.87 1.74
C SER A 45 0.38 11.91 1.20
N LEU A 46 -0.54 11.48 2.01
CA LEU A 46 -1.57 10.49 1.54
C LEU A 46 -2.83 11.21 1.03
N GLU A 47 -3.44 10.68 0.01
CA GLU A 47 -4.69 11.32 -0.51
C GLU A 47 -5.78 10.26 -0.66
N GLY A 48 -7.01 10.67 -0.62
CA GLY A 48 -8.15 9.70 -0.76
C GLY A 48 -9.33 10.25 0.04
N GLY A 49 -9.78 9.54 1.04
CA GLY A 49 -10.92 10.09 1.85
C GLY A 49 -12.13 9.15 1.76
N LYS A 50 -12.76 8.84 2.87
CA LYS A 50 -13.95 7.96 2.83
C LYS A 50 -15.01 8.55 1.90
N GLY A 51 -15.78 7.72 1.25
CA GLY A 51 -16.83 8.24 0.33
C GLY A 51 -18.20 7.73 0.78
N SER A 52 -18.56 6.55 0.35
CA SER A 52 -19.88 5.98 0.75
C SER A 52 -19.79 4.45 0.76
N LEU A 53 -20.85 3.79 0.39
CA LEU A 53 -20.81 2.29 0.38
C LEU A 53 -20.75 1.80 -1.06
N HIS A 54 -20.13 2.54 -1.94
CA HIS A 54 -20.05 2.09 -3.36
C HIS A 54 -18.59 1.99 -3.79
N GLY A 55 -17.67 2.33 -2.93
CA GLY A 55 -16.23 2.24 -3.32
C GLY A 55 -15.36 2.04 -2.06
N ASP A 56 -14.74 3.09 -1.55
CA ASP A 56 -13.89 2.93 -0.33
C ASP A 56 -12.92 4.11 -0.23
N LYS A 57 -12.09 4.12 0.78
CA LYS A 57 -11.10 5.23 0.94
C LYS A 57 -9.68 4.68 0.91
N PRO A 58 -9.15 4.51 -0.29
CA PRO A 58 -7.78 4.00 -0.47
C PRO A 58 -6.77 5.13 -0.31
N LEU A 59 -6.57 5.62 0.88
CA LEU A 59 -5.58 6.73 1.06
C LEU A 59 -4.33 6.40 0.23
N THR A 60 -4.06 7.15 -0.80
CA THR A 60 -2.88 6.82 -1.65
C THR A 60 -1.85 7.97 -1.63
N ILE A 61 -0.58 7.70 -1.87
CA ILE A 61 0.41 8.82 -1.87
C ILE A 61 0.27 9.60 -3.16
N ASN A 62 -0.13 10.81 -3.05
CA ASN A 62 -0.28 11.67 -4.27
C ASN A 62 0.82 12.73 -4.35
N ARG A 63 1.09 13.41 -3.28
CA ARG A 63 2.14 14.47 -3.34
C ARG A 63 3.45 13.97 -2.75
N ILE A 64 4.29 13.40 -3.57
CA ILE A 64 5.60 12.92 -3.05
C ILE A 64 6.66 13.98 -3.26
N PHE A 65 7.54 14.10 -2.34
CA PHE A 65 8.61 15.14 -2.44
C PHE A 65 9.94 14.48 -2.83
N LYS A 66 10.18 13.29 -2.35
CA LYS A 66 11.47 12.62 -2.69
C LYS A 66 11.19 11.23 -3.27
N GLY A 67 11.78 10.90 -4.37
CA GLY A 67 11.55 9.56 -4.97
C GLY A 67 12.68 8.62 -4.57
N ALA A 68 13.12 8.71 -3.34
CA ALA A 68 14.23 7.82 -2.89
C ALA A 68 14.43 7.99 -1.39
N ALA A 69 14.26 6.94 -0.62
CA ALA A 69 14.45 7.05 0.85
C ALA A 69 15.93 7.33 1.15
N SER A 70 16.24 8.47 1.72
CA SER A 70 17.66 8.79 2.03
C SER A 70 18.55 8.40 0.85
N GLU A 71 19.22 7.28 0.93
CA GLU A 71 20.10 6.85 -0.19
C GLU A 71 19.91 5.36 -0.45
N GLN A 72 18.82 4.80 0.02
CA GLN A 72 18.58 3.34 -0.19
C GLN A 72 17.51 3.16 -1.28
N SER A 73 17.13 1.94 -1.55
CA SER A 73 16.09 1.69 -2.59
C SER A 73 14.95 2.70 -2.43
N GLU A 74 14.26 3.00 -3.50
CA GLU A 74 13.13 3.97 -3.41
C GLU A 74 12.01 3.36 -2.56
N THR A 75 11.72 3.94 -1.44
CA THR A 75 10.65 3.39 -0.57
C THR A 75 9.36 4.20 -0.72
N VAL A 76 9.16 4.78 -1.86
CA VAL A 76 7.92 5.57 -2.10
C VAL A 76 7.24 5.07 -3.37
N GLN A 77 5.97 5.30 -3.51
CA GLN A 77 5.24 4.84 -4.74
C GLN A 77 4.19 5.89 -5.13
N PRO A 78 4.01 6.06 -6.42
CA PRO A 78 3.05 7.04 -6.95
C PRO A 78 1.62 6.48 -6.95
N GLY A 79 0.77 7.02 -6.13
CA GLY A 79 -0.66 6.54 -6.10
C GLY A 79 -0.76 5.13 -5.53
N ASP A 80 0.19 4.71 -4.72
CA ASP A 80 0.08 3.32 -4.14
C ASP A 80 -1.00 3.33 -3.06
N GLU A 81 -1.62 2.21 -2.79
CA GLU A 81 -2.68 2.20 -1.72
C GLU A 81 -1.99 1.93 -0.35
N ILE A 82 -1.58 2.94 0.38
CA ILE A 82 -0.90 2.71 1.69
C ILE A 82 -1.96 2.38 2.76
N LEU A 83 -1.92 1.22 3.37
CA LEU A 83 -2.94 0.92 4.42
C LEU A 83 -2.49 1.51 5.78
N GLN A 84 -1.24 1.37 6.14
CA GLN A 84 -0.77 1.93 7.44
C GLN A 84 0.41 2.86 7.17
N LEU A 85 0.71 3.75 8.09
CA LEU A 85 1.86 4.68 7.84
C LEU A 85 2.73 4.80 9.09
N GLY A 86 3.61 3.86 9.29
CA GLY A 86 4.54 3.88 10.47
C GLY A 86 3.97 4.72 11.61
N GLY A 87 2.71 4.57 11.93
CA GLY A 87 2.14 5.39 13.05
C GLY A 87 0.68 5.80 12.75
N THR A 88 0.04 5.15 11.82
CA THR A 88 -1.36 5.49 11.50
C THR A 88 -1.92 4.38 10.61
N ALA A 89 -3.19 4.19 10.63
CA ALA A 89 -3.79 3.14 9.77
C ALA A 89 -4.82 3.77 8.84
N MET A 90 -4.54 3.83 7.57
CA MET A 90 -5.48 4.44 6.60
C MET A 90 -6.86 3.78 6.74
N GLN A 91 -6.89 2.54 7.17
CA GLN A 91 -8.22 1.86 7.33
C GLN A 91 -8.94 2.49 8.53
N GLY A 92 -10.26 2.42 8.63
CA GLY A 92 -10.95 3.04 9.80
C GLY A 92 -10.33 4.41 10.06
N LEU A 93 -10.00 5.13 9.02
CA LEU A 93 -9.39 6.47 9.20
C LEU A 93 -9.64 7.30 7.93
N THR A 94 -9.98 8.54 8.09
CA THR A 94 -10.25 9.39 6.89
C THR A 94 -8.93 9.62 6.14
N ARG A 95 -8.92 10.47 5.16
CA ARG A 95 -7.65 10.70 4.42
C ARG A 95 -6.78 11.66 5.22
N PHE A 96 -7.18 12.89 5.36
CA PHE A 96 -6.35 13.82 6.16
C PHE A 96 -6.17 13.22 7.55
N GLU A 97 -7.22 12.70 8.12
CA GLU A 97 -7.12 12.09 9.49
C GLU A 97 -5.87 11.21 9.56
N ALA A 98 -5.74 10.24 8.70
CA ALA A 98 -4.54 9.36 8.74
C ALA A 98 -3.26 10.18 8.59
N TRP A 99 -3.12 10.83 7.48
CA TRP A 99 -1.89 11.65 7.22
C TRP A 99 -1.60 12.56 8.43
N ASN A 100 -2.60 12.93 9.20
CA ASN A 100 -2.33 13.81 10.37
C ASN A 100 -1.70 13.02 11.53
N ILE A 101 -2.28 11.91 11.91
CA ILE A 101 -1.68 11.11 13.03
C ILE A 101 -0.19 10.91 12.77
N ILE A 102 0.17 10.66 11.55
CA ILE A 102 1.60 10.45 11.24
C ILE A 102 2.37 11.73 11.60
N LYS A 103 2.11 12.78 10.88
CA LYS A 103 2.81 14.07 11.16
C LYS A 103 2.88 14.32 12.66
N ALA A 104 1.91 13.82 13.38
CA ALA A 104 1.90 14.02 14.87
C ALA A 104 2.95 13.16 15.54
N LEU A 105 3.10 11.94 15.11
CA LEU A 105 4.10 11.04 15.74
C LEU A 105 5.47 11.72 15.74
N PRO A 106 6.45 11.05 16.31
CA PRO A 106 7.83 11.56 16.40
C PRO A 106 8.58 11.34 15.08
N ASP A 107 9.81 11.75 15.02
CA ASP A 107 10.60 11.58 13.76
C ASP A 107 11.46 10.32 13.86
N GLY A 108 10.95 9.20 13.42
CA GLY A 108 11.74 7.95 13.48
C GLY A 108 11.48 7.11 12.22
N PRO A 109 11.58 5.81 12.37
CA PRO A 109 11.36 4.87 11.26
C PRO A 109 9.87 4.71 10.98
N VAL A 110 9.38 5.41 9.99
CA VAL A 110 7.93 5.30 9.66
C VAL A 110 7.78 4.14 8.70
N THR A 111 7.19 3.09 9.14
CA THR A 111 7.04 1.91 8.25
C THR A 111 5.74 2.02 7.46
N ILE A 112 5.85 2.01 6.16
CA ILE A 112 4.67 2.11 5.29
C ILE A 112 4.33 0.74 4.72
N VAL A 113 3.09 0.54 4.35
CA VAL A 113 2.69 -0.77 3.77
C VAL A 113 1.92 -0.50 2.50
N ILE A 114 2.60 -0.46 1.40
CA ILE A 114 1.92 -0.17 0.11
C ILE A 114 1.45 -1.48 -0.53
N ARG A 115 0.22 -1.52 -0.97
CA ARG A 115 -0.29 -2.74 -1.63
C ARG A 115 -0.70 -2.37 -3.05
N ARG A 116 0.14 -2.62 -4.01
CA ARG A 116 -0.21 -2.26 -5.41
C ARG A 116 -0.87 -3.47 -6.09
N LYS A 117 -1.85 -3.24 -6.92
CA LYS A 117 -2.51 -4.39 -7.60
C LYS A 117 -2.07 -4.43 -9.07
N SER A 118 -0.82 -4.75 -9.31
CA SER A 118 -0.32 -4.81 -10.71
C SER A 118 -0.79 -3.56 -11.46
N LEU A 119 -0.64 -2.41 -10.88
CA LEU A 119 -1.08 -1.16 -11.56
C LEU A 119 -0.48 0.05 -10.85
N GLN A 120 -0.68 1.22 -11.38
CA GLN A 120 -0.12 2.45 -10.74
C GLN A 120 1.40 2.41 -10.81
N SER A 121 1.94 2.11 -11.97
CA SER A 121 3.43 2.07 -12.10
C SER A 121 3.82 1.50 -13.46
N LYS A 122 4.55 2.24 -14.24
CA LYS A 122 4.97 1.75 -15.58
C LYS A 122 5.69 2.86 -16.34
N GLU A 123 6.85 3.25 -15.88
CA GLU A 123 7.60 4.33 -16.58
C GLU A 123 8.70 3.72 -17.43
N THR A 124 8.92 4.25 -18.61
CA THR A 124 9.99 3.70 -19.49
C THR A 124 10.51 4.80 -20.41
N THR A 125 9.63 5.58 -20.98
CA THR A 125 10.08 6.67 -21.89
C THR A 125 11.23 7.44 -21.24
N ALA A 126 10.95 8.20 -20.22
CA ALA A 126 12.03 8.97 -19.55
C ALA A 126 13.22 8.04 -19.27
N ALA A 127 14.41 8.57 -19.28
CA ALA A 127 15.61 7.72 -19.02
C ALA A 127 16.83 8.61 -18.79
N GLY A 128 16.91 9.24 -17.65
CA GLY A 128 18.08 10.12 -17.36
C GLY A 128 17.80 10.96 -16.11
N ASP A 129 17.80 10.34 -14.97
CA ASP A 129 17.53 11.11 -13.72
C ASP A 129 16.16 11.78 -13.80
N SER A 130 16.11 12.96 -14.36
CA SER A 130 14.81 13.68 -14.48
C SER A 130 14.39 13.73 -15.95
N MET A 1 25.25 -35.16 -44.23
CA MET A 1 24.05 -34.66 -43.49
C MET A 1 23.07 -34.01 -44.47
N PRO A 2 22.10 -34.78 -44.89
CA PRO A 2 21.08 -34.32 -45.84
C PRO A 2 20.04 -33.43 -45.15
N ASP A 3 20.31 -32.17 -45.01
CA ASP A 3 19.34 -31.25 -44.35
C ASP A 3 18.27 -30.86 -45.37
N LEU A 4 17.07 -31.33 -45.20
CA LEU A 4 15.99 -30.99 -46.17
C LEU A 4 15.09 -29.89 -45.58
N ASN A 5 13.99 -29.61 -46.23
CA ASN A 5 13.07 -28.55 -45.73
C ASN A 5 11.85 -28.46 -46.66
N SER A 6 11.23 -27.31 -46.74
CA SER A 6 10.06 -27.15 -47.63
C SER A 6 9.89 -25.69 -48.04
N SER A 7 10.04 -24.79 -47.10
CA SER A 7 9.88 -23.35 -47.43
C SER A 7 11.17 -22.84 -48.09
N THR A 8 12.14 -22.44 -47.31
CA THR A 8 13.41 -21.94 -47.88
C THR A 8 14.47 -21.88 -46.78
N ASP A 9 14.31 -21.00 -45.83
CA ASP A 9 15.30 -20.89 -44.74
C ASP A 9 14.60 -21.08 -43.38
N SER A 10 15.19 -21.84 -42.49
CA SER A 10 14.56 -22.06 -41.17
C SER A 10 15.65 -22.19 -40.10
N ALA A 11 15.55 -21.43 -39.04
CA ALA A 11 16.58 -21.51 -37.98
C ALA A 11 16.30 -22.72 -37.09
N ALA A 12 16.70 -22.67 -35.85
CA ALA A 12 16.45 -23.82 -34.94
C ALA A 12 15.04 -23.72 -34.35
N SER A 13 14.58 -24.74 -33.68
CA SER A 13 13.21 -24.69 -33.09
C SER A 13 13.12 -25.71 -31.95
N ALA A 14 12.79 -25.26 -30.78
CA ALA A 14 12.68 -26.21 -29.63
C ALA A 14 12.03 -25.49 -28.43
N SER A 15 10.82 -25.85 -28.11
CA SER A 15 10.15 -25.20 -26.96
C SER A 15 10.32 -23.68 -27.05
N ALA A 16 9.60 -23.05 -27.94
CA ALA A 16 9.73 -21.58 -28.09
C ALA A 16 9.12 -20.89 -26.88
N ALA A 17 9.44 -19.64 -26.66
CA ALA A 17 8.88 -18.90 -25.50
C ALA A 17 9.12 -19.71 -24.21
N SER A 18 10.35 -19.77 -23.77
CA SER A 18 10.66 -20.53 -22.53
C SER A 18 11.77 -19.81 -21.75
N ASP A 19 11.96 -18.55 -22.01
CA ASP A 19 13.03 -17.80 -21.30
C ASP A 19 12.42 -16.60 -20.57
N VAL A 20 13.15 -16.02 -19.64
CA VAL A 20 12.61 -14.85 -18.88
C VAL A 20 13.43 -13.61 -19.25
N SER A 21 12.77 -12.55 -19.64
CA SER A 21 13.52 -11.31 -20.00
C SER A 21 12.59 -10.10 -19.85
N VAL A 22 12.18 -9.80 -18.65
CA VAL A 22 11.29 -8.63 -18.43
C VAL A 22 9.98 -8.85 -19.20
N GLU A 23 8.88 -8.90 -18.50
CA GLU A 23 7.57 -9.12 -19.19
C GLU A 23 6.45 -9.16 -18.16
N SER A 24 6.18 -8.06 -17.51
CA SER A 24 5.08 -8.03 -16.49
C SER A 24 5.43 -9.01 -15.36
N THR A 25 4.57 -9.13 -14.39
CA THR A 25 4.85 -10.06 -13.26
C THR A 25 3.52 -10.54 -12.65
N ALA A 26 2.91 -9.74 -11.82
CA ALA A 26 1.62 -10.15 -11.20
C ALA A 26 0.68 -8.94 -11.12
N GLU A 27 -0.58 -9.19 -10.91
CA GLU A 27 -1.56 -8.06 -10.82
C GLU A 27 -1.72 -7.66 -9.35
N ALA A 28 -0.71 -7.92 -8.57
CA ALA A 28 -0.76 -7.57 -7.12
C ALA A 28 0.66 -7.58 -6.56
N THR A 29 1.09 -6.52 -5.95
CA THR A 29 2.48 -6.49 -5.40
C THR A 29 2.50 -5.72 -4.08
N VAL A 30 3.26 -6.20 -3.13
CA VAL A 30 3.35 -5.49 -1.82
C VAL A 30 4.77 -4.97 -1.64
N CYS A 31 4.91 -3.86 -0.99
CA CYS A 31 6.26 -3.31 -0.75
C CYS A 31 6.29 -2.65 0.63
N THR A 32 6.58 -3.41 1.65
CA THR A 32 6.62 -2.85 3.03
C THR A 32 7.87 -1.97 3.15
N VAL A 33 7.73 -0.75 3.59
CA VAL A 33 8.92 0.14 3.66
C VAL A 33 8.87 1.09 4.87
N THR A 34 10.00 1.65 5.24
CA THR A 34 10.03 2.62 6.36
C THR A 34 10.45 3.99 5.81
N LEU A 35 9.69 5.01 6.11
CA LEU A 35 10.06 6.37 5.58
C LEU A 35 10.62 7.26 6.69
N GLU A 36 11.71 6.85 7.28
CA GLU A 36 12.35 7.62 8.39
C GLU A 36 11.78 9.05 8.49
N LYS A 37 11.02 9.34 9.52
CA LYS A 37 10.44 10.70 9.63
C LYS A 37 11.51 11.68 10.11
N MET A 38 11.75 12.71 9.35
CA MET A 38 12.79 13.71 9.74
C MET A 38 12.34 15.11 9.29
N SER A 39 11.79 15.20 8.12
CA SER A 39 11.32 16.53 7.61
C SER A 39 10.40 16.33 6.42
N ALA A 40 9.53 17.27 6.17
CA ALA A 40 8.59 17.14 5.01
C ALA A 40 7.61 16.00 5.26
N GLY A 41 7.60 15.45 6.44
CA GLY A 41 6.65 14.33 6.74
C GLY A 41 6.81 13.25 5.67
N LEU A 42 7.73 12.34 5.85
CA LEU A 42 7.94 11.24 4.85
C LEU A 42 8.04 11.80 3.44
N GLY A 43 8.22 13.08 3.30
CA GLY A 43 8.31 13.66 1.93
C GLY A 43 7.13 13.16 1.08
N PHE A 44 6.10 12.62 1.69
CA PHE A 44 4.95 12.15 0.88
C PHE A 44 3.64 12.44 1.61
N SER A 45 2.64 12.75 0.86
CA SER A 45 1.30 13.07 1.44
C SER A 45 0.30 12.04 0.94
N LEU A 46 -0.60 11.60 1.78
CA LEU A 46 -1.59 10.56 1.36
C LEU A 46 -2.85 11.19 0.78
N GLU A 47 -3.43 10.57 -0.23
CA GLU A 47 -4.68 11.10 -0.83
C GLU A 47 -5.72 9.98 -0.92
N GLY A 48 -6.98 10.35 -0.97
CA GLY A 48 -8.06 9.32 -1.06
C GLY A 48 -9.33 9.92 -0.44
N GLY A 49 -9.81 9.36 0.65
CA GLY A 49 -11.03 9.96 1.29
C GLY A 49 -12.21 8.97 1.25
N LYS A 50 -12.95 8.85 2.32
CA LYS A 50 -14.12 7.92 2.32
C LYS A 50 -14.89 8.09 1.01
N GLY A 51 -15.72 7.14 0.68
CA GLY A 51 -16.52 7.25 -0.58
C GLY A 51 -15.56 7.45 -1.76
N SER A 52 -14.89 6.40 -2.17
CA SER A 52 -13.95 6.53 -3.32
C SER A 52 -14.63 6.05 -4.59
N LEU A 53 -15.15 4.85 -4.58
CA LEU A 53 -15.84 4.33 -5.81
C LEU A 53 -16.94 3.36 -5.39
N HIS A 54 -16.61 2.37 -4.61
CA HIS A 54 -17.65 1.38 -4.17
C HIS A 54 -17.98 1.62 -2.70
N GLY A 55 -17.14 2.31 -1.99
CA GLY A 55 -17.40 2.57 -0.54
C GLY A 55 -16.17 2.21 0.29
N ASP A 56 -15.10 2.94 0.14
CA ASP A 56 -13.87 2.63 0.92
C ASP A 56 -12.86 3.77 0.73
N LYS A 57 -12.00 3.99 1.70
CA LYS A 57 -11.01 5.09 1.57
C LYS A 57 -9.59 4.51 1.51
N PRO A 58 -9.17 4.15 0.32
CA PRO A 58 -7.83 3.59 0.10
C PRO A 58 -6.81 4.73 0.03
N LEU A 59 -6.62 5.45 1.10
CA LEU A 59 -5.64 6.57 1.08
C LEU A 59 -4.39 6.14 0.31
N THR A 60 -3.98 6.90 -0.66
CA THR A 60 -2.78 6.51 -1.46
C THR A 60 -1.80 7.70 -1.56
N ILE A 61 -0.52 7.49 -1.80
CA ILE A 61 0.39 8.66 -1.90
C ILE A 61 0.20 9.36 -3.24
N ASN A 62 -0.13 10.60 -3.19
CA ASN A 62 -0.33 11.38 -4.46
C ASN A 62 0.83 12.36 -4.72
N ARG A 63 1.21 13.13 -3.74
CA ARG A 63 2.31 14.10 -3.96
C ARG A 63 3.54 13.71 -3.16
N ILE A 64 4.50 13.15 -3.83
CA ILE A 64 5.74 12.72 -3.13
C ILE A 64 6.85 13.73 -3.36
N PHE A 65 7.67 13.91 -2.38
CA PHE A 65 8.80 14.88 -2.49
C PHE A 65 10.12 14.14 -2.29
N LYS A 66 10.15 13.18 -1.41
CA LYS A 66 11.41 12.41 -1.17
C LYS A 66 12.46 13.31 -0.51
N GLY A 67 12.53 13.27 0.79
CA GLY A 67 13.54 14.10 1.51
C GLY A 67 14.27 13.24 2.54
N ALA A 68 13.98 11.96 2.57
CA ALA A 68 14.63 11.07 3.56
C ALA A 68 14.13 9.63 3.35
N ALA A 69 15.02 8.69 3.28
CA ALA A 69 14.59 7.28 3.08
C ALA A 69 15.50 6.33 3.85
N SER A 70 15.31 5.05 3.71
CA SER A 70 16.17 4.07 4.43
C SER A 70 17.43 3.79 3.61
N GLU A 71 17.87 2.56 3.56
CA GLU A 71 19.09 2.24 2.77
C GLU A 71 18.70 1.68 1.40
N GLN A 72 17.80 2.33 0.71
CA GLN A 72 17.40 1.82 -0.63
C GLN A 72 16.68 2.94 -1.40
N SER A 73 16.99 3.08 -2.66
CA SER A 73 16.33 4.14 -3.47
C SER A 73 14.98 3.63 -4.01
N GLU A 74 13.97 3.61 -3.18
CA GLU A 74 12.65 3.12 -3.63
C GLU A 74 11.73 2.96 -2.42
N THR A 75 11.67 3.95 -1.59
CA THR A 75 10.80 3.86 -0.37
C THR A 75 9.55 4.72 -0.58
N VAL A 76 9.11 4.83 -1.79
CA VAL A 76 7.89 5.64 -2.07
C VAL A 76 7.27 5.17 -3.38
N GLN A 77 5.98 5.26 -3.50
CA GLN A 77 5.31 4.81 -4.77
C GLN A 77 4.12 5.73 -5.05
N PRO A 78 3.89 5.99 -6.31
CA PRO A 78 2.78 6.87 -6.74
C PRO A 78 1.44 6.13 -6.73
N GLY A 79 0.51 6.59 -5.92
CA GLY A 79 -0.84 5.93 -5.87
C GLY A 79 -0.80 4.65 -5.02
N ASP A 80 0.26 4.40 -4.31
CA ASP A 80 0.32 3.17 -3.47
C ASP A 80 -0.89 3.13 -2.53
N GLU A 81 -1.62 2.03 -2.45
CA GLU A 81 -2.78 2.01 -1.49
C GLU A 81 -2.24 1.75 -0.09
N ILE A 82 -1.33 2.58 0.36
CA ILE A 82 -0.74 2.40 1.71
C ILE A 82 -1.88 2.33 2.75
N LEU A 83 -2.06 1.20 3.41
CA LEU A 83 -3.17 1.11 4.41
C LEU A 83 -2.76 1.81 5.72
N GLN A 84 -1.60 1.54 6.23
CA GLN A 84 -1.16 2.19 7.50
C GLN A 84 0.00 3.14 7.19
N LEU A 85 0.50 3.85 8.16
CA LEU A 85 1.63 4.77 7.89
C LEU A 85 2.38 5.09 9.17
N GLY A 86 3.41 4.35 9.48
CA GLY A 86 4.20 4.62 10.72
C GLY A 86 3.29 4.47 11.94
N GLY A 87 2.41 5.42 12.16
CA GLY A 87 1.49 5.33 13.34
C GLY A 87 0.11 5.83 12.94
N THR A 88 -0.43 5.33 11.87
CA THR A 88 -1.79 5.75 11.44
C THR A 88 -2.36 4.64 10.58
N ALA A 89 -3.63 4.48 10.59
CA ALA A 89 -4.25 3.42 9.75
C ALA A 89 -5.29 4.03 8.84
N MET A 90 -5.00 4.13 7.59
CA MET A 90 -5.97 4.73 6.63
C MET A 90 -7.34 4.07 6.82
N GLN A 91 -7.46 2.82 6.51
CA GLN A 91 -8.80 2.15 6.64
C GLN A 91 -9.49 2.43 7.99
N GLY A 92 -8.79 2.69 9.06
CA GLY A 92 -9.51 2.97 10.34
C GLY A 92 -9.32 4.45 10.63
N LEU A 93 -9.49 5.29 9.65
CA LEU A 93 -9.29 6.74 9.86
C LEU A 93 -9.78 7.49 8.63
N THR A 94 -9.87 8.78 8.74
CA THR A 94 -10.32 9.61 7.59
C THR A 94 -9.09 10.03 6.78
N ARG A 95 -9.29 10.43 5.55
CA ARG A 95 -8.12 10.83 4.72
C ARG A 95 -7.28 11.87 5.47
N PHE A 96 -7.80 13.06 5.63
CA PHE A 96 -7.03 14.12 6.34
C PHE A 96 -6.60 13.62 7.72
N GLU A 97 -7.52 13.10 8.48
CA GLU A 97 -7.14 12.60 9.83
C GLU A 97 -5.95 11.65 9.69
N ALA A 98 -6.00 10.76 8.74
CA ALA A 98 -4.88 9.80 8.55
C ALA A 98 -3.56 10.55 8.38
N TRP A 99 -3.39 11.25 7.32
CA TRP A 99 -2.11 11.99 7.09
C TRP A 99 -1.78 12.89 8.29
N ASN A 100 -2.73 13.16 9.15
CA ASN A 100 -2.43 14.04 10.32
C ASN A 100 -1.76 13.24 11.46
N ILE A 101 -2.30 12.10 11.84
CA ILE A 101 -1.67 11.32 12.95
C ILE A 101 -0.20 11.08 12.64
N ILE A 102 0.11 10.82 11.41
CA ILE A 102 1.53 10.56 11.05
C ILE A 102 2.37 11.80 11.34
N LYS A 103 2.11 12.87 10.64
CA LYS A 103 2.88 14.12 10.85
C LYS A 103 3.06 14.37 12.36
N ALA A 104 2.10 13.94 13.13
CA ALA A 104 2.18 14.16 14.61
C ALA A 104 3.18 13.19 15.26
N LEU A 105 3.57 12.16 14.57
CA LEU A 105 4.53 11.19 15.17
C LEU A 105 5.90 11.83 15.37
N PRO A 106 6.80 11.10 15.98
CA PRO A 106 8.17 11.57 16.23
C PRO A 106 9.06 11.36 15.00
N ASP A 107 10.32 11.72 15.10
CA ASP A 107 11.24 11.54 13.93
C ASP A 107 11.92 10.17 14.04
N GLY A 108 11.29 9.15 13.52
CA GLY A 108 11.91 7.78 13.58
C GLY A 108 11.54 7.00 12.31
N PRO A 109 11.52 5.69 12.45
CA PRO A 109 11.19 4.78 11.33
C PRO A 109 9.68 4.69 11.10
N VAL A 110 9.17 5.38 10.12
CA VAL A 110 7.72 5.29 9.82
C VAL A 110 7.55 4.12 8.87
N THR A 111 6.94 3.07 9.34
CA THR A 111 6.79 1.88 8.48
C THR A 111 5.50 1.98 7.67
N ILE A 112 5.61 1.80 6.40
CA ILE A 112 4.43 1.87 5.51
C ILE A 112 4.17 0.50 4.91
N VAL A 113 2.95 0.23 4.54
CA VAL A 113 2.63 -1.08 3.92
C VAL A 113 1.85 -0.80 2.64
N ILE A 114 2.54 -0.74 1.55
CA ILE A 114 1.86 -0.44 0.27
C ILE A 114 1.56 -1.73 -0.49
N ARG A 115 0.36 -1.88 -0.95
CA ARG A 115 0.01 -3.10 -1.72
C ARG A 115 -0.78 -2.68 -2.95
N ARG A 116 -0.20 -2.80 -4.10
CA ARG A 116 -0.92 -2.38 -5.34
C ARG A 116 -1.68 -3.57 -5.92
N LYS A 117 -2.69 -4.04 -5.23
CA LYS A 117 -3.48 -5.20 -5.75
C LYS A 117 -4.61 -4.68 -6.65
N SER A 118 -4.26 -4.02 -7.73
CA SER A 118 -5.28 -3.47 -8.66
C SER A 118 -4.70 -2.28 -9.41
N LEU A 119 -4.60 -2.37 -10.70
CA LEU A 119 -4.03 -1.23 -11.48
C LEU A 119 -4.92 0.00 -11.30
N GLN A 120 -4.34 1.15 -11.08
CA GLN A 120 -5.16 2.38 -10.89
C GLN A 120 -4.78 3.41 -11.94
N SER A 121 -3.54 3.41 -12.36
CA SER A 121 -3.09 4.39 -13.38
C SER A 121 -3.39 5.82 -12.91
N LYS A 122 -2.38 6.56 -12.56
CA LYS A 122 -2.62 7.97 -12.09
C LYS A 122 -2.95 8.86 -13.28
N GLU A 123 -3.93 9.73 -13.13
CA GLU A 123 -4.31 10.62 -14.25
C GLU A 123 -4.20 12.09 -13.80
N THR A 124 -5.00 12.95 -14.36
CA THR A 124 -4.94 14.39 -13.95
C THR A 124 -6.36 14.92 -13.73
N THR A 125 -6.61 15.54 -12.61
CA THR A 125 -7.97 16.08 -12.33
C THR A 125 -7.93 16.94 -11.08
N ALA A 126 -8.70 18.01 -11.06
CA ALA A 126 -8.71 18.91 -9.87
C ALA A 126 -7.50 19.84 -9.90
N ALA A 127 -6.58 19.62 -10.81
CA ALA A 127 -5.39 20.50 -10.89
C ALA A 127 -4.83 20.75 -9.50
N GLY A 128 -3.89 21.66 -9.37
CA GLY A 128 -3.30 21.95 -8.03
C GLY A 128 -2.03 21.14 -7.84
N ASP A 129 -2.15 19.85 -7.65
CA ASP A 129 -0.94 19.00 -7.46
C ASP A 129 -0.54 18.37 -8.79
N SER A 130 -0.67 19.09 -9.86
CA SER A 130 -0.30 18.53 -11.19
C SER A 130 1.17 18.86 -11.49
N MET A 1 -47.38 -42.42 -3.79
CA MET A 1 -46.00 -42.88 -3.50
C MET A 1 -44.99 -41.80 -3.90
N PRO A 2 -44.95 -40.75 -3.12
CA PRO A 2 -44.04 -39.62 -3.36
C PRO A 2 -42.61 -39.96 -2.91
N ASP A 3 -41.66 -39.17 -3.29
CA ASP A 3 -40.25 -39.45 -2.87
C ASP A 3 -39.87 -38.53 -1.70
N LEU A 4 -40.30 -38.86 -0.52
CA LEU A 4 -39.97 -38.01 0.66
C LEU A 4 -38.69 -38.51 1.33
N ASN A 5 -37.57 -37.96 0.96
CA ASN A 5 -36.29 -38.41 1.58
C ASN A 5 -35.91 -39.80 1.04
N SER A 6 -34.85 -39.88 0.28
CA SER A 6 -34.44 -41.21 -0.26
C SER A 6 -33.17 -41.69 0.45
N SER A 7 -32.73 -40.96 1.44
CA SER A 7 -31.50 -41.37 2.18
C SER A 7 -30.42 -41.81 1.18
N THR A 8 -30.11 -40.96 0.24
CA THR A 8 -29.07 -41.32 -0.77
C THR A 8 -28.83 -40.14 -1.71
N ASP A 9 -28.40 -40.41 -2.91
CA ASP A 9 -28.16 -39.31 -3.88
C ASP A 9 -29.30 -38.30 -3.81
N SER A 10 -29.00 -37.04 -3.96
CA SER A 10 -30.08 -36.01 -3.91
C SER A 10 -29.83 -34.95 -4.98
N ALA A 11 -28.61 -34.52 -5.13
CA ALA A 11 -28.31 -33.49 -6.17
C ALA A 11 -29.15 -32.24 -5.91
N ALA A 12 -29.28 -31.39 -6.88
CA ALA A 12 -30.09 -30.16 -6.69
C ALA A 12 -29.71 -29.48 -5.37
N SER A 13 -30.41 -29.79 -4.30
CA SER A 13 -30.08 -29.16 -3.00
C SER A 13 -28.64 -29.54 -2.61
N ALA A 14 -27.68 -28.76 -3.04
CA ALA A 14 -26.26 -29.06 -2.69
C ALA A 14 -25.71 -27.96 -1.79
N SER A 15 -26.56 -27.22 -1.16
CA SER A 15 -26.07 -26.12 -0.27
C SER A 15 -24.95 -25.35 -0.97
N ALA A 16 -25.16 -24.96 -2.19
CA ALA A 16 -24.11 -24.20 -2.92
C ALA A 16 -24.44 -22.71 -2.90
N ALA A 17 -23.81 -21.94 -3.74
CA ALA A 17 -24.09 -20.47 -3.76
C ALA A 17 -23.44 -19.84 -5.00
N SER A 18 -23.28 -20.60 -6.03
CA SER A 18 -22.65 -20.06 -7.26
C SER A 18 -21.25 -19.53 -6.93
N ASP A 19 -20.23 -20.15 -7.46
CA ASP A 19 -18.85 -19.69 -7.17
C ASP A 19 -18.34 -18.85 -8.35
N VAL A 20 -19.04 -17.81 -8.70
CA VAL A 20 -18.60 -16.95 -9.84
C VAL A 20 -18.52 -15.50 -9.37
N SER A 21 -17.51 -14.79 -9.81
CA SER A 21 -17.37 -13.36 -9.39
C SER A 21 -16.73 -12.56 -10.53
N VAL A 22 -16.83 -11.26 -10.49
CA VAL A 22 -16.24 -10.43 -11.57
C VAL A 22 -15.23 -9.46 -10.96
N GLU A 23 -14.21 -9.97 -10.31
CA GLU A 23 -13.20 -9.07 -9.69
C GLU A 23 -11.83 -9.77 -9.71
N SER A 24 -11.55 -10.51 -10.76
CA SER A 24 -10.24 -11.21 -10.83
C SER A 24 -9.91 -11.84 -9.48
N THR A 25 -10.90 -12.31 -8.78
CA THR A 25 -10.65 -12.94 -7.45
C THR A 25 -9.74 -12.04 -6.63
N ALA A 26 -8.46 -12.24 -6.69
CA ALA A 26 -7.52 -11.40 -5.90
C ALA A 26 -6.12 -11.48 -6.50
N GLU A 27 -5.45 -10.37 -6.67
CA GLU A 27 -4.09 -10.38 -7.24
C GLU A 27 -3.42 -9.04 -6.98
N ALA A 28 -2.65 -8.97 -5.94
CA ALA A 28 -1.95 -7.71 -5.60
C ALA A 28 -0.63 -8.03 -4.89
N THR A 29 0.29 -7.09 -4.85
CA THR A 29 1.59 -7.35 -4.18
C THR A 29 1.84 -6.27 -3.14
N VAL A 30 2.59 -6.58 -2.11
CA VAL A 30 2.86 -5.56 -1.06
C VAL A 30 4.36 -5.29 -0.97
N CYS A 31 4.71 -4.10 -0.59
CA CYS A 31 6.16 -3.75 -0.45
C CYS A 31 6.34 -2.94 0.84
N THR A 32 6.49 -3.61 1.95
CA THR A 32 6.66 -2.88 3.24
C THR A 32 7.96 -2.07 3.21
N VAL A 33 7.88 -0.81 3.54
CA VAL A 33 9.10 0.05 3.51
C VAL A 33 9.09 1.05 4.67
N THR A 34 10.23 1.58 5.03
CA THR A 34 10.28 2.58 6.14
C THR A 34 10.61 3.95 5.57
N LEU A 35 9.84 4.95 5.92
CA LEU A 35 10.12 6.32 5.37
C LEU A 35 10.60 7.28 6.46
N GLU A 36 11.73 6.99 7.04
CA GLU A 36 12.33 7.85 8.13
C GLU A 36 11.59 9.19 8.26
N LYS A 37 10.90 9.41 9.36
CA LYS A 37 10.17 10.70 9.54
C LYS A 37 11.17 11.78 9.93
N MET A 38 11.83 12.38 8.97
CA MET A 38 12.80 13.46 9.29
C MET A 38 12.55 14.66 8.38
N SER A 39 12.13 14.41 7.16
CA SER A 39 11.86 15.53 6.22
C SER A 39 10.67 16.36 6.73
N ALA A 40 10.04 17.10 5.86
CA ALA A 40 8.86 17.91 6.29
C ALA A 40 7.58 17.10 6.12
N GLY A 41 7.65 15.82 6.33
CA GLY A 41 6.43 14.96 6.18
C GLY A 41 6.77 13.75 5.33
N LEU A 42 7.69 12.92 5.79
CA LEU A 42 8.09 11.71 5.02
C LEU A 42 8.11 12.01 3.52
N GLY A 43 8.35 13.24 3.16
CA GLY A 43 8.39 13.59 1.71
C GLY A 43 7.18 12.97 0.99
N PHE A 44 6.15 12.59 1.70
CA PHE A 44 4.98 12.01 1.00
C PHE A 44 3.69 12.33 1.76
N SER A 45 2.65 12.57 1.02
CA SER A 45 1.32 12.90 1.62
C SER A 45 0.31 11.84 1.16
N LEU A 46 -0.59 11.44 2.01
CA LEU A 46 -1.57 10.38 1.63
C LEU A 46 -2.88 10.99 1.12
N GLU A 47 -3.44 10.42 0.08
CA GLU A 47 -4.73 10.95 -0.45
C GLU A 47 -5.64 9.79 -0.85
N GLY A 48 -6.88 9.85 -0.48
CA GLY A 48 -7.84 8.77 -0.85
C GLY A 48 -9.25 9.35 -0.79
N GLY A 49 -10.04 8.95 0.17
CA GLY A 49 -11.42 9.52 0.24
C GLY A 49 -12.38 8.58 0.97
N LYS A 50 -12.87 8.97 2.13
CA LYS A 50 -13.82 8.11 2.86
C LYS A 50 -14.87 7.57 1.87
N GLY A 51 -15.24 6.33 1.97
CA GLY A 51 -16.25 5.77 1.03
C GLY A 51 -16.52 4.31 1.36
N SER A 52 -17.43 4.06 2.27
CA SER A 52 -17.75 2.65 2.63
C SER A 52 -19.13 2.28 2.07
N LEU A 53 -19.41 2.69 0.87
CA LEU A 53 -20.74 2.38 0.27
C LEU A 53 -20.55 1.53 -0.99
N HIS A 54 -19.48 1.73 -1.72
CA HIS A 54 -19.26 0.92 -2.95
C HIS A 54 -17.81 0.42 -3.00
N GLY A 55 -17.11 0.47 -1.90
CA GLY A 55 -15.70 -0.02 -1.91
C GLY A 55 -14.99 0.40 -0.61
N ASP A 56 -14.32 1.52 -0.60
CA ASP A 56 -13.62 1.95 0.65
C ASP A 56 -12.76 3.18 0.35
N LYS A 57 -12.04 3.66 1.33
CA LYS A 57 -11.17 4.86 1.12
C LYS A 57 -9.70 4.44 1.24
N PRO A 58 -9.14 4.02 0.13
CA PRO A 58 -7.74 3.58 0.08
C PRO A 58 -6.80 4.78 0.03
N LEU A 59 -6.62 5.47 1.13
CA LEU A 59 -5.71 6.64 1.10
C LEU A 59 -4.42 6.24 0.37
N THR A 60 -4.05 6.94 -0.65
CA THR A 60 -2.83 6.55 -1.42
C THR A 60 -1.84 7.74 -1.47
N ILE A 61 -0.56 7.51 -1.69
CA ILE A 61 0.39 8.66 -1.75
C ILE A 61 0.18 9.45 -3.04
N ASN A 62 -0.15 10.69 -2.89
CA ASN A 62 -0.36 11.56 -4.10
C ASN A 62 0.75 12.61 -4.23
N ARG A 63 1.03 13.34 -3.18
CA ARG A 63 2.07 14.40 -3.26
C ARG A 63 3.38 13.92 -2.66
N ILE A 64 4.27 13.39 -3.47
CA ILE A 64 5.56 12.92 -2.94
C ILE A 64 6.63 13.97 -3.17
N PHE A 65 7.52 14.11 -2.23
CA PHE A 65 8.60 15.12 -2.36
C PHE A 65 9.94 14.43 -2.62
N LYS A 66 10.11 13.23 -2.15
CA LYS A 66 11.41 12.52 -2.37
C LYS A 66 12.47 13.10 -1.43
N GLY A 67 13.03 12.28 -0.58
CA GLY A 67 14.06 12.78 0.36
C GLY A 67 14.37 11.69 1.39
N ALA A 68 13.39 11.24 2.12
CA ALA A 68 13.65 10.18 3.13
C ALA A 68 13.62 8.81 2.46
N ALA A 69 14.75 8.14 2.42
CA ALA A 69 14.79 6.80 1.78
C ALA A 69 16.16 6.16 2.04
N SER A 70 16.34 4.93 1.65
CA SER A 70 17.65 4.26 1.88
C SER A 70 18.13 3.61 0.59
N GLU A 71 18.81 2.50 0.69
CA GLU A 71 19.31 1.81 -0.54
C GLU A 71 18.14 1.06 -1.20
N GLN A 72 17.09 0.86 -0.47
CA GLN A 72 15.91 0.13 -1.04
C GLN A 72 15.60 0.69 -2.43
N SER A 73 14.86 -0.05 -3.23
CA SER A 73 14.52 0.43 -4.58
C SER A 73 13.39 1.46 -4.49
N GLU A 74 13.69 2.65 -4.04
CA GLU A 74 12.62 3.68 -3.92
C GLU A 74 11.59 3.23 -2.89
N THR A 75 11.60 3.81 -1.72
CA THR A 75 10.62 3.40 -0.68
C THR A 75 9.34 4.22 -0.81
N VAL A 76 9.12 4.80 -1.94
CA VAL A 76 7.88 5.60 -2.14
C VAL A 76 7.22 5.18 -3.45
N GLN A 77 5.94 5.39 -3.58
CA GLN A 77 5.25 5.00 -4.83
C GLN A 77 4.11 5.99 -5.10
N PRO A 78 4.01 6.44 -6.33
CA PRO A 78 2.97 7.40 -6.73
C PRO A 78 1.62 6.70 -6.92
N GLY A 79 0.67 6.99 -6.08
CA GLY A 79 -0.68 6.35 -6.23
C GLY A 79 -0.70 4.94 -5.63
N ASP A 80 0.20 4.61 -4.73
CA ASP A 80 0.15 3.23 -4.15
C ASP A 80 -0.92 3.21 -3.04
N GLU A 81 -1.45 2.07 -2.72
CA GLU A 81 -2.51 2.03 -1.66
C GLU A 81 -1.88 1.70 -0.29
N ILE A 82 -1.16 2.61 0.29
CA ILE A 82 -0.55 2.33 1.63
C ILE A 82 -1.66 2.21 2.68
N LEU A 83 -1.75 1.08 3.38
CA LEU A 83 -2.84 0.91 4.38
C LEU A 83 -2.52 1.66 5.69
N GLN A 84 -1.29 1.65 6.14
CA GLN A 84 -0.99 2.36 7.42
C GLN A 84 0.45 2.87 7.43
N LEU A 85 0.84 3.54 8.48
CA LEU A 85 2.23 4.07 8.57
C LEU A 85 2.80 3.76 9.96
N GLY A 86 3.95 4.29 10.27
CA GLY A 86 4.55 4.01 11.61
C GLY A 86 3.53 4.36 12.70
N GLY A 87 2.52 5.13 12.39
CA GLY A 87 1.51 5.50 13.44
C GLY A 87 0.24 6.05 12.77
N THR A 88 -0.26 5.40 11.75
CA THR A 88 -1.50 5.86 11.10
C THR A 88 -2.03 4.74 10.21
N ALA A 89 -3.31 4.56 10.18
CA ALA A 89 -3.90 3.49 9.34
C ALA A 89 -5.02 4.07 8.50
N MET A 90 -4.83 4.13 7.20
CA MET A 90 -5.88 4.70 6.32
C MET A 90 -7.23 4.08 6.65
N GLN A 91 -7.23 2.86 7.10
CA GLN A 91 -8.52 2.20 7.43
C GLN A 91 -9.11 2.84 8.70
N GLY A 92 -10.42 2.80 8.93
CA GLY A 92 -10.98 3.43 10.16
C GLY A 92 -10.32 4.80 10.38
N LEU A 93 -10.06 5.52 9.32
CA LEU A 93 -9.41 6.85 9.45
C LEU A 93 -9.86 7.71 8.28
N THR A 94 -10.08 8.97 8.52
CA THR A 94 -10.49 9.86 7.40
C THR A 94 -9.25 10.31 6.63
N ARG A 95 -9.41 10.61 5.37
CA ARG A 95 -8.21 11.02 4.57
C ARG A 95 -7.38 12.05 5.35
N PHE A 96 -7.97 13.15 5.72
CA PHE A 96 -7.19 14.18 6.47
C PHE A 96 -6.75 13.61 7.82
N GLU A 97 -7.69 13.16 8.61
CA GLU A 97 -7.31 12.60 9.93
C GLU A 97 -6.16 11.60 9.75
N ALA A 98 -6.22 10.78 8.73
CA ALA A 98 -5.14 9.79 8.52
C ALA A 98 -3.78 10.48 8.32
N TRP A 99 -3.62 11.18 7.25
CA TRP A 99 -2.31 11.86 6.97
C TRP A 99 -1.94 12.80 8.13
N ASN A 100 -2.87 13.17 8.97
CA ASN A 100 -2.52 14.09 10.10
C ASN A 100 -1.89 13.32 11.27
N ILE A 101 -2.46 12.20 11.68
CA ILE A 101 -1.86 11.44 12.82
C ILE A 101 -0.37 11.24 12.57
N ILE A 102 -0.01 10.97 11.35
CA ILE A 102 1.43 10.74 11.03
C ILE A 102 2.25 11.94 11.51
N LYS A 103 2.00 13.08 10.94
CA LYS A 103 2.78 14.30 11.33
C LYS A 103 2.91 14.36 12.86
N ALA A 104 1.93 13.89 13.56
CA ALA A 104 1.99 13.93 15.05
C ALA A 104 2.98 12.90 15.59
N LEU A 105 3.38 11.96 14.78
CA LEU A 105 4.33 10.92 15.28
C LEU A 105 5.73 11.53 15.46
N PRO A 106 6.65 10.73 15.96
CA PRO A 106 8.04 11.17 16.19
C PRO A 106 8.86 11.09 14.90
N ASP A 107 10.09 11.52 14.94
CA ASP A 107 10.94 11.46 13.72
C ASP A 107 11.80 10.20 13.75
N GLY A 108 11.26 9.09 13.31
CA GLY A 108 12.05 7.83 13.32
C GLY A 108 11.71 6.98 12.08
N PRO A 109 11.78 5.68 12.25
CA PRO A 109 11.47 4.71 11.18
C PRO A 109 9.97 4.55 10.98
N VAL A 110 9.41 5.22 10.01
CA VAL A 110 7.96 5.09 9.75
C VAL A 110 7.80 3.92 8.79
N THR A 111 7.22 2.86 9.25
CA THR A 111 7.08 1.67 8.37
C THR A 111 5.79 1.75 7.57
N ILE A 112 5.89 1.69 6.28
CA ILE A 112 4.70 1.76 5.40
C ILE A 112 4.47 0.42 4.74
N VAL A 113 3.25 0.15 4.37
CA VAL A 113 2.93 -1.12 3.68
C VAL A 113 2.18 -0.78 2.40
N ILE A 114 2.90 -0.60 1.35
CA ILE A 114 2.23 -0.23 0.06
C ILE A 114 1.86 -1.49 -0.70
N ARG A 115 0.63 -1.58 -1.15
CA ARG A 115 0.20 -2.77 -1.93
C ARG A 115 -0.28 -2.28 -3.30
N ARG A 116 0.44 -2.60 -4.33
CA ARG A 116 0.03 -2.13 -5.69
C ARG A 116 -0.75 -3.25 -6.39
N LYS A 117 -2.04 -3.11 -6.49
CA LYS A 117 -2.84 -4.15 -7.18
C LYS A 117 -2.53 -4.12 -8.68
N SER A 118 -2.90 -5.16 -9.39
CA SER A 118 -2.62 -5.18 -10.86
C SER A 118 -1.11 -5.28 -11.09
N LEU A 119 -0.67 -6.31 -11.74
CA LEU A 119 0.79 -6.46 -12.00
C LEU A 119 1.32 -5.19 -12.66
N GLN A 120 2.13 -4.44 -11.97
CA GLN A 120 2.68 -3.19 -12.57
C GLN A 120 4.02 -2.87 -11.91
N SER A 121 4.76 -3.87 -11.52
CA SER A 121 6.07 -3.62 -10.87
C SER A 121 7.18 -3.68 -11.93
N LYS A 122 6.84 -3.46 -13.17
CA LYS A 122 7.87 -3.50 -14.24
C LYS A 122 8.43 -2.09 -14.48
N GLU A 123 9.56 -1.99 -15.11
CA GLU A 123 10.16 -0.65 -15.36
C GLU A 123 9.89 -0.24 -16.82
N THR A 124 9.19 -1.06 -17.56
CA THR A 124 8.90 -0.71 -18.98
C THR A 124 7.42 -0.33 -19.12
N THR A 125 6.82 0.14 -18.06
CA THR A 125 5.38 0.52 -18.14
C THR A 125 4.54 -0.71 -18.51
N ALA A 126 4.53 -1.07 -19.77
CA ALA A 126 3.74 -2.25 -20.21
C ALA A 126 2.25 -2.01 -19.92
N ALA A 127 1.39 -2.44 -20.80
CA ALA A 127 -0.07 -2.23 -20.57
C ALA A 127 -0.53 -3.08 -19.39
N GLY A 128 -1.77 -2.94 -18.99
CA GLY A 128 -2.28 -3.73 -17.84
C GLY A 128 -3.08 -4.93 -18.36
N ASP A 129 -4.21 -4.69 -18.96
CA ASP A 129 -5.03 -5.82 -19.49
C ASP A 129 -5.04 -5.77 -21.03
N SER A 130 -4.21 -6.55 -21.66
CA SER A 130 -4.18 -6.53 -23.15
C SER A 130 -4.32 -7.96 -23.68
N MET A 1 -0.68 -30.27 49.78
CA MET A 1 -1.36 -28.97 49.53
C MET A 1 -1.62 -28.81 48.03
N PRO A 2 -0.59 -28.88 47.24
CA PRO A 2 -0.69 -28.76 45.78
C PRO A 2 -1.24 -30.04 45.15
N ASP A 3 -1.72 -29.96 43.94
CA ASP A 3 -2.28 -31.18 43.27
C ASP A 3 -2.71 -30.79 41.86
N LEU A 4 -1.77 -30.50 41.00
CA LEU A 4 -2.13 -30.11 39.61
C LEU A 4 -3.06 -28.88 39.66
N ASN A 5 -3.06 -28.20 40.77
CA ASN A 5 -3.94 -26.99 40.90
C ASN A 5 -3.28 -25.80 40.20
N SER A 6 -3.78 -25.43 39.05
CA SER A 6 -3.18 -24.28 38.33
C SER A 6 -4.25 -23.66 37.41
N SER A 7 -4.86 -24.45 36.59
CA SER A 7 -5.90 -23.90 35.67
C SER A 7 -7.27 -24.02 36.36
N THR A 8 -7.36 -23.61 37.59
CA THR A 8 -8.66 -23.70 38.32
C THR A 8 -9.24 -22.30 38.49
N ASP A 9 -8.46 -21.28 38.25
CA ASP A 9 -8.96 -19.89 38.40
C ASP A 9 -9.31 -19.33 37.03
N SER A 10 -10.40 -18.62 36.92
CA SER A 10 -10.79 -18.04 35.61
C SER A 10 -11.33 -19.16 34.70
N ALA A 11 -10.47 -19.99 34.19
CA ALA A 11 -10.93 -21.09 33.30
C ALA A 11 -11.97 -20.55 32.32
N ALA A 12 -11.54 -20.03 31.21
CA ALA A 12 -12.50 -19.48 30.22
C ALA A 12 -12.06 -19.87 28.81
N SER A 13 -12.98 -20.26 27.97
CA SER A 13 -12.61 -20.65 26.58
C SER A 13 -11.87 -21.99 26.60
N ALA A 14 -12.59 -23.08 26.48
CA ALA A 14 -11.93 -24.41 26.49
C ALA A 14 -11.18 -24.63 25.17
N SER A 15 -11.77 -24.20 24.07
CA SER A 15 -11.10 -24.39 22.76
C SER A 15 -10.85 -23.01 22.12
N ALA A 16 -11.35 -21.97 22.73
CA ALA A 16 -11.14 -20.61 22.15
C ALA A 16 -11.74 -20.54 20.75
N ALA A 17 -11.49 -19.48 20.03
CA ALA A 17 -12.05 -19.35 18.66
C ALA A 17 -11.23 -18.34 17.86
N SER A 18 -11.41 -18.30 16.57
CA SER A 18 -10.64 -17.33 15.74
C SER A 18 -11.36 -15.97 15.75
N ASP A 19 -10.63 -14.90 15.69
CA ASP A 19 -11.27 -13.56 15.70
C ASP A 19 -10.25 -12.50 15.26
N VAL A 20 -9.51 -12.76 14.23
CA VAL A 20 -8.51 -11.77 13.75
C VAL A 20 -7.95 -12.22 12.40
N SER A 21 -7.36 -11.31 11.65
CA SER A 21 -6.81 -11.69 10.32
C SER A 21 -5.60 -12.61 10.52
N VAL A 22 -5.37 -13.50 9.60
CA VAL A 22 -4.22 -14.43 9.73
C VAL A 22 -3.63 -14.74 8.34
N GLU A 23 -3.45 -13.73 7.54
CA GLU A 23 -2.88 -13.94 6.17
C GLU A 23 -3.98 -14.44 5.23
N SER A 24 -3.88 -14.09 3.97
CA SER A 24 -4.91 -14.54 2.98
C SER A 24 -4.54 -14.00 1.60
N THR A 25 -4.12 -12.77 1.53
CA THR A 25 -3.74 -12.19 0.20
C THR A 25 -4.89 -12.40 -0.79
N ALA A 26 -4.74 -11.89 -1.99
CA ALA A 26 -5.81 -12.06 -3.01
C ALA A 26 -5.34 -11.49 -4.34
N GLU A 27 -4.21 -11.95 -4.83
CA GLU A 27 -3.69 -11.42 -6.13
C GLU A 27 -3.32 -9.95 -5.98
N ALA A 28 -2.06 -9.68 -5.74
CA ALA A 28 -1.61 -8.27 -5.58
C ALA A 28 -0.14 -8.28 -5.15
N THR A 29 0.42 -7.12 -4.93
CA THR A 29 1.85 -7.06 -4.52
C THR A 29 2.00 -6.05 -3.38
N VAL A 30 2.83 -6.35 -2.41
CA VAL A 30 3.01 -5.40 -1.28
C VAL A 30 4.49 -5.04 -1.15
N CYS A 31 4.76 -3.84 -0.74
CA CYS A 31 6.19 -3.41 -0.56
C CYS A 31 6.29 -2.62 0.73
N THR A 32 6.49 -3.29 1.84
CA THR A 32 6.60 -2.58 3.14
C THR A 32 7.90 -1.78 3.17
N VAL A 33 7.81 -0.50 3.42
CA VAL A 33 9.05 0.35 3.44
C VAL A 33 9.02 1.33 4.62
N THR A 34 10.16 1.83 5.01
CA THR A 34 10.21 2.81 6.13
C THR A 34 10.73 4.15 5.61
N LEU A 35 10.07 5.23 5.92
CA LEU A 35 10.56 6.56 5.43
C LEU A 35 11.11 7.40 6.57
N GLU A 36 12.19 6.97 7.14
CA GLU A 36 12.83 7.70 8.28
C GLU A 36 12.42 9.18 8.30
N LYS A 37 11.47 9.53 9.12
CA LYS A 37 11.03 10.96 9.18
C LYS A 37 11.89 11.71 10.19
N MET A 38 12.77 12.55 9.72
CA MET A 38 13.64 13.32 10.64
C MET A 38 13.15 14.76 10.73
N SER A 39 12.28 15.16 9.83
CA SER A 39 11.75 16.55 9.86
C SER A 39 11.08 16.88 8.53
N ALA A 40 9.86 16.44 8.34
CA ALA A 40 9.17 16.74 7.06
C ALA A 40 7.82 16.03 7.01
N GLY A 41 7.83 14.74 6.92
CA GLY A 41 6.56 13.96 6.87
C GLY A 41 6.67 12.87 5.80
N LEU A 42 7.56 11.94 5.99
CA LEU A 42 7.73 10.83 4.99
C LEU A 42 7.93 11.39 3.59
N GLY A 43 8.15 12.66 3.46
CA GLY A 43 8.34 13.24 2.10
C GLY A 43 7.15 12.90 1.21
N PHE A 44 6.07 12.40 1.78
CA PHE A 44 4.91 12.08 0.92
C PHE A 44 3.62 12.41 1.66
N SER A 45 2.56 12.57 0.93
CA SER A 45 1.23 12.92 1.50
C SER A 45 0.18 11.91 1.01
N LEU A 46 -0.79 11.59 1.82
CA LEU A 46 -1.82 10.59 1.40
C LEU A 46 -3.09 11.27 0.88
N GLU A 47 -3.67 10.75 -0.18
CA GLU A 47 -4.94 11.37 -0.69
C GLU A 47 -5.99 10.29 -0.95
N GLY A 48 -7.24 10.65 -0.93
CA GLY A 48 -8.32 9.66 -1.18
C GLY A 48 -9.36 9.74 -0.07
N GLY A 49 -9.45 8.75 0.76
CA GLY A 49 -10.46 8.77 1.87
C GLY A 49 -11.88 8.82 1.30
N LYS A 50 -12.50 9.97 1.32
CA LYS A 50 -13.90 10.10 0.81
C LYS A 50 -14.03 9.51 -0.61
N GLY A 51 -14.18 8.21 -0.71
CA GLY A 51 -14.36 7.57 -2.05
C GLY A 51 -13.25 7.99 -3.03
N SER A 52 -12.47 7.06 -3.51
CA SER A 52 -11.40 7.43 -4.49
C SER A 52 -11.11 6.22 -5.39
N LEU A 53 -12.12 5.48 -5.75
CA LEU A 53 -11.91 4.30 -6.63
C LEU A 53 -13.27 3.83 -7.15
N HIS A 54 -13.95 3.00 -6.41
CA HIS A 54 -15.29 2.52 -6.86
C HIS A 54 -16.27 2.50 -5.69
N GLY A 55 -15.82 2.82 -4.50
CA GLY A 55 -16.73 2.83 -3.32
C GLY A 55 -15.95 2.46 -2.06
N ASP A 56 -14.92 3.19 -1.76
CA ASP A 56 -14.11 2.88 -0.55
C ASP A 56 -13.08 3.99 -0.32
N LYS A 57 -12.33 3.91 0.74
CA LYS A 57 -11.31 4.98 1.00
C LYS A 57 -9.89 4.40 0.91
N PRO A 58 -9.37 4.32 -0.29
CA PRO A 58 -8.01 3.80 -0.52
C PRO A 58 -6.97 4.89 -0.27
N LEU A 59 -6.77 5.29 0.97
CA LEU A 59 -5.75 6.35 1.24
C LEU A 59 -4.50 6.03 0.42
N THR A 60 -4.19 6.85 -0.55
CA THR A 60 -3.02 6.54 -1.41
C THR A 60 -2.04 7.73 -1.46
N ILE A 61 -0.77 7.51 -1.76
CA ILE A 61 0.19 8.65 -1.81
C ILE A 61 0.00 9.43 -3.10
N ASN A 62 -0.17 10.71 -2.96
CA ASN A 62 -0.34 11.59 -4.16
C ASN A 62 0.83 12.56 -4.31
N ARG A 63 1.09 13.35 -3.30
CA ARG A 63 2.19 14.35 -3.39
C ARG A 63 3.46 13.80 -2.77
N ILE A 64 4.30 13.22 -3.56
CA ILE A 64 5.57 12.66 -3.00
C ILE A 64 6.71 13.62 -3.24
N PHE A 65 7.58 13.71 -2.29
CA PHE A 65 8.75 14.62 -2.42
C PHE A 65 10.00 13.77 -2.65
N LYS A 66 11.09 14.39 -3.02
CA LYS A 66 12.33 13.61 -3.26
C LYS A 66 13.43 14.08 -2.30
N GLY A 67 13.19 13.96 -1.02
CA GLY A 67 14.21 14.40 -0.04
C GLY A 67 14.68 13.20 0.78
N ALA A 68 15.76 12.58 0.39
CA ALA A 68 16.27 11.41 1.14
C ALA A 68 15.26 10.26 1.05
N ALA A 69 15.61 9.10 1.52
CA ALA A 69 14.67 7.95 1.47
C ALA A 69 15.35 6.71 2.05
N SER A 70 16.16 6.89 3.06
CA SER A 70 16.86 5.72 3.67
C SER A 70 17.75 5.05 2.63
N GLU A 71 18.17 3.84 2.88
CA GLU A 71 19.05 3.14 1.91
C GLU A 71 18.22 2.09 1.15
N GLN A 72 17.00 2.42 0.82
CA GLN A 72 16.14 1.44 0.08
C GLN A 72 15.90 1.95 -1.34
N SER A 73 15.66 1.06 -2.26
CA SER A 73 15.41 1.50 -3.67
C SER A 73 14.08 2.25 -3.75
N GLU A 74 14.12 3.54 -3.64
CA GLU A 74 12.85 4.33 -3.71
C GLU A 74 11.86 3.77 -2.71
N THR A 75 11.76 4.38 -1.56
CA THR A 75 10.80 3.88 -0.53
C THR A 75 9.49 4.65 -0.63
N VAL A 76 9.18 5.14 -1.80
CA VAL A 76 7.92 5.90 -1.98
C VAL A 76 7.26 5.48 -3.29
N GLN A 77 5.96 5.35 -3.29
CA GLN A 77 5.24 4.95 -4.54
C GLN A 77 3.94 5.75 -4.63
N PRO A 78 3.79 6.54 -5.68
CA PRO A 78 2.58 7.36 -5.87
C PRO A 78 1.42 6.49 -6.36
N GLY A 79 0.24 6.75 -5.86
CA GLY A 79 -0.95 5.96 -6.31
C GLY A 79 -1.03 4.60 -5.57
N ASP A 80 -0.16 4.34 -4.63
CA ASP A 80 -0.23 3.04 -3.92
C ASP A 80 -1.30 3.10 -2.81
N GLU A 81 -2.00 2.01 -2.55
CA GLU A 81 -3.05 2.06 -1.46
C GLU A 81 -2.40 1.74 -0.10
N ILE A 82 -1.52 2.60 0.37
CA ILE A 82 -0.84 2.34 1.69
C ILE A 82 -1.90 2.21 2.81
N LEU A 83 -1.94 1.08 3.49
CA LEU A 83 -2.95 0.90 4.58
C LEU A 83 -2.47 1.54 5.91
N GLN A 84 -1.23 1.39 6.27
CA GLN A 84 -0.76 1.99 7.56
C GLN A 84 0.41 2.95 7.27
N LEU A 85 0.70 3.85 8.16
CA LEU A 85 1.82 4.80 7.91
C LEU A 85 2.67 4.99 9.16
N GLY A 86 3.60 4.09 9.39
CA GLY A 86 4.51 4.18 10.58
C GLY A 86 3.94 5.08 11.67
N GLY A 87 2.70 4.89 12.03
CA GLY A 87 2.10 5.76 13.09
C GLY A 87 0.67 6.18 12.72
N THR A 88 0.02 5.43 11.85
CA THR A 88 -1.36 5.79 11.48
C THR A 88 -1.93 4.66 10.62
N ALA A 89 -3.17 4.36 10.75
CA ALA A 89 -3.75 3.28 9.92
C ALA A 89 -4.80 3.88 8.98
N MET A 90 -4.53 3.88 7.70
CA MET A 90 -5.49 4.44 6.72
C MET A 90 -6.88 3.84 6.98
N GLN A 91 -6.92 2.67 7.53
CA GLN A 91 -8.24 2.04 7.82
C GLN A 91 -8.90 2.83 8.98
N GLY A 92 -10.22 2.81 9.13
CA GLY A 92 -10.81 3.60 10.25
C GLY A 92 -10.14 4.97 10.33
N LEU A 93 -9.83 5.55 9.19
CA LEU A 93 -9.17 6.88 9.17
C LEU A 93 -9.50 7.57 7.86
N THR A 94 -9.97 8.79 7.91
CA THR A 94 -10.30 9.51 6.65
C THR A 94 -9.01 9.90 5.94
N ARG A 95 -9.11 10.55 4.82
CA ARG A 95 -7.86 10.96 4.10
C ARG A 95 -7.16 12.05 4.90
N PHE A 96 -7.83 13.16 5.12
CA PHE A 96 -7.20 14.26 5.90
C PHE A 96 -6.95 13.81 7.34
N GLU A 97 -7.91 13.18 7.96
CA GLU A 97 -7.69 12.72 9.37
C GLU A 97 -6.50 11.75 9.41
N ALA A 98 -6.36 10.92 8.41
CA ALA A 98 -5.23 9.95 8.40
C ALA A 98 -3.90 10.70 8.25
N TRP A 99 -3.72 11.38 7.15
CA TRP A 99 -2.43 12.11 6.93
C TRP A 99 -2.08 13.00 8.13
N ASN A 100 -3.02 13.29 9.00
CA ASN A 100 -2.69 14.16 10.18
C ASN A 100 -1.97 13.35 11.26
N ILE A 101 -2.51 12.23 11.68
CA ILE A 101 -1.84 11.41 12.74
C ILE A 101 -0.38 11.17 12.37
N ILE A 102 -0.11 10.93 11.13
CA ILE A 102 1.28 10.67 10.70
C ILE A 102 2.14 11.88 11.07
N LYS A 103 1.84 13.00 10.48
CA LYS A 103 2.64 14.23 10.78
C LYS A 103 2.88 14.32 12.28
N ALA A 104 1.95 13.83 13.05
CA ALA A 104 2.09 13.89 14.53
C ALA A 104 2.97 12.74 15.05
N LEU A 105 3.37 11.83 14.21
CA LEU A 105 4.22 10.70 14.69
C LEU A 105 5.60 11.23 15.11
N PRO A 106 6.45 10.37 15.62
CA PRO A 106 7.80 10.76 16.06
C PRO A 106 8.77 10.80 14.87
N ASP A 107 9.91 11.41 15.04
CA ASP A 107 10.89 11.48 13.93
C ASP A 107 11.75 10.23 13.94
N GLY A 108 11.33 9.20 13.27
CA GLY A 108 12.12 7.94 13.25
C GLY A 108 11.75 7.11 12.02
N PRO A 109 11.74 5.80 12.18
CA PRO A 109 11.42 4.87 11.10
C PRO A 109 9.91 4.82 10.85
N VAL A 110 9.43 5.56 9.88
CA VAL A 110 7.99 5.52 9.57
C VAL A 110 7.79 4.38 8.59
N THR A 111 7.19 3.32 9.05
CA THR A 111 7.01 2.16 8.15
C THR A 111 5.71 2.28 7.37
N ILE A 112 5.80 2.08 6.11
CA ILE A 112 4.63 2.16 5.23
C ILE A 112 4.34 0.77 4.65
N VAL A 113 3.13 0.52 4.27
CA VAL A 113 2.80 -0.80 3.68
C VAL A 113 2.01 -0.55 2.40
N ILE A 114 2.71 -0.44 1.31
CA ILE A 114 2.02 -0.18 0.03
C ILE A 114 1.64 -1.49 -0.63
N ARG A 115 0.42 -1.62 -1.05
CA ARG A 115 -0.02 -2.87 -1.71
C ARG A 115 -0.73 -2.49 -3.01
N ARG A 116 -0.12 -2.72 -4.12
CA ARG A 116 -0.76 -2.36 -5.41
C ARG A 116 -1.35 -3.62 -6.05
N LYS A 117 -2.58 -3.57 -6.49
CA LYS A 117 -3.20 -4.78 -7.11
C LYS A 117 -2.78 -4.85 -8.59
N SER A 118 -1.63 -5.38 -8.86
CA SER A 118 -1.15 -5.49 -10.28
C SER A 118 -1.25 -4.12 -10.96
N LEU A 119 -1.33 -4.11 -12.26
CA LEU A 119 -1.41 -2.82 -12.99
C LEU A 119 -0.03 -2.15 -13.00
N GLN A 120 0.87 -2.68 -13.76
CA GLN A 120 2.24 -2.07 -13.82
C GLN A 120 2.15 -0.66 -14.37
N SER A 121 1.07 -0.35 -15.04
CA SER A 121 0.92 1.02 -15.61
C SER A 121 1.87 1.19 -16.81
N LYS A 122 3.11 1.48 -16.56
CA LYS A 122 4.08 1.65 -17.68
C LYS A 122 4.99 0.43 -17.76
N GLU A 123 5.38 0.05 -18.95
CA GLU A 123 6.28 -1.13 -19.09
C GLU A 123 7.69 -0.78 -18.63
N THR A 124 8.36 0.09 -19.34
CA THR A 124 9.74 0.48 -18.93
C THR A 124 10.24 1.62 -19.82
N THR A 125 10.01 1.52 -21.10
CA THR A 125 10.47 2.59 -22.02
C THR A 125 11.92 2.98 -21.68
N ALA A 126 12.30 4.20 -21.94
CA ALA A 126 13.70 4.62 -21.64
C ALA A 126 13.75 5.24 -20.25
N ALA A 127 14.87 5.13 -19.58
CA ALA A 127 14.99 5.72 -18.21
C ALA A 127 16.33 6.42 -18.07
N GLY A 128 17.38 5.68 -17.85
CA GLY A 128 18.73 6.31 -17.70
C GLY A 128 18.71 7.28 -16.52
N ASP A 129 19.54 8.28 -16.56
CA ASP A 129 19.57 9.27 -15.45
C ASP A 129 18.53 10.36 -15.71
N SER A 130 17.59 10.53 -14.82
CA SER A 130 16.56 11.58 -15.02
C SER A 130 17.09 12.92 -14.53
N MET A 1 14.02 -25.95 -50.10
CA MET A 1 12.77 -25.77 -49.29
C MET A 1 12.93 -26.51 -47.95
N PRO A 2 13.24 -25.76 -46.92
CA PRO A 2 13.42 -26.31 -45.56
C PRO A 2 12.07 -26.60 -44.92
N ASP A 3 11.88 -27.79 -44.41
CA ASP A 3 10.58 -28.14 -43.76
C ASP A 3 10.49 -27.47 -42.39
N LEU A 4 9.55 -27.88 -41.59
CA LEU A 4 9.41 -27.27 -40.23
C LEU A 4 8.83 -28.32 -39.27
N ASN A 5 9.61 -28.76 -38.32
CA ASN A 5 9.09 -29.78 -37.36
C ASN A 5 9.17 -29.23 -35.93
N SER A 6 9.98 -28.23 -35.72
CA SER A 6 10.10 -27.65 -34.35
C SER A 6 9.04 -26.55 -34.17
N SER A 7 8.58 -25.98 -35.25
CA SER A 7 7.55 -24.91 -35.13
C SER A 7 8.12 -23.72 -34.35
N THR A 8 7.30 -22.76 -34.01
CA THR A 8 7.79 -21.59 -33.25
C THR A 8 8.35 -22.06 -31.91
N ASP A 9 9.43 -21.49 -31.47
CA ASP A 9 10.03 -21.90 -30.16
C ASP A 9 9.06 -21.55 -29.03
N SER A 10 9.54 -21.51 -27.81
CA SER A 10 8.64 -21.19 -26.67
C SER A 10 8.94 -19.78 -26.16
N ALA A 11 8.61 -19.50 -24.93
CA ALA A 11 8.89 -18.14 -24.38
C ALA A 11 10.07 -18.21 -23.40
N ALA A 12 11.18 -17.62 -23.75
CA ALA A 12 12.36 -17.65 -22.85
C ALA A 12 11.96 -17.16 -21.46
N SER A 13 11.78 -18.05 -20.52
CA SER A 13 11.41 -17.62 -19.15
C SER A 13 12.65 -17.11 -18.41
N ALA A 14 13.57 -17.98 -18.10
CA ALA A 14 14.80 -17.55 -17.38
C ALA A 14 14.44 -16.55 -16.29
N SER A 15 14.21 -17.02 -15.10
CA SER A 15 13.86 -16.10 -13.97
C SER A 15 14.65 -16.49 -12.73
N ALA A 16 15.59 -15.69 -12.33
CA ALA A 16 16.40 -16.02 -11.12
C ALA A 16 16.88 -17.47 -11.22
N ALA A 17 17.19 -18.08 -10.11
CA ALA A 17 17.67 -19.49 -10.14
C ALA A 17 16.77 -20.34 -9.23
N SER A 18 16.92 -20.22 -7.95
CA SER A 18 16.07 -21.02 -7.02
C SER A 18 14.82 -20.22 -6.66
N ASP A 19 14.32 -19.44 -7.58
CA ASP A 19 13.09 -18.64 -7.29
C ASP A 19 11.91 -19.22 -8.07
N VAL A 20 11.54 -20.44 -7.80
CA VAL A 20 10.40 -21.05 -8.54
C VAL A 20 9.26 -21.33 -7.56
N SER A 21 9.15 -20.54 -6.53
CA SER A 21 8.06 -20.76 -5.53
C SER A 21 7.52 -19.41 -5.06
N VAL A 22 6.21 -19.30 -4.94
CA VAL A 22 5.62 -18.01 -4.49
C VAL A 22 4.28 -18.30 -3.79
N GLU A 23 3.96 -17.54 -2.78
CA GLU A 23 2.67 -17.77 -2.06
C GLU A 23 1.67 -16.66 -2.40
N SER A 24 1.66 -16.21 -3.62
CA SER A 24 0.71 -15.13 -4.01
C SER A 24 -0.02 -15.50 -5.31
N THR A 25 0.48 -16.45 -6.05
CA THR A 25 -0.20 -16.83 -7.32
C THR A 25 -0.50 -15.57 -8.13
N ALA A 26 0.44 -14.66 -8.19
CA ALA A 26 0.21 -13.41 -8.96
C ALA A 26 -1.14 -12.80 -8.54
N GLU A 27 -1.20 -12.25 -7.36
CA GLU A 27 -2.46 -11.63 -6.90
C GLU A 27 -2.14 -10.36 -6.11
N ALA A 28 -1.94 -9.29 -6.80
CA ALA A 28 -1.61 -8.01 -6.12
C ALA A 28 -0.20 -8.10 -5.54
N THR A 29 0.42 -6.98 -5.25
CA THR A 29 1.80 -7.03 -4.69
C THR A 29 1.92 -6.00 -3.55
N VAL A 30 2.61 -6.35 -2.51
CA VAL A 30 2.76 -5.40 -1.38
C VAL A 30 4.21 -4.93 -1.29
N CYS A 31 4.42 -3.79 -0.70
CA CYS A 31 5.79 -3.25 -0.56
C CYS A 31 5.91 -2.53 0.79
N THR A 32 6.45 -3.19 1.77
CA THR A 32 6.57 -2.56 3.12
C THR A 32 7.90 -1.78 3.20
N VAL A 33 7.85 -0.53 3.55
CA VAL A 33 9.11 0.26 3.63
C VAL A 33 9.05 1.28 4.78
N THR A 34 10.20 1.79 5.20
CA THR A 34 10.21 2.80 6.28
C THR A 34 10.74 4.12 5.72
N LEU A 35 10.06 5.21 5.98
CA LEU A 35 10.55 6.52 5.44
C LEU A 35 11.14 7.39 6.54
N GLU A 36 12.20 6.93 7.13
CA GLU A 36 12.90 7.68 8.24
C GLU A 36 12.42 9.14 8.32
N LYS A 37 11.55 9.44 9.26
CA LYS A 37 11.07 10.85 9.37
C LYS A 37 11.91 11.57 10.42
N MET A 38 12.95 12.24 10.00
CA MET A 38 13.80 12.97 10.97
C MET A 38 13.95 14.43 10.53
N SER A 39 13.21 14.84 9.53
CA SER A 39 13.30 16.25 9.06
C SER A 39 12.48 16.41 7.77
N ALA A 40 11.24 16.00 7.79
CA ALA A 40 10.40 16.15 6.56
C ALA A 40 9.00 15.60 6.81
N GLY A 41 8.89 14.32 6.95
CA GLY A 41 7.55 13.70 7.19
C GLY A 41 7.18 12.78 6.02
N LEU A 42 7.97 11.75 5.82
CA LEU A 42 7.70 10.79 4.70
C LEU A 42 7.78 11.48 3.33
N GLY A 43 8.01 12.76 3.28
CA GLY A 43 8.08 13.43 1.97
C GLY A 43 6.90 13.00 1.10
N PHE A 44 5.85 12.47 1.68
CA PHE A 44 4.71 12.05 0.84
C PHE A 44 3.39 12.35 1.56
N SER A 45 2.40 12.67 0.80
CA SER A 45 1.05 12.98 1.36
C SER A 45 0.09 11.87 0.91
N LEU A 46 -0.91 11.57 1.69
CA LEU A 46 -1.87 10.49 1.31
C LEU A 46 -3.17 11.08 0.77
N GLU A 47 -3.77 10.46 -0.24
CA GLU A 47 -5.05 11.01 -0.78
C GLU A 47 -6.09 9.90 -0.94
N GLY A 48 -7.34 10.25 -0.88
CA GLY A 48 -8.43 9.23 -1.03
C GLY A 48 -9.55 9.59 -0.06
N GLY A 49 -9.88 8.70 0.83
CA GLY A 49 -10.96 9.01 1.83
C GLY A 49 -10.83 8.07 3.03
N LYS A 50 -11.91 7.65 3.64
CA LYS A 50 -11.82 6.74 4.82
C LYS A 50 -11.53 5.31 4.36
N GLY A 51 -10.49 5.11 3.57
CA GLY A 51 -10.17 3.73 3.12
C GLY A 51 -11.37 3.12 2.39
N SER A 52 -12.26 2.49 3.11
CA SER A 52 -13.44 1.88 2.46
C SER A 52 -14.50 1.54 3.51
N LEU A 53 -15.75 1.71 3.18
CA LEU A 53 -16.82 1.40 4.17
C LEU A 53 -18.18 1.47 3.49
N HIS A 54 -18.38 2.41 2.61
CA HIS A 54 -19.69 2.52 1.91
C HIS A 54 -19.50 3.15 0.53
N GLY A 55 -18.34 2.98 -0.06
CA GLY A 55 -18.10 3.57 -1.41
C GLY A 55 -16.72 3.13 -1.92
N ASP A 56 -15.70 3.95 -1.76
CA ASP A 56 -14.35 3.54 -2.26
C ASP A 56 -13.33 4.67 -2.03
N LYS A 57 -12.63 4.65 -0.93
CA LYS A 57 -11.60 5.71 -0.68
C LYS A 57 -10.26 5.08 -0.33
N PRO A 58 -9.50 4.74 -1.34
CA PRO A 58 -8.17 4.11 -1.14
C PRO A 58 -7.11 5.16 -0.84
N LEU A 59 -6.85 5.43 0.41
CA LEU A 59 -5.82 6.45 0.73
C LEU A 59 -4.54 6.10 -0.04
N THR A 60 -4.19 6.89 -1.02
CA THR A 60 -2.97 6.58 -1.81
C THR A 60 -2.03 7.80 -1.85
N ILE A 61 -0.72 7.61 -1.98
CA ILE A 61 0.19 8.78 -2.03
C ILE A 61 0.02 9.52 -3.34
N ASN A 62 -0.45 10.71 -3.24
CA ASN A 62 -0.66 11.54 -4.48
C ASN A 62 0.46 12.59 -4.66
N ARG A 63 1.07 13.04 -3.60
CA ARG A 63 2.13 14.06 -3.77
C ARG A 63 3.40 13.63 -3.03
N ILE A 64 4.39 13.18 -3.74
CA ILE A 64 5.63 12.74 -3.06
C ILE A 64 6.74 13.75 -3.28
N PHE A 65 7.55 13.92 -2.27
CA PHE A 65 8.68 14.90 -2.37
C PHE A 65 10.01 14.12 -2.37
N LYS A 66 11.09 14.79 -2.64
CA LYS A 66 12.41 14.08 -2.64
C LYS A 66 13.21 14.52 -1.42
N GLY A 67 13.25 13.72 -0.39
CA GLY A 67 14.02 14.08 0.83
C GLY A 67 13.74 13.05 1.92
N ALA A 68 14.77 12.63 2.62
CA ALA A 68 14.57 11.62 3.70
C ALA A 68 14.21 10.27 3.05
N ALA A 69 15.05 9.29 3.24
CA ALA A 69 14.75 7.95 2.65
C ALA A 69 15.77 6.93 3.13
N SER A 70 15.66 5.71 2.69
CA SER A 70 16.63 4.67 3.14
C SER A 70 17.51 4.23 1.96
N GLU A 71 18.12 3.08 2.06
CA GLU A 71 18.97 2.58 0.95
C GLU A 71 18.13 1.73 0.00
N GLN A 72 16.97 2.20 -0.38
CA GLN A 72 16.11 1.41 -1.29
C GLN A 72 15.89 2.20 -2.58
N SER A 73 16.05 1.57 -3.71
CA SER A 73 15.86 2.27 -5.01
C SER A 73 14.67 3.23 -4.92
N GLU A 74 13.59 2.81 -4.33
CA GLU A 74 12.40 3.70 -4.21
C GLU A 74 11.67 3.41 -2.90
N THR A 75 11.87 4.23 -1.90
CA THR A 75 11.18 3.99 -0.59
C THR A 75 9.84 4.71 -0.59
N VAL A 76 9.29 4.97 -1.75
CA VAL A 76 7.97 5.65 -1.81
C VAL A 76 7.06 4.87 -2.76
N GLN A 77 5.84 5.29 -2.89
CA GLN A 77 4.88 4.59 -3.78
C GLN A 77 3.89 5.61 -4.34
N PRO A 78 4.08 5.98 -5.59
CA PRO A 78 3.19 6.95 -6.25
C PRO A 78 1.87 6.29 -6.64
N GLY A 79 0.77 6.84 -6.19
CA GLY A 79 -0.57 6.25 -6.54
C GLY A 79 -0.69 4.84 -5.94
N ASP A 80 0.04 4.54 -4.90
CA ASP A 80 -0.06 3.19 -4.28
C ASP A 80 -1.10 3.20 -3.16
N GLU A 81 -1.68 2.07 -2.82
CA GLU A 81 -2.72 2.08 -1.72
C GLU A 81 -2.05 1.76 -0.36
N ILE A 82 -1.65 2.76 0.42
CA ILE A 82 -1.00 2.50 1.74
C ILE A 82 -2.09 2.31 2.81
N LEU A 83 -2.06 1.22 3.54
CA LEU A 83 -3.11 1.02 4.59
C LEU A 83 -2.76 1.77 5.88
N GLN A 84 -1.52 1.75 6.32
CA GLN A 84 -1.15 2.46 7.57
C GLN A 84 0.27 2.99 7.48
N LEU A 85 0.59 4.01 8.23
CA LEU A 85 1.98 4.56 8.19
C LEU A 85 2.70 4.24 9.50
N GLY A 86 3.92 4.69 9.64
CA GLY A 86 4.66 4.41 10.90
C GLY A 86 3.83 4.81 12.12
N GLY A 87 2.82 5.61 11.96
CA GLY A 87 2.01 6.00 13.16
C GLY A 87 0.60 6.45 12.76
N THR A 88 -0.08 5.68 11.95
CA THR A 88 -1.46 6.05 11.56
C THR A 88 -2.01 4.93 10.68
N ALA A 89 -3.26 4.60 10.84
CA ALA A 89 -3.84 3.53 9.98
C ALA A 89 -5.05 4.10 9.25
N MET A 90 -5.01 4.08 7.95
CA MET A 90 -6.13 4.62 7.15
C MET A 90 -7.40 3.82 7.42
N GLN A 91 -7.42 2.56 7.06
CA GLN A 91 -8.67 1.75 7.29
C GLN A 91 -9.37 2.10 8.61
N GLY A 92 -8.69 2.59 9.62
CA GLY A 92 -9.39 2.96 10.86
C GLY A 92 -9.30 4.48 10.99
N LEU A 93 -9.55 5.19 9.92
CA LEU A 93 -9.43 6.66 9.98
C LEU A 93 -9.98 7.26 8.69
N THR A 94 -9.79 8.53 8.51
CA THR A 94 -10.29 9.20 7.27
C THR A 94 -9.09 9.74 6.50
N ARG A 95 -9.18 9.81 5.20
CA ARG A 95 -8.03 10.32 4.39
C ARG A 95 -7.38 11.53 5.06
N PHE A 96 -8.13 12.57 5.31
CA PHE A 96 -7.52 13.77 5.94
C PHE A 96 -7.04 13.42 7.34
N GLU A 97 -7.90 13.00 8.21
CA GLU A 97 -7.46 12.65 9.58
C GLU A 97 -6.24 11.73 9.47
N ALA A 98 -6.27 10.82 8.55
CA ALA A 98 -5.12 9.89 8.41
C ALA A 98 -3.82 10.67 8.22
N TRP A 99 -3.65 11.30 7.10
CA TRP A 99 -2.39 12.07 6.84
C TRP A 99 -2.08 13.04 7.99
N ASN A 100 -3.03 13.33 8.84
CA ASN A 100 -2.76 14.28 9.96
C ASN A 100 -2.07 13.56 11.15
N ILE A 101 -2.58 12.43 11.57
CA ILE A 101 -1.94 11.72 12.71
C ILE A 101 -0.46 11.49 12.42
N ILE A 102 -0.14 11.11 11.22
CA ILE A 102 1.28 10.87 10.87
C ILE A 102 2.12 12.09 11.25
N LYS A 103 1.85 13.20 10.60
CA LYS A 103 2.62 14.44 10.88
C LYS A 103 2.84 14.60 12.39
N ALA A 104 1.88 14.18 13.17
CA ALA A 104 2.02 14.32 14.65
C ALA A 104 2.96 13.25 15.21
N LEU A 105 3.19 12.19 14.50
CA LEU A 105 4.10 11.13 15.04
C LEU A 105 5.45 11.73 15.41
N PRO A 106 6.31 10.91 15.97
CA PRO A 106 7.66 11.33 16.37
C PRO A 106 8.61 11.29 15.16
N ASP A 107 9.84 11.64 15.36
CA ASP A 107 10.82 11.64 14.24
C ASP A 107 11.62 10.34 14.25
N GLY A 108 11.26 9.39 13.44
CA GLY A 108 12.00 8.09 13.44
C GLY A 108 11.65 7.28 12.18
N PRO A 109 11.65 5.98 12.33
CA PRO A 109 11.34 5.04 11.24
C PRO A 109 9.84 5.01 10.95
N VAL A 110 9.41 5.71 9.93
CA VAL A 110 7.98 5.69 9.58
C VAL A 110 7.78 4.51 8.66
N THR A 111 7.09 3.52 9.11
CA THR A 111 6.89 2.31 8.28
C THR A 111 5.66 2.46 7.40
N ILE A 112 5.83 2.29 6.12
CA ILE A 112 4.70 2.38 5.18
C ILE A 112 4.35 0.98 4.71
N VAL A 113 3.14 0.75 4.31
CA VAL A 113 2.77 -0.60 3.83
C VAL A 113 1.67 -0.45 2.80
N ILE A 114 1.98 -0.66 1.56
CA ILE A 114 0.92 -0.53 0.52
C ILE A 114 0.77 -1.86 -0.21
N ARG A 115 -0.12 -1.88 -1.16
CA ARG A 115 -0.36 -3.12 -1.94
C ARG A 115 -0.83 -2.69 -3.32
N ARG A 116 0.02 -2.74 -4.31
CA ARG A 116 -0.39 -2.31 -5.67
C ARG A 116 -0.98 -3.51 -6.42
N LYS A 117 -1.95 -3.27 -7.26
CA LYS A 117 -2.56 -4.40 -8.03
C LYS A 117 -1.73 -4.67 -9.28
N SER A 118 -1.09 -5.80 -9.35
CA SER A 118 -0.26 -6.11 -10.55
C SER A 118 0.90 -5.11 -10.63
N LEU A 119 2.08 -5.52 -10.24
CA LEU A 119 3.24 -4.60 -10.28
C LEU A 119 4.48 -5.30 -9.70
N GLN A 120 5.40 -5.70 -10.54
CA GLN A 120 6.61 -6.38 -10.03
C GLN A 120 7.33 -5.46 -9.03
N SER A 121 8.50 -5.83 -8.59
CA SER A 121 9.25 -4.97 -7.62
C SER A 121 10.35 -5.79 -6.96
N LYS A 122 9.98 -6.80 -6.21
CA LYS A 122 11.00 -7.64 -5.53
C LYS A 122 11.75 -8.49 -6.57
N GLU A 123 13.04 -8.43 -6.57
CA GLU A 123 13.82 -9.23 -7.56
C GLU A 123 15.31 -9.12 -7.25
N THR A 124 15.79 -9.91 -6.33
CA THR A 124 17.24 -9.85 -5.98
C THR A 124 18.05 -10.49 -7.11
N THR A 125 19.08 -9.83 -7.56
CA THR A 125 19.91 -10.40 -8.65
C THR A 125 21.40 -10.27 -8.29
N ALA A 126 22.27 -10.55 -9.22
CA ALA A 126 23.72 -10.44 -8.93
C ALA A 126 24.04 -9.05 -8.35
N ALA A 127 23.67 -8.02 -9.04
CA ALA A 127 23.95 -6.65 -8.53
C ALA A 127 25.47 -6.42 -8.49
N GLY A 128 25.89 -5.22 -8.20
CA GLY A 128 27.35 -4.94 -8.16
C GLY A 128 27.59 -3.45 -7.95
N ASP A 129 27.41 -2.66 -8.97
CA ASP A 129 27.62 -1.19 -8.83
C ASP A 129 26.29 -0.46 -8.99
N SER A 130 26.29 0.83 -8.78
CA SER A 130 25.01 1.60 -8.92
C SER A 130 25.15 2.59 -10.08
N MET A 1 -22.24 -30.17 -41.93
CA MET A 1 -21.71 -29.54 -43.16
C MET A 1 -20.25 -29.09 -42.96
N PRO A 2 -20.02 -28.34 -41.92
CA PRO A 2 -18.68 -27.83 -41.59
C PRO A 2 -17.83 -28.93 -40.94
N ASP A 3 -18.16 -29.31 -39.73
CA ASP A 3 -17.36 -30.38 -39.06
C ASP A 3 -18.22 -31.10 -38.04
N LEU A 4 -17.79 -32.25 -37.58
CA LEU A 4 -18.61 -33.00 -36.58
C LEU A 4 -18.07 -32.70 -35.17
N ASN A 5 -16.97 -33.27 -34.80
CA ASN A 5 -16.41 -33.00 -33.45
C ASN A 5 -16.07 -31.53 -33.32
N SER A 6 -15.51 -30.94 -34.34
CA SER A 6 -15.16 -29.49 -34.28
C SER A 6 -14.02 -29.29 -33.28
N SER A 7 -12.96 -28.66 -33.69
CA SER A 7 -11.82 -28.43 -32.76
C SER A 7 -11.25 -29.78 -32.31
N THR A 8 -10.20 -29.76 -31.54
CA THR A 8 -9.59 -31.04 -31.08
C THR A 8 -10.41 -31.60 -29.92
N ASP A 9 -10.96 -30.74 -29.10
CA ASP A 9 -11.78 -31.23 -27.95
C ASP A 9 -13.14 -30.55 -27.97
N SER A 10 -14.09 -31.07 -27.23
CA SER A 10 -15.45 -30.45 -27.21
C SER A 10 -15.35 -29.05 -26.61
N ALA A 11 -14.71 -28.91 -25.49
CA ALA A 11 -14.59 -27.57 -24.86
C ALA A 11 -13.94 -27.70 -23.48
N ALA A 12 -12.64 -27.62 -23.41
CA ALA A 12 -11.95 -27.75 -22.09
C ALA A 12 -11.19 -26.46 -21.80
N SER A 13 -10.38 -26.00 -22.72
CA SER A 13 -9.63 -24.75 -22.49
C SER A 13 -10.41 -23.56 -23.04
N ALA A 14 -10.88 -23.66 -24.26
CA ALA A 14 -11.66 -22.54 -24.85
C ALA A 14 -13.15 -22.80 -24.66
N SER A 15 -13.62 -22.70 -23.44
CA SER A 15 -15.07 -22.94 -23.18
C SER A 15 -15.87 -21.69 -23.56
N ALA A 16 -15.40 -20.54 -23.18
CA ALA A 16 -16.13 -19.29 -23.51
C ALA A 16 -15.16 -18.11 -23.51
N ALA A 17 -15.49 -17.06 -24.21
CA ALA A 17 -14.57 -15.87 -24.24
C ALA A 17 -15.07 -14.81 -23.27
N SER A 18 -15.31 -15.18 -22.04
CA SER A 18 -15.80 -14.18 -21.04
C SER A 18 -14.72 -13.97 -19.98
N ASP A 19 -14.35 -12.74 -19.73
CA ASP A 19 -13.31 -12.48 -18.70
C ASP A 19 -13.86 -11.51 -17.66
N VAL A 20 -14.22 -12.00 -16.51
CA VAL A 20 -14.76 -11.10 -15.46
C VAL A 20 -13.82 -9.90 -15.26
N SER A 21 -14.37 -8.74 -15.05
CA SER A 21 -13.50 -7.54 -14.87
C SER A 21 -12.37 -7.87 -13.90
N VAL A 22 -11.21 -8.18 -14.42
CA VAL A 22 -10.06 -8.51 -13.53
C VAL A 22 -9.75 -7.31 -12.63
N GLU A 23 -8.54 -7.21 -12.15
CA GLU A 23 -8.19 -6.08 -11.26
C GLU A 23 -9.27 -5.89 -10.20
N SER A 24 -9.37 -6.81 -9.28
CA SER A 24 -10.42 -6.69 -8.22
C SER A 24 -9.87 -7.24 -6.90
N THR A 25 -9.01 -6.49 -6.25
CA THR A 25 -8.44 -6.96 -4.96
C THR A 25 -8.13 -8.45 -5.04
N ALA A 26 -6.96 -8.81 -5.51
CA ALA A 26 -6.62 -10.25 -5.62
C ALA A 26 -5.18 -10.41 -6.12
N GLU A 27 -4.42 -11.26 -5.50
CA GLU A 27 -3.00 -11.49 -5.94
C GLU A 27 -2.27 -10.15 -6.02
N ALA A 28 -2.74 -9.18 -5.31
CA ALA A 28 -2.07 -7.84 -5.33
C ALA A 28 -0.62 -8.00 -4.87
N THR A 29 0.11 -6.92 -4.78
CA THR A 29 1.54 -7.03 -4.34
C THR A 29 1.77 -6.08 -3.16
N VAL A 30 2.42 -6.55 -2.13
CA VAL A 30 2.67 -5.67 -0.96
C VAL A 30 4.17 -5.40 -0.83
N CYS A 31 4.51 -4.24 -0.37
CA CYS A 31 5.95 -3.90 -0.18
C CYS A 31 6.10 -3.06 1.08
N THR A 32 6.25 -3.70 2.21
CA THR A 32 6.39 -2.94 3.49
C THR A 32 7.73 -2.23 3.52
N VAL A 33 7.73 -0.95 3.76
CA VAL A 33 9.01 -0.18 3.80
C VAL A 33 9.01 0.83 4.93
N THR A 34 10.16 1.30 5.34
CA THR A 34 10.21 2.32 6.42
C THR A 34 10.76 3.64 5.89
N LEU A 35 10.08 4.71 6.16
CA LEU A 35 10.58 6.03 5.71
C LEU A 35 11.19 6.73 6.93
N GLU A 36 11.99 7.73 6.74
CA GLU A 36 12.60 8.40 7.92
C GLU A 36 11.91 9.74 8.16
N LYS A 37 11.06 9.83 9.14
CA LYS A 37 10.37 11.13 9.42
C LYS A 37 11.32 12.05 10.18
N MET A 38 11.65 13.18 9.63
CA MET A 38 12.58 14.12 10.34
C MET A 38 12.00 15.53 10.32
N SER A 39 11.36 15.92 9.25
CA SER A 39 10.77 17.29 9.20
C SER A 39 10.25 17.58 7.79
N ALA A 40 9.59 16.62 7.18
CA ALA A 40 9.04 16.84 5.81
C ALA A 40 7.89 15.88 5.56
N GLY A 41 7.19 15.50 6.60
CA GLY A 41 6.05 14.55 6.42
C GLY A 41 6.46 13.43 5.46
N LEU A 42 7.44 12.66 5.84
CA LEU A 42 7.90 11.54 4.96
C LEU A 42 8.00 12.00 3.50
N GLY A 43 8.09 13.28 3.29
CA GLY A 43 8.18 13.77 1.89
C GLY A 43 7.02 13.22 1.07
N PHE A 44 6.01 12.65 1.68
CA PHE A 44 4.88 12.14 0.88
C PHE A 44 3.56 12.42 1.61
N SER A 45 2.56 12.77 0.85
CA SER A 45 1.22 13.06 1.44
C SER A 45 0.22 12.01 0.94
N LEU A 46 -0.66 11.56 1.81
CA LEU A 46 -1.65 10.51 1.40
C LEU A 46 -2.93 11.14 0.86
N GLU A 47 -3.51 10.54 -0.15
CA GLU A 47 -4.78 11.10 -0.71
C GLU A 47 -5.80 9.97 -0.87
N GLY A 48 -7.06 10.32 -0.88
CA GLY A 48 -8.13 9.29 -1.01
C GLY A 48 -9.40 9.84 -0.36
N GLY A 49 -9.88 9.24 0.69
CA GLY A 49 -11.10 9.80 1.35
C GLY A 49 -12.17 8.72 1.55
N LYS A 50 -12.92 8.79 2.63
CA LYS A 50 -13.97 7.76 2.87
C LYS A 50 -14.75 7.50 1.57
N GLY A 51 -14.89 6.26 1.19
CA GLY A 51 -15.63 5.95 -0.05
C GLY A 51 -17.00 5.37 0.33
N SER A 52 -17.43 4.30 -0.31
CA SER A 52 -18.75 3.71 0.03
C SER A 52 -19.02 2.50 -0.85
N LEU A 53 -19.28 2.73 -2.11
CA LEU A 53 -19.54 1.61 -3.05
C LEU A 53 -18.51 1.64 -4.18
N HIS A 54 -17.29 1.98 -3.86
CA HIS A 54 -16.24 2.02 -4.92
C HIS A 54 -14.95 1.36 -4.40
N GLY A 55 -14.69 1.42 -3.12
CA GLY A 55 -13.44 0.78 -2.60
C GLY A 55 -13.04 1.42 -1.27
N ASP A 56 -13.97 1.62 -0.37
CA ASP A 56 -13.62 2.24 0.94
C ASP A 56 -12.66 3.42 0.73
N LYS A 57 -11.81 3.69 1.68
CA LYS A 57 -10.86 4.83 1.55
C LYS A 57 -9.42 4.30 1.36
N PRO A 58 -9.07 4.03 0.13
CA PRO A 58 -7.72 3.54 -0.20
C PRO A 58 -6.74 4.71 -0.20
N LEU A 59 -6.57 5.34 0.93
CA LEU A 59 -5.62 6.49 1.01
C LEU A 59 -4.35 6.13 0.23
N THR A 60 -4.00 6.90 -0.77
CA THR A 60 -2.79 6.55 -1.57
C THR A 60 -1.83 7.77 -1.62
N ILE A 61 -0.54 7.58 -1.83
CA ILE A 61 0.37 8.76 -1.89
C ILE A 61 0.17 9.49 -3.22
N ASN A 62 -0.21 10.71 -3.15
CA ASN A 62 -0.44 11.51 -4.39
C ASN A 62 0.70 12.50 -4.65
N ARG A 63 1.11 13.23 -3.67
CA ARG A 63 2.19 14.23 -3.89
C ARG A 63 3.43 13.85 -3.09
N ILE A 64 4.42 13.31 -3.76
CA ILE A 64 5.67 12.92 -3.06
C ILE A 64 6.75 13.95 -3.29
N PHE A 65 7.59 14.14 -2.32
CA PHE A 65 8.70 15.13 -2.46
C PHE A 65 10.03 14.43 -2.23
N LYS A 66 10.28 13.95 -1.03
CA LYS A 66 11.55 13.26 -0.74
C LYS A 66 11.75 13.26 0.78
N GLY A 67 11.37 12.22 1.45
CA GLY A 67 11.55 12.16 2.92
C GLY A 67 12.72 11.25 3.27
N ALA A 68 13.76 11.29 2.47
CA ALA A 68 14.93 10.41 2.76
C ALA A 68 14.44 8.99 3.05
N ALA A 69 15.31 8.13 3.48
CA ALA A 69 14.88 6.74 3.79
C ALA A 69 15.64 6.23 5.02
N SER A 70 15.31 5.06 5.49
CA SER A 70 16.02 4.52 6.68
C SER A 70 17.07 3.50 6.24
N GLU A 71 16.90 2.94 5.07
CA GLU A 71 17.89 1.94 4.57
C GLU A 71 17.35 1.30 3.29
N GLN A 72 16.76 2.08 2.43
CA GLN A 72 16.22 1.51 1.17
C GLN A 72 15.88 2.63 0.19
N SER A 73 16.32 2.49 -1.04
CA SER A 73 16.02 3.54 -2.05
C SER A 73 14.68 3.22 -2.71
N GLU A 74 13.98 4.21 -3.18
CA GLU A 74 12.66 3.95 -3.82
C GLU A 74 11.70 3.39 -2.77
N THR A 75 11.65 4.02 -1.62
CA THR A 75 10.75 3.54 -0.55
C THR A 75 9.42 4.31 -0.60
N VAL A 76 9.00 4.66 -1.78
CA VAL A 76 7.72 5.41 -1.93
C VAL A 76 7.02 4.95 -3.21
N GLN A 77 5.78 5.33 -3.40
CA GLN A 77 5.07 4.90 -4.63
C GLN A 77 4.04 5.97 -5.02
N PRO A 78 3.84 6.14 -6.31
CA PRO A 78 2.88 7.12 -6.85
C PRO A 78 1.44 6.60 -6.76
N GLY A 79 0.69 7.05 -5.80
CA GLY A 79 -0.74 6.61 -5.68
C GLY A 79 -0.85 5.19 -5.13
N ASP A 80 0.17 4.67 -4.51
CA ASP A 80 0.06 3.27 -3.96
C ASP A 80 -1.06 3.25 -2.90
N GLU A 81 -1.69 2.12 -2.68
CA GLU A 81 -2.80 2.09 -1.65
C GLU A 81 -2.21 1.81 -0.27
N ILE A 82 -1.33 2.66 0.20
CA ILE A 82 -0.72 2.46 1.56
C ILE A 82 -1.84 2.32 2.61
N LEU A 83 -1.96 1.18 3.26
CA LEU A 83 -3.05 1.01 4.28
C LEU A 83 -2.65 1.66 5.61
N GLN A 84 -1.46 1.38 6.10
CA GLN A 84 -1.03 1.99 7.40
C GLN A 84 0.14 2.92 7.14
N LEU A 85 0.41 3.82 8.05
CA LEU A 85 1.55 4.76 7.82
C LEU A 85 2.35 4.92 9.11
N GLY A 86 3.41 4.16 9.26
CA GLY A 86 4.24 4.28 10.49
C GLY A 86 3.36 4.20 11.73
N GLY A 87 2.83 5.32 12.15
CA GLY A 87 1.95 5.30 13.38
C GLY A 87 0.54 5.78 13.03
N THR A 88 -0.09 5.17 12.06
CA THR A 88 -1.46 5.56 11.70
C THR A 88 -2.04 4.49 10.80
N ALA A 89 -3.31 4.31 10.83
CA ALA A 89 -3.92 3.30 9.93
C ALA A 89 -4.97 3.99 9.07
N MET A 90 -4.79 3.97 7.77
CA MET A 90 -5.76 4.63 6.88
C MET A 90 -7.14 3.98 7.02
N GLN A 91 -7.26 2.73 6.70
CA GLN A 91 -8.61 2.07 6.79
C GLN A 91 -9.40 2.51 8.05
N GLY A 92 -8.78 2.80 9.16
CA GLY A 92 -9.57 3.27 10.33
C GLY A 92 -9.21 4.73 10.53
N LEU A 93 -9.21 5.49 9.46
CA LEU A 93 -8.84 6.92 9.56
C LEU A 93 -9.34 7.62 8.29
N THR A 94 -9.74 8.85 8.39
CA THR A 94 -10.20 9.57 7.19
C THR A 94 -8.99 9.82 6.30
N ARG A 95 -9.17 10.46 5.17
CA ARG A 95 -7.97 10.71 4.32
C ARG A 95 -7.13 11.81 4.95
N PHE A 96 -7.68 12.98 5.13
CA PHE A 96 -6.90 14.07 5.75
C PHE A 96 -6.61 13.73 7.22
N GLU A 97 -7.57 13.21 7.93
CA GLU A 97 -7.31 12.87 9.35
C GLU A 97 -6.16 11.87 9.43
N ALA A 98 -6.12 10.92 8.55
CA ALA A 98 -5.01 9.91 8.59
C ALA A 98 -3.67 10.59 8.41
N TRP A 99 -3.46 11.19 7.28
CA TRP A 99 -2.15 11.88 7.02
C TRP A 99 -1.76 12.78 8.20
N ASN A 100 -2.71 13.21 9.00
CA ASN A 100 -2.37 14.09 10.16
C ASN A 100 -1.81 13.25 11.33
N ILE A 101 -2.46 12.17 11.70
CA ILE A 101 -1.95 11.34 12.83
C ILE A 101 -0.47 11.06 12.61
N ILE A 102 -0.08 10.80 11.41
CA ILE A 102 1.34 10.51 11.14
C ILE A 102 2.18 11.72 11.52
N LYS A 103 1.89 12.84 10.91
CA LYS A 103 2.66 14.08 11.23
C LYS A 103 2.90 14.14 12.74
N ALA A 104 2.03 13.57 13.51
CA ALA A 104 2.20 13.59 14.99
C ALA A 104 3.19 12.51 15.45
N LEU A 105 3.36 11.45 14.71
CA LEU A 105 4.32 10.39 15.15
C LEU A 105 5.70 11.02 15.42
N PRO A 106 6.65 10.23 15.89
CA PRO A 106 8.01 10.74 16.18
C PRO A 106 8.84 10.82 14.90
N ASP A 107 10.03 11.33 14.99
CA ASP A 107 10.89 11.44 13.79
C ASP A 107 11.84 10.25 13.72
N GLY A 108 11.44 9.19 13.07
CA GLY A 108 12.31 7.99 12.96
C GLY A 108 11.90 7.16 11.74
N PRO A 109 11.99 5.87 11.87
CA PRO A 109 11.63 4.92 10.80
C PRO A 109 10.10 4.79 10.69
N VAL A 110 9.52 5.45 9.75
CA VAL A 110 8.05 5.35 9.57
C VAL A 110 7.79 4.13 8.70
N THR A 111 7.08 3.18 9.23
CA THR A 111 6.84 1.93 8.44
C THR A 111 5.60 2.10 7.57
N ILE A 112 5.78 1.91 6.29
CA ILE A 112 4.65 2.04 5.35
C ILE A 112 4.29 0.67 4.80
N VAL A 113 3.06 0.49 4.38
CA VAL A 113 2.67 -0.82 3.81
C VAL A 113 1.95 -0.55 2.51
N ILE A 114 2.69 -0.49 1.44
CA ILE A 114 2.05 -0.20 0.12
C ILE A 114 1.62 -1.50 -0.54
N ARG A 115 0.41 -1.56 -1.00
CA ARG A 115 -0.08 -2.78 -1.67
C ARG A 115 -0.54 -2.38 -3.07
N ARG A 116 0.24 -2.65 -4.07
CA ARG A 116 -0.17 -2.27 -5.45
C ARG A 116 -0.96 -3.42 -6.06
N LYS A 117 -1.70 -3.16 -7.11
CA LYS A 117 -2.49 -4.25 -7.74
C LYS A 117 -2.18 -4.31 -9.23
N SER A 118 -1.87 -5.49 -9.73
CA SER A 118 -1.55 -5.62 -11.17
C SER A 118 -2.74 -6.25 -11.91
N LEU A 119 -2.90 -5.94 -13.17
CA LEU A 119 -4.03 -6.51 -13.93
C LEU A 119 -3.60 -7.82 -14.61
N GLN A 120 -3.54 -8.89 -13.85
CA GLN A 120 -3.13 -10.19 -14.45
C GLN A 120 -3.59 -11.33 -13.55
N SER A 121 -4.76 -11.21 -12.96
CA SER A 121 -5.26 -12.29 -12.07
C SER A 121 -5.92 -13.37 -12.92
N LYS A 122 -5.65 -14.62 -12.64
CA LYS A 122 -6.25 -15.72 -13.44
C LYS A 122 -7.57 -16.16 -12.77
N GLU A 123 -8.53 -15.28 -12.70
CA GLU A 123 -9.83 -15.66 -12.06
C GLU A 123 -10.28 -17.02 -12.59
N THR A 124 -9.93 -17.35 -13.80
CA THR A 124 -10.35 -18.66 -14.37
C THR A 124 -10.05 -19.77 -13.37
N THR A 125 -10.97 -20.68 -13.18
CA THR A 125 -10.73 -21.80 -12.22
C THR A 125 -10.17 -21.23 -10.91
N ALA A 126 -11.02 -20.94 -9.97
CA ALA A 126 -10.54 -20.40 -8.67
C ALA A 126 -9.90 -21.53 -7.86
N ALA A 127 -10.44 -22.71 -7.94
CA ALA A 127 -9.87 -23.85 -7.19
C ALA A 127 -9.73 -25.06 -8.13
N GLY A 128 -10.81 -25.52 -8.67
CA GLY A 128 -10.75 -26.69 -9.59
C GLY A 128 -11.80 -26.53 -10.69
N ASP A 129 -12.02 -27.56 -11.47
CA ASP A 129 -13.04 -27.47 -12.56
C ASP A 129 -14.38 -27.96 -12.04
N SER A 130 -14.47 -29.21 -11.70
CA SER A 130 -15.77 -29.75 -11.18
C SER A 130 -16.06 -29.15 -9.80
N MET A 1 10.00 -44.66 17.48
CA MET A 1 11.39 -44.47 17.98
C MET A 1 12.38 -44.94 16.91
N PRO A 2 12.63 -44.09 15.95
CA PRO A 2 13.57 -44.38 14.85
C PRO A 2 15.02 -44.19 15.31
N ASP A 3 15.84 -45.18 15.14
CA ASP A 3 17.25 -45.05 15.59
C ASP A 3 18.05 -46.30 15.20
N LEU A 4 17.80 -47.41 15.84
CA LEU A 4 18.54 -48.64 15.52
C LEU A 4 17.86 -49.38 14.36
N ASN A 5 16.55 -49.42 14.34
CA ASN A 5 15.85 -50.12 13.24
C ASN A 5 15.94 -49.28 11.96
N SER A 6 15.07 -49.51 11.02
CA SER A 6 15.10 -48.74 9.75
C SER A 6 13.70 -48.23 9.43
N SER A 7 13.52 -47.62 8.29
CA SER A 7 12.17 -47.10 7.93
C SER A 7 12.09 -46.93 6.41
N THR A 8 12.97 -46.17 5.84
CA THR A 8 12.94 -45.96 4.36
C THR A 8 11.55 -45.50 3.94
N ASP A 9 11.08 -44.41 4.49
CA ASP A 9 9.72 -43.91 4.12
C ASP A 9 9.67 -42.40 4.35
N SER A 10 9.21 -41.65 3.40
CA SER A 10 9.13 -40.17 3.56
C SER A 10 7.68 -39.75 3.77
N ALA A 11 6.80 -40.16 2.91
CA ALA A 11 5.37 -39.78 3.06
C ALA A 11 5.24 -38.26 3.14
N ALA A 12 6.11 -37.55 2.48
CA ALA A 12 6.05 -36.05 2.53
C ALA A 12 5.91 -35.61 3.98
N SER A 13 6.67 -36.18 4.88
CA SER A 13 6.57 -35.79 6.30
C SER A 13 7.97 -35.53 6.87
N ALA A 14 8.98 -35.64 6.05
CA ALA A 14 10.37 -35.41 6.54
C ALA A 14 10.75 -33.94 6.31
N SER A 15 10.79 -33.53 5.07
CA SER A 15 11.15 -32.11 4.78
C SER A 15 9.97 -31.41 4.12
N ALA A 16 10.21 -30.29 3.50
CA ALA A 16 9.10 -29.54 2.82
C ALA A 16 8.81 -30.16 1.46
N ALA A 17 9.64 -29.90 0.49
CA ALA A 17 9.43 -30.47 -0.87
C ALA A 17 8.35 -29.67 -1.61
N SER A 18 7.23 -29.46 -0.99
CA SER A 18 6.14 -28.70 -1.65
C SER A 18 5.82 -27.43 -0.86
N ASP A 19 5.01 -26.56 -1.40
CA ASP A 19 4.67 -25.30 -0.67
C ASP A 19 3.22 -25.38 -0.19
N VAL A 20 2.87 -24.62 0.81
CA VAL A 20 1.47 -24.65 1.31
C VAL A 20 1.12 -23.31 1.96
N SER A 21 -0.08 -22.85 1.76
CA SER A 21 -0.49 -21.55 2.36
C SER A 21 0.17 -20.40 1.60
N VAL A 22 -0.60 -19.58 0.93
CA VAL A 22 -0.01 -18.45 0.19
C VAL A 22 0.75 -18.97 -1.04
N GLU A 23 0.52 -18.38 -2.19
CA GLU A 23 1.23 -18.85 -3.42
C GLU A 23 2.60 -18.18 -3.50
N SER A 24 3.42 -18.59 -4.43
CA SER A 24 4.77 -17.96 -4.56
C SER A 24 4.64 -16.60 -5.25
N THR A 25 4.38 -15.57 -4.50
CA THR A 25 4.25 -14.22 -5.10
C THR A 25 3.16 -14.25 -6.18
N ALA A 26 1.93 -14.02 -5.81
CA ALA A 26 0.84 -14.04 -6.82
C ALA A 26 -0.38 -13.29 -6.26
N GLU A 27 -1.14 -12.66 -7.12
CA GLU A 27 -2.35 -11.92 -6.66
C GLU A 27 -1.93 -10.73 -5.79
N ALA A 28 -1.86 -9.58 -6.38
CA ALA A 28 -1.48 -8.36 -5.61
C ALA A 28 -0.03 -8.48 -5.12
N THR A 29 0.60 -7.37 -4.84
CA THR A 29 2.01 -7.41 -4.35
C THR A 29 2.20 -6.34 -3.27
N VAL A 30 2.73 -6.70 -2.14
CA VAL A 30 2.93 -5.70 -1.05
C VAL A 30 4.42 -5.36 -0.93
N CYS A 31 4.71 -4.18 -0.47
CA CYS A 31 6.13 -3.78 -0.29
C CYS A 31 6.25 -2.92 0.97
N THR A 32 6.46 -3.54 2.10
CA THR A 32 6.56 -2.78 3.38
C THR A 32 7.86 -1.96 3.37
N VAL A 33 7.77 -0.68 3.65
CA VAL A 33 8.99 0.19 3.63
C VAL A 33 8.95 1.19 4.78
N THR A 34 10.08 1.76 5.12
CA THR A 34 10.12 2.78 6.20
C THR A 34 10.51 4.13 5.61
N LEU A 35 9.85 5.19 5.98
CA LEU A 35 10.23 6.53 5.41
C LEU A 35 10.77 7.46 6.48
N GLU A 36 11.89 7.11 7.04
CA GLU A 36 12.55 7.94 8.12
C GLU A 36 11.94 9.34 8.19
N LYS A 37 11.15 9.61 9.20
CA LYS A 37 10.53 10.96 9.31
C LYS A 37 11.54 11.94 9.91
N MET A 38 11.70 13.08 9.30
CA MET A 38 12.66 14.09 9.82
C MET A 38 11.90 15.36 10.17
N SER A 39 11.20 15.93 9.22
CA SER A 39 10.44 17.18 9.50
C SER A 39 9.96 17.80 8.19
N ALA A 40 9.20 17.07 7.40
CA ALA A 40 8.72 17.63 6.10
C ALA A 40 7.68 16.69 5.48
N GLY A 41 6.98 15.93 6.28
CA GLY A 41 5.95 15.01 5.71
C GLY A 41 6.63 13.77 5.15
N LEU A 42 7.53 13.17 5.90
CA LEU A 42 8.26 11.95 5.46
C LEU A 42 8.41 11.89 3.94
N GLY A 43 8.58 13.01 3.30
CA GLY A 43 8.75 13.01 1.84
C GLY A 43 7.47 12.57 1.14
N PHE A 44 6.41 12.30 1.85
CA PHE A 44 5.18 11.88 1.14
C PHE A 44 3.92 12.22 1.93
N SER A 45 2.86 12.46 1.20
CA SER A 45 1.54 12.80 1.80
C SER A 45 0.48 11.86 1.21
N LEU A 46 -0.59 11.62 1.92
CA LEU A 46 -1.65 10.68 1.42
C LEU A 46 -2.88 11.46 0.88
N GLU A 47 -3.56 10.94 -0.13
CA GLU A 47 -4.76 11.67 -0.64
C GLU A 47 -5.85 10.71 -1.12
N GLY A 48 -7.08 11.12 -1.01
CA GLY A 48 -8.22 10.25 -1.42
C GLY A 48 -9.16 10.16 -0.22
N GLY A 49 -9.28 8.99 0.35
CA GLY A 49 -10.17 8.86 1.56
C GLY A 49 -11.64 8.97 1.14
N LYS A 50 -12.45 9.64 1.92
CA LYS A 50 -13.90 9.77 1.56
C LYS A 50 -14.03 10.13 0.07
N GLY A 51 -14.36 9.17 -0.74
CA GLY A 51 -14.51 9.46 -2.20
C GLY A 51 -16.01 9.45 -2.55
N SER A 52 -16.49 8.36 -3.09
CA SER A 52 -17.93 8.29 -3.45
C SER A 52 -18.44 6.86 -3.27
N LEU A 53 -19.49 6.50 -3.95
CA LEU A 53 -20.03 5.11 -3.82
C LEU A 53 -19.73 4.32 -5.10
N HIS A 54 -18.60 4.56 -5.71
CA HIS A 54 -18.27 3.83 -6.97
C HIS A 54 -17.03 2.96 -6.75
N GLY A 55 -16.57 2.87 -5.52
CA GLY A 55 -15.36 2.04 -5.25
C GLY A 55 -15.05 2.07 -3.75
N ASP A 56 -14.40 3.10 -3.27
CA ASP A 56 -14.07 3.16 -1.81
C ASP A 56 -13.09 4.31 -1.56
N LYS A 57 -12.50 4.34 -0.39
CA LYS A 57 -11.52 5.43 -0.07
C LYS A 57 -10.12 4.84 0.12
N PRO A 58 -9.42 4.66 -0.97
CA PRO A 58 -8.06 4.09 -0.96
C PRO A 58 -7.00 5.19 -0.74
N LEU A 59 -6.87 5.70 0.45
CA LEU A 59 -5.82 6.75 0.66
C LEU A 59 -4.52 6.28 0.01
N THR A 60 -3.99 7.05 -0.91
CA THR A 60 -2.75 6.63 -1.61
C THR A 60 -1.75 7.81 -1.60
N ILE A 61 -0.46 7.58 -1.81
CA ILE A 61 0.49 8.73 -1.81
C ILE A 61 0.35 9.51 -3.12
N ASN A 62 -0.06 10.72 -3.01
CA ASN A 62 -0.20 11.59 -4.23
C ASN A 62 0.93 12.62 -4.31
N ARG A 63 1.28 13.24 -3.22
CA ARG A 63 2.35 14.27 -3.28
C ARG A 63 3.62 13.77 -2.61
N ILE A 64 4.55 13.24 -3.37
CA ILE A 64 5.81 12.75 -2.77
C ILE A 64 6.90 13.81 -2.94
N PHE A 65 7.75 13.92 -1.97
CA PHE A 65 8.83 14.94 -2.06
C PHE A 65 10.19 14.25 -2.26
N LYS A 66 10.59 13.41 -1.35
CA LYS A 66 11.90 12.73 -1.49
C LYS A 66 11.74 11.25 -1.16
N GLY A 67 12.09 10.38 -2.07
CA GLY A 67 11.97 8.92 -1.80
C GLY A 67 13.30 8.38 -1.30
N ALA A 68 13.64 7.17 -1.67
CA ALA A 68 14.93 6.60 -1.21
C ALA A 68 14.97 6.64 0.32
N ALA A 69 14.79 5.51 0.96
CA ALA A 69 14.83 5.49 2.44
C ALA A 69 16.23 5.89 2.90
N SER A 70 16.56 5.66 4.14
CA SER A 70 17.93 6.04 4.62
C SER A 70 18.96 5.66 3.56
N GLU A 71 18.97 4.43 3.16
CA GLU A 71 19.94 3.99 2.11
C GLU A 71 19.21 3.20 1.01
N GLN A 72 18.04 2.71 1.30
CA GLN A 72 17.29 1.92 0.27
C GLN A 72 17.27 2.69 -1.06
N SER A 73 16.72 2.09 -2.08
CA SER A 73 16.66 2.76 -3.41
C SER A 73 15.34 3.52 -3.54
N GLU A 74 14.27 2.82 -3.75
CA GLU A 74 12.95 3.51 -3.90
C GLU A 74 11.96 2.97 -2.85
N THR A 75 11.71 3.73 -1.82
CA THR A 75 10.78 3.26 -0.76
C THR A 75 9.47 4.05 -0.85
N VAL A 76 9.10 4.46 -2.03
CA VAL A 76 7.83 5.23 -2.18
C VAL A 76 7.12 4.82 -3.47
N GLN A 77 5.88 5.19 -3.60
CA GLN A 77 5.13 4.83 -4.83
C GLN A 77 4.11 5.92 -5.13
N PRO A 78 3.97 6.27 -6.38
CA PRO A 78 3.04 7.33 -6.81
C PRO A 78 1.60 6.79 -6.89
N GLY A 79 0.78 7.16 -5.95
CA GLY A 79 -0.65 6.70 -5.97
C GLY A 79 -0.80 5.26 -5.45
N ASP A 80 0.16 4.75 -4.72
CA ASP A 80 0.00 3.35 -4.20
C ASP A 80 -1.15 3.33 -3.19
N GLU A 81 -1.76 2.19 -2.96
CA GLU A 81 -2.88 2.17 -1.95
C GLU A 81 -2.31 1.80 -0.59
N ILE A 82 -1.39 2.58 -0.10
CA ILE A 82 -0.79 2.27 1.26
C ILE A 82 -1.95 2.16 2.26
N LEU A 83 -2.00 1.10 3.04
CA LEU A 83 -3.14 0.96 4.02
C LEU A 83 -2.88 1.78 5.28
N GLN A 84 -1.67 1.78 5.78
CA GLN A 84 -1.39 2.54 7.03
C GLN A 84 0.02 3.13 6.96
N LEU A 85 0.31 4.07 7.81
CA LEU A 85 1.67 4.67 7.79
C LEU A 85 2.44 4.16 9.01
N GLY A 86 3.62 4.68 9.24
CA GLY A 86 4.41 4.21 10.41
C GLY A 86 3.74 4.67 11.70
N GLY A 87 2.67 5.42 11.61
CA GLY A 87 1.99 5.89 12.87
C GLY A 87 0.51 6.20 12.61
N THR A 88 -0.10 5.55 11.64
CA THR A 88 -1.54 5.82 11.40
C THR A 88 -2.06 4.75 10.45
N ALA A 89 -3.32 4.47 10.52
CA ALA A 89 -3.91 3.47 9.59
C ALA A 89 -5.16 4.08 8.97
N MET A 90 -5.25 4.05 7.66
CA MET A 90 -6.43 4.64 6.97
C MET A 90 -7.66 3.76 7.17
N GLN A 91 -7.61 2.55 6.70
CA GLN A 91 -8.81 1.66 6.80
C GLN A 91 -9.60 1.90 8.11
N GLY A 92 -9.00 2.33 9.18
CA GLY A 92 -9.79 2.60 10.40
C GLY A 92 -9.69 4.10 10.67
N LEU A 93 -9.90 4.91 9.65
CA LEU A 93 -9.78 6.37 9.86
C LEU A 93 -10.34 7.11 8.65
N THR A 94 -10.02 8.37 8.54
CA THR A 94 -10.53 9.18 7.39
C THR A 94 -9.36 9.61 6.51
N ARG A 95 -9.55 10.60 5.67
CA ARG A 95 -8.41 11.03 4.80
C ARG A 95 -7.49 11.99 5.58
N PHE A 96 -7.96 13.15 5.94
CA PHE A 96 -7.07 14.09 6.68
C PHE A 96 -6.68 13.47 8.01
N GLU A 97 -7.61 12.90 8.71
CA GLU A 97 -7.28 12.27 10.02
C GLU A 97 -6.09 11.34 9.83
N ALA A 98 -6.09 10.52 8.81
CA ALA A 98 -4.95 9.58 8.60
C ALA A 98 -3.64 10.34 8.42
N TRP A 99 -3.49 11.04 7.33
CA TRP A 99 -2.21 11.77 7.10
C TRP A 99 -1.90 12.74 8.25
N ASN A 100 -2.85 12.99 9.13
CA ASN A 100 -2.58 13.93 10.26
C ASN A 100 -1.84 13.21 11.41
N ILE A 101 -2.28 12.04 11.83
CA ILE A 101 -1.59 11.35 12.94
C ILE A 101 -0.11 11.16 12.60
N ILE A 102 0.17 10.80 11.37
CA ILE A 102 1.58 10.57 10.98
C ILE A 102 2.40 11.81 11.31
N LYS A 103 2.06 12.92 10.74
CA LYS A 103 2.82 14.18 11.01
C LYS A 103 3.12 14.30 12.50
N ALA A 104 2.20 13.87 13.32
CA ALA A 104 2.40 13.98 14.80
C ALA A 104 3.25 12.82 15.32
N LEU A 105 3.61 11.89 14.48
CA LEU A 105 4.45 10.74 14.95
C LEU A 105 5.85 11.25 15.34
N PRO A 106 6.67 10.36 15.86
CA PRO A 106 8.04 10.70 16.27
C PRO A 106 9.00 10.72 15.07
N ASP A 107 10.02 11.53 15.13
CA ASP A 107 10.99 11.60 14.00
C ASP A 107 11.84 10.33 13.99
N GLY A 108 11.36 9.29 13.38
CA GLY A 108 12.15 8.02 13.35
C GLY A 108 11.77 7.19 12.12
N PRO A 109 11.82 5.88 12.27
CA PRO A 109 11.49 4.93 11.20
C PRO A 109 9.98 4.82 11.01
N VAL A 110 9.44 5.53 10.05
CA VAL A 110 7.98 5.44 9.79
C VAL A 110 7.77 4.30 8.82
N THR A 111 7.10 3.28 9.25
CA THR A 111 6.90 2.10 8.36
C THR A 111 5.63 2.26 7.53
N ILE A 112 5.75 2.08 6.25
CA ILE A 112 4.58 2.20 5.35
C ILE A 112 4.27 0.82 4.74
N VAL A 113 3.05 0.59 4.33
CA VAL A 113 2.74 -0.72 3.72
C VAL A 113 2.00 -0.47 2.41
N ILE A 114 2.73 -0.49 1.33
CA ILE A 114 2.09 -0.25 0.02
C ILE A 114 1.70 -1.58 -0.61
N ARG A 115 0.46 -1.73 -0.98
CA ARG A 115 0.01 -2.99 -1.60
C ARG A 115 -0.67 -2.64 -2.92
N ARG A 116 -0.03 -2.90 -4.02
CA ARG A 116 -0.65 -2.57 -5.33
C ARG A 116 -1.49 -3.75 -5.82
N LYS A 117 -2.73 -3.79 -5.46
CA LYS A 117 -3.60 -4.92 -5.90
C LYS A 117 -4.04 -4.71 -7.35
N SER A 118 -4.42 -5.76 -8.01
CA SER A 118 -4.86 -5.62 -9.44
C SER A 118 -6.33 -5.19 -9.48
N LEU A 119 -6.66 -4.10 -8.86
CA LEU A 119 -8.08 -3.64 -8.88
C LEU A 119 -9.01 -4.82 -8.60
N GLN A 120 -9.22 -5.15 -7.34
CA GLN A 120 -10.10 -6.29 -7.00
C GLN A 120 -10.40 -6.28 -5.50
N SER A 121 -10.75 -7.41 -4.95
CA SER A 121 -11.05 -7.48 -3.49
C SER A 121 -11.02 -8.93 -3.03
N LYS A 122 -11.98 -9.72 -3.43
CA LYS A 122 -12.01 -11.15 -3.01
C LYS A 122 -12.37 -11.24 -1.53
N GLU A 123 -11.60 -10.64 -0.67
CA GLU A 123 -11.90 -10.70 0.79
C GLU A 123 -11.72 -12.13 1.28
N THR A 124 -12.17 -12.43 2.48
CA THR A 124 -12.01 -13.81 3.01
C THR A 124 -13.15 -14.11 3.97
N THR A 125 -14.33 -14.35 3.46
CA THR A 125 -15.48 -14.66 4.36
C THR A 125 -15.77 -16.16 4.30
N ALA A 126 -16.77 -16.60 5.02
CA ALA A 126 -17.10 -18.05 5.00
C ALA A 126 -18.20 -18.30 3.96
N ALA A 127 -18.92 -19.39 4.09
CA ALA A 127 -19.99 -19.69 3.11
C ALA A 127 -20.56 -21.09 3.38
N GLY A 128 -21.76 -21.16 3.88
CA GLY A 128 -22.36 -22.50 4.18
C GLY A 128 -23.52 -22.75 3.22
N ASP A 129 -23.39 -23.72 2.35
CA ASP A 129 -24.48 -24.03 1.39
C ASP A 129 -24.35 -25.47 0.92
N SER A 130 -24.57 -26.42 1.80
CA SER A 130 -24.45 -27.85 1.40
C SER A 130 -25.05 -28.73 2.50
N MET A 1 -41.55 -50.09 -14.19
CA MET A 1 -40.99 -49.15 -13.18
C MET A 1 -39.52 -49.52 -12.91
N PRO A 2 -39.29 -50.76 -12.54
CA PRO A 2 -37.94 -51.26 -12.25
C PRO A 2 -37.19 -51.55 -13.55
N ASP A 3 -36.12 -50.86 -13.80
CA ASP A 3 -35.35 -51.11 -15.05
C ASP A 3 -33.94 -51.59 -14.71
N LEU A 4 -33.60 -51.61 -13.45
CA LEU A 4 -32.25 -52.07 -13.05
C LEU A 4 -32.24 -52.40 -11.55
N ASN A 5 -31.08 -52.46 -10.96
CA ASN A 5 -31.01 -52.76 -9.50
C ASN A 5 -32.02 -51.90 -8.74
N SER A 6 -32.34 -50.75 -9.28
CA SER A 6 -33.32 -49.85 -8.60
C SER A 6 -33.63 -48.65 -9.48
N SER A 7 -34.37 -47.70 -8.99
CA SER A 7 -34.72 -46.50 -9.81
C SER A 7 -35.50 -45.50 -8.94
N THR A 8 -35.19 -45.43 -7.69
CA THR A 8 -35.90 -44.48 -6.80
C THR A 8 -34.89 -43.68 -5.96
N ASP A 9 -35.08 -42.40 -5.82
CA ASP A 9 -34.12 -41.59 -5.03
C ASP A 9 -34.76 -40.25 -4.66
N SER A 10 -33.97 -39.22 -4.49
CA SER A 10 -34.55 -37.89 -4.13
C SER A 10 -35.18 -37.26 -5.37
N ALA A 11 -35.55 -36.01 -5.27
CA ALA A 11 -36.18 -35.33 -6.45
C ALA A 11 -35.33 -35.60 -7.70
N ALA A 12 -34.11 -35.13 -7.72
CA ALA A 12 -33.25 -35.36 -8.91
C ALA A 12 -31.77 -35.32 -8.48
N SER A 13 -31.49 -35.54 -7.23
CA SER A 13 -30.08 -35.51 -6.77
C SER A 13 -29.45 -34.18 -7.17
N ALA A 14 -29.69 -33.14 -6.41
CA ALA A 14 -29.09 -31.82 -6.75
C ALA A 14 -29.23 -30.88 -5.56
N SER A 15 -28.63 -31.23 -4.45
CA SER A 15 -28.73 -30.34 -3.24
C SER A 15 -27.65 -29.27 -3.31
N ALA A 16 -27.60 -28.53 -4.39
CA ALA A 16 -26.57 -27.47 -4.51
C ALA A 16 -26.75 -26.72 -5.83
N ALA A 17 -26.84 -27.43 -6.93
CA ALA A 17 -27.01 -26.77 -8.24
C ALA A 17 -25.74 -25.98 -8.60
N SER A 18 -25.37 -25.05 -7.78
CA SER A 18 -24.14 -24.25 -8.07
C SER A 18 -23.92 -23.22 -6.97
N ASP A 19 -23.37 -23.63 -5.85
CA ASP A 19 -23.13 -22.68 -4.74
C ASP A 19 -21.62 -22.48 -4.54
N VAL A 20 -21.24 -21.43 -3.87
CA VAL A 20 -19.79 -21.18 -3.64
C VAL A 20 -19.11 -20.88 -4.98
N SER A 21 -19.83 -20.30 -5.89
CA SER A 21 -19.24 -19.98 -7.23
C SER A 21 -18.38 -18.72 -7.10
N VAL A 22 -17.12 -18.81 -7.42
CA VAL A 22 -16.22 -17.62 -7.34
C VAL A 22 -16.55 -16.81 -6.08
N GLU A 23 -16.13 -17.28 -4.94
CA GLU A 23 -16.41 -16.53 -3.67
C GLU A 23 -15.28 -15.54 -3.40
N SER A 24 -15.42 -14.31 -3.82
CA SER A 24 -14.35 -13.31 -3.58
C SER A 24 -13.19 -13.56 -4.55
N THR A 25 -12.20 -12.71 -4.53
CA THR A 25 -11.04 -12.89 -5.45
C THR A 25 -9.80 -12.25 -4.82
N ALA A 26 -8.64 -12.77 -5.12
CA ALA A 26 -7.40 -12.18 -4.54
C ALA A 26 -6.45 -11.78 -5.66
N GLU A 27 -5.44 -10.99 -5.34
CA GLU A 27 -4.45 -10.53 -6.36
C GLU A 27 -3.90 -9.16 -5.93
N ALA A 28 -2.71 -9.13 -5.39
CA ALA A 28 -2.13 -7.83 -4.97
C ALA A 28 -0.71 -8.05 -4.43
N THR A 29 0.16 -7.11 -4.65
CA THR A 29 1.56 -7.25 -4.14
C THR A 29 1.82 -6.19 -3.07
N VAL A 30 2.62 -6.50 -2.09
CA VAL A 30 2.90 -5.50 -1.02
C VAL A 30 4.38 -5.16 -1.00
N CYS A 31 4.71 -3.97 -0.58
CA CYS A 31 6.15 -3.57 -0.51
C CYS A 31 6.34 -2.70 0.74
N THR A 32 6.63 -3.31 1.86
CA THR A 32 6.82 -2.54 3.12
C THR A 32 8.10 -1.70 3.03
N VAL A 33 8.01 -0.44 3.35
CA VAL A 33 9.21 0.44 3.28
C VAL A 33 9.22 1.43 4.45
N THR A 34 10.37 1.90 4.84
CA THR A 34 10.44 2.89 5.96
C THR A 34 10.83 4.26 5.40
N LEU A 35 10.15 5.30 5.83
CA LEU A 35 10.49 6.66 5.31
C LEU A 35 11.08 7.54 6.42
N GLU A 36 12.22 7.17 6.93
CA GLU A 36 12.91 7.95 8.01
C GLU A 36 12.39 9.39 8.05
N LYS A 37 11.50 9.68 8.97
CA LYS A 37 10.95 11.07 9.05
C LYS A 37 11.82 11.91 10.00
N MET A 38 12.18 13.09 9.58
CA MET A 38 13.01 13.97 10.45
C MET A 38 12.48 15.41 10.38
N SER A 39 11.38 15.68 11.05
CA SER A 39 10.81 17.05 11.01
C SER A 39 10.48 17.42 9.56
N ALA A 40 9.72 16.59 8.89
CA ALA A 40 9.36 16.89 7.47
C ALA A 40 7.98 16.32 7.17
N GLY A 41 7.85 15.03 7.24
CA GLY A 41 6.54 14.39 6.97
C GLY A 41 6.73 13.22 6.00
N LEU A 42 7.63 12.33 6.29
CA LEU A 42 7.88 11.15 5.40
C LEU A 42 8.18 11.59 3.97
N GLY A 43 8.28 12.87 3.71
CA GLY A 43 8.57 13.31 2.33
C GLY A 43 7.36 13.05 1.42
N PHE A 44 6.31 12.45 1.93
CA PHE A 44 5.16 12.19 1.04
C PHE A 44 3.88 12.74 1.67
N SER A 45 2.82 12.65 0.94
CA SER A 45 1.48 13.14 1.42
C SER A 45 0.47 12.02 1.21
N LEU A 46 -0.52 11.94 2.05
CA LEU A 46 -1.50 10.83 1.93
C LEU A 46 -2.88 11.32 1.46
N GLU A 47 -3.53 10.60 0.57
CA GLU A 47 -4.89 11.03 0.16
C GLU A 47 -5.88 9.90 0.42
N GLY A 48 -7.12 10.22 0.60
CA GLY A 48 -8.12 9.14 0.90
C GLY A 48 -9.51 9.55 0.42
N GLY A 49 -10.12 8.76 -0.41
CA GLY A 49 -11.48 9.12 -0.89
C GLY A 49 -12.53 8.58 0.09
N LYS A 50 -12.45 8.94 1.35
CA LYS A 50 -13.46 8.42 2.33
C LYS A 50 -14.85 8.50 1.71
N GLY A 51 -15.49 7.37 1.51
CA GLY A 51 -16.86 7.39 0.91
C GLY A 51 -16.88 8.37 -0.26
N SER A 52 -16.10 8.12 -1.27
CA SER A 52 -16.08 9.03 -2.45
C SER A 52 -17.00 8.49 -3.54
N LEU A 53 -17.90 7.62 -3.19
CA LEU A 53 -18.84 7.05 -4.20
C LEU A 53 -18.05 6.68 -5.45
N HIS A 54 -16.97 5.96 -5.29
CA HIS A 54 -16.15 5.56 -6.48
C HIS A 54 -15.81 4.07 -6.40
N GLY A 55 -15.77 3.52 -5.21
CA GLY A 55 -15.43 2.07 -5.08
C GLY A 55 -14.51 1.87 -3.88
N ASP A 56 -15.01 2.11 -2.69
CA ASP A 56 -14.16 1.95 -1.48
C ASP A 56 -13.24 3.17 -1.34
N LYS A 57 -12.58 3.30 -0.22
CA LYS A 57 -11.66 4.47 -0.02
C LYS A 57 -10.23 3.98 0.17
N PRO A 58 -9.53 3.76 -0.92
CA PRO A 58 -8.14 3.28 -0.89
C PRO A 58 -7.18 4.44 -0.59
N LEU A 59 -7.11 4.87 0.65
CA LEU A 59 -6.18 5.99 0.97
C LEU A 59 -4.84 5.70 0.30
N THR A 60 -4.32 6.64 -0.44
CA THR A 60 -3.03 6.37 -1.16
C THR A 60 -2.10 7.61 -1.16
N ILE A 61 -0.81 7.43 -1.35
CA ILE A 61 0.08 8.63 -1.39
C ILE A 61 -0.17 9.38 -2.71
N ASN A 62 -0.48 10.62 -2.59
CA ASN A 62 -0.76 11.43 -3.84
C ASN A 62 0.39 12.39 -4.17
N ARG A 63 0.98 13.02 -3.20
CA ARG A 63 2.09 13.96 -3.51
C ARG A 63 3.36 13.49 -2.82
N ILE A 64 4.26 12.89 -3.54
CA ILE A 64 5.51 12.40 -2.90
C ILE A 64 6.65 13.37 -3.15
N PHE A 65 7.48 13.53 -2.16
CA PHE A 65 8.64 14.46 -2.29
C PHE A 65 9.94 13.66 -2.31
N LYS A 66 11.00 14.25 -2.77
CA LYS A 66 12.31 13.50 -2.82
C LYS A 66 12.78 13.22 -1.39
N GLY A 67 13.25 12.02 -1.14
CA GLY A 67 13.74 11.68 0.23
C GLY A 67 15.08 10.96 0.11
N ALA A 68 15.57 10.41 1.19
CA ALA A 68 16.87 9.69 1.13
C ALA A 68 16.64 8.20 1.31
N ALA A 69 15.43 7.77 1.11
CA ALA A 69 15.11 6.32 1.25
C ALA A 69 15.81 5.75 2.50
N SER A 70 15.83 4.46 2.65
CA SER A 70 16.50 3.86 3.85
C SER A 70 17.41 2.73 3.40
N GLU A 71 16.85 1.60 3.07
CA GLU A 71 17.67 0.45 2.64
C GLU A 71 17.04 -0.19 1.39
N GLN A 72 16.01 0.43 0.85
CA GLN A 72 15.35 -0.15 -0.35
C GLN A 72 15.22 0.93 -1.42
N SER A 73 15.66 0.65 -2.62
CA SER A 73 15.56 1.67 -3.71
C SER A 73 14.12 2.21 -3.77
N GLU A 74 13.97 3.47 -4.05
CA GLU A 74 12.59 4.07 -4.13
C GLU A 74 11.71 3.48 -3.03
N THR A 75 11.74 4.04 -1.85
CA THR A 75 10.91 3.50 -0.74
C THR A 75 9.56 4.18 -0.71
N VAL A 76 9.16 4.74 -1.81
CA VAL A 76 7.83 5.41 -1.86
C VAL A 76 7.14 5.04 -3.18
N GLN A 77 5.84 5.09 -3.21
CA GLN A 77 5.11 4.74 -4.46
C GLN A 77 4.02 5.77 -4.71
N PRO A 78 3.92 6.24 -5.94
CA PRO A 78 2.92 7.25 -6.31
C PRO A 78 1.55 6.61 -6.54
N GLY A 79 0.57 6.99 -5.77
CA GLY A 79 -0.81 6.42 -5.96
C GLY A 79 -0.90 4.98 -5.41
N ASP A 80 -0.10 4.62 -4.45
CA ASP A 80 -0.20 3.23 -3.91
C ASP A 80 -1.28 3.18 -2.82
N GLU A 81 -1.86 2.03 -2.56
CA GLU A 81 -2.93 1.98 -1.49
C GLU A 81 -2.29 1.62 -0.14
N ILE A 82 -1.40 2.44 0.35
CA ILE A 82 -0.75 2.15 1.67
C ILE A 82 -1.84 2.08 2.76
N LEU A 83 -1.87 1.03 3.56
CA LEU A 83 -2.93 0.94 4.62
C LEU A 83 -2.49 1.67 5.89
N GLN A 84 -1.26 1.54 6.29
CA GLN A 84 -0.82 2.22 7.54
C GLN A 84 0.59 2.75 7.33
N LEU A 85 0.90 3.87 7.93
CA LEU A 85 2.26 4.44 7.77
C LEU A 85 3.04 4.23 9.06
N GLY A 86 4.32 4.50 9.04
CA GLY A 86 5.15 4.30 10.26
C GLY A 86 4.37 4.68 11.52
N GLY A 87 3.42 5.57 11.42
CA GLY A 87 2.65 5.95 12.66
C GLY A 87 1.20 6.32 12.32
N THR A 88 0.50 5.49 11.60
CA THR A 88 -0.93 5.81 11.29
C THR A 88 -1.54 4.69 10.45
N ALA A 89 -2.78 4.40 10.69
CA ALA A 89 -3.49 3.38 9.89
C ALA A 89 -4.72 4.05 9.28
N MET A 90 -4.75 4.23 7.99
CA MET A 90 -5.90 4.94 7.35
C MET A 90 -7.15 4.06 7.34
N GLN A 91 -7.08 2.85 7.84
CA GLN A 91 -8.31 2.01 7.82
C GLN A 91 -9.37 2.71 8.69
N GLY A 92 -10.65 2.58 8.41
CA GLY A 92 -11.66 3.27 9.26
C GLY A 92 -11.20 4.70 9.54
N LEU A 93 -10.58 5.36 8.59
CA LEU A 93 -10.12 6.74 8.82
C LEU A 93 -10.56 7.62 7.65
N THR A 94 -10.04 8.80 7.58
CA THR A 94 -10.42 9.72 6.48
C THR A 94 -9.14 10.24 5.82
N ARG A 95 -9.28 10.94 4.72
CA ARG A 95 -8.08 11.47 4.02
C ARG A 95 -7.31 12.42 4.94
N PHE A 96 -7.85 13.57 5.22
CA PHE A 96 -7.12 14.53 6.10
C PHE A 96 -6.78 13.84 7.42
N GLU A 97 -7.74 13.25 8.06
CA GLU A 97 -7.46 12.57 9.35
C GLU A 97 -6.24 11.66 9.17
N ALA A 98 -6.23 10.84 8.15
CA ALA A 98 -5.06 9.94 7.95
C ALA A 98 -3.76 10.73 7.87
N TRP A 99 -3.60 11.52 6.84
CA TRP A 99 -2.32 12.29 6.70
C TRP A 99 -2.08 13.19 7.93
N ASN A 100 -3.07 13.39 8.76
CA ASN A 100 -2.86 14.26 9.95
C ASN A 100 -2.18 13.49 11.10
N ILE A 101 -2.62 12.29 11.41
CA ILE A 101 -2.00 11.52 12.51
C ILE A 101 -0.52 11.29 12.24
N ILE A 102 -0.17 11.01 11.01
CA ILE A 102 1.27 10.76 10.68
C ILE A 102 2.09 11.96 11.14
N LYS A 103 1.72 13.12 10.69
CA LYS A 103 2.48 14.35 11.09
C LYS A 103 2.76 14.32 12.58
N ALA A 104 1.85 13.79 13.34
CA ALA A 104 2.04 13.73 14.82
C ALA A 104 2.89 12.51 15.20
N LEU A 105 3.29 11.73 14.26
CA LEU A 105 4.11 10.52 14.58
C LEU A 105 5.49 10.95 15.13
N PRO A 106 6.30 9.98 15.53
CA PRO A 106 7.64 10.25 16.09
C PRO A 106 8.67 10.48 14.97
N ASP A 107 9.84 10.92 15.32
CA ASP A 107 10.90 11.17 14.30
C ASP A 107 11.83 9.96 14.22
N GLY A 108 11.58 9.06 13.32
CA GLY A 108 12.47 7.86 13.21
C GLY A 108 12.11 7.05 11.96
N PRO A 109 12.15 5.74 12.08
CA PRO A 109 11.84 4.83 10.97
C PRO A 109 10.33 4.73 10.77
N VAL A 110 9.79 5.49 9.87
CA VAL A 110 8.33 5.41 9.62
C VAL A 110 8.10 4.31 8.60
N THR A 111 7.53 3.24 9.03
CA THR A 111 7.32 2.09 8.12
C THR A 111 5.99 2.23 7.39
N ILE A 112 6.04 2.15 6.09
CA ILE A 112 4.81 2.25 5.26
C ILE A 112 4.52 0.88 4.66
N VAL A 113 3.31 0.62 4.29
CA VAL A 113 2.98 -0.70 3.69
C VAL A 113 2.17 -0.46 2.44
N ILE A 114 2.82 -0.37 1.33
CA ILE A 114 2.09 -0.12 0.06
C ILE A 114 1.70 -1.46 -0.57
N ARG A 115 0.46 -1.58 -0.96
CA ARG A 115 0.01 -2.85 -1.61
C ARG A 115 -0.67 -2.48 -2.92
N ARG A 116 -0.05 -2.78 -4.02
CA ARG A 116 -0.66 -2.43 -5.33
C ARG A 116 -1.54 -3.58 -5.81
N LYS A 117 -2.21 -3.40 -6.92
CA LYS A 117 -3.08 -4.49 -7.45
C LYS A 117 -3.16 -4.37 -8.98
N SER A 118 -3.81 -5.31 -9.63
CA SER A 118 -3.91 -5.26 -11.11
C SER A 118 -2.60 -5.73 -11.74
N LEU A 119 -2.31 -5.28 -12.93
CA LEU A 119 -1.05 -5.70 -13.62
C LEU A 119 -1.25 -7.08 -14.25
N GLN A 120 -0.71 -7.29 -15.42
CA GLN A 120 -0.88 -8.61 -16.09
C GLN A 120 0.47 -9.35 -16.10
N SER A 121 1.42 -8.91 -15.32
CA SER A 121 2.74 -9.60 -15.29
C SER A 121 2.51 -11.10 -15.17
N LYS A 122 1.40 -11.50 -14.61
CA LYS A 122 1.11 -12.96 -14.45
C LYS A 122 -0.40 -13.19 -14.49
N GLU A 123 -0.87 -13.98 -15.41
CA GLU A 123 -2.34 -14.24 -15.51
C GLU A 123 -2.78 -15.11 -14.32
N THR A 124 -2.20 -16.27 -14.19
CA THR A 124 -2.58 -17.17 -13.05
C THR A 124 -1.31 -17.70 -12.39
N THR A 125 -1.46 -18.45 -11.33
CA THR A 125 -0.26 -18.99 -10.63
C THR A 125 0.22 -20.25 -11.34
N ALA A 126 0.97 -21.09 -10.67
CA ALA A 126 1.47 -22.33 -11.31
C ALA A 126 0.35 -23.38 -11.32
N ALA A 127 0.68 -24.61 -11.61
CA ALA A 127 -0.36 -25.67 -11.64
C ALA A 127 -1.53 -25.21 -12.51
N GLY A 128 -1.31 -24.28 -13.39
CA GLY A 128 -2.41 -23.80 -14.26
C GLY A 128 -1.87 -23.52 -15.67
N ASP A 129 -2.16 -22.35 -16.20
CA ASP A 129 -1.67 -22.02 -17.56
C ASP A 129 -0.78 -20.78 -17.49
N SER A 130 -0.02 -20.51 -18.52
CA SER A 130 0.86 -19.31 -18.52
C SER A 130 0.00 -18.06 -18.33
N MET A 1 29.78 -63.46 -2.78
CA MET A 1 29.07 -62.33 -3.44
C MET A 1 30.09 -61.45 -4.18
N PRO A 2 29.64 -60.83 -5.23
CA PRO A 2 30.47 -59.95 -6.07
C PRO A 2 30.64 -58.59 -5.38
N ASP A 3 29.73 -57.68 -5.63
CA ASP A 3 29.83 -56.33 -4.99
C ASP A 3 28.71 -55.44 -5.51
N LEU A 4 28.53 -54.30 -4.91
CA LEU A 4 27.45 -53.38 -5.37
C LEU A 4 27.73 -52.95 -6.81
N ASN A 5 26.70 -52.60 -7.55
CA ASN A 5 26.90 -52.17 -8.96
C ASN A 5 26.98 -50.64 -9.01
N SER A 6 25.85 -49.99 -9.15
CA SER A 6 25.85 -48.50 -9.20
C SER A 6 26.86 -48.03 -10.25
N SER A 7 26.38 -47.66 -11.41
CA SER A 7 27.32 -47.18 -12.48
C SER A 7 27.89 -45.82 -12.07
N THR A 8 27.34 -45.21 -11.06
CA THR A 8 27.85 -43.88 -10.61
C THR A 8 29.11 -44.07 -9.75
N ASP A 9 30.18 -43.43 -10.11
CA ASP A 9 31.44 -43.57 -9.32
C ASP A 9 32.50 -42.63 -9.88
N SER A 10 32.66 -42.60 -11.18
CA SER A 10 33.67 -41.70 -11.78
C SER A 10 33.29 -40.25 -11.53
N ALA A 11 32.23 -39.78 -12.12
CA ALA A 11 31.81 -38.37 -11.91
C ALA A 11 30.41 -38.16 -12.51
N ALA A 12 29.39 -38.16 -11.70
CA ALA A 12 28.01 -37.96 -12.23
C ALA A 12 27.02 -37.99 -11.07
N SER A 13 26.38 -36.88 -10.80
CA SER A 13 25.39 -36.85 -9.68
C SER A 13 24.04 -36.37 -10.21
N ALA A 14 23.68 -36.78 -11.39
CA ALA A 14 22.38 -36.34 -11.97
C ALA A 14 21.22 -36.91 -11.13
N SER A 15 20.66 -36.10 -10.28
CA SER A 15 19.53 -36.58 -9.42
C SER A 15 18.66 -35.39 -9.01
N ALA A 16 19.23 -34.46 -8.28
CA ALA A 16 18.44 -33.27 -7.85
C ALA A 16 19.30 -32.03 -7.94
N ALA A 17 18.71 -30.90 -8.24
CA ALA A 17 19.50 -29.64 -8.34
C ALA A 17 18.59 -28.44 -8.06
N SER A 18 18.76 -27.80 -6.94
CA SER A 18 17.90 -26.63 -6.61
C SER A 18 16.44 -27.07 -6.48
N ASP A 19 15.79 -27.31 -7.59
CA ASP A 19 14.37 -27.75 -7.53
C ASP A 19 13.48 -26.57 -7.11
N VAL A 20 12.45 -26.32 -7.86
CA VAL A 20 11.53 -25.18 -7.51
C VAL A 20 12.24 -23.86 -7.82
N SER A 21 11.48 -22.82 -8.05
CA SER A 21 12.08 -21.49 -8.35
C SER A 21 11.02 -20.41 -8.23
N VAL A 22 11.27 -19.24 -8.76
CA VAL A 22 10.25 -18.16 -8.67
C VAL A 22 8.87 -18.73 -9.00
N GLU A 23 7.88 -18.38 -8.23
CA GLU A 23 6.52 -18.91 -8.50
C GLU A 23 5.52 -17.76 -8.64
N SER A 24 4.89 -17.64 -9.78
CA SER A 24 3.90 -16.55 -9.98
C SER A 24 4.54 -15.20 -9.65
N THR A 25 4.86 -14.42 -10.65
CA THR A 25 5.47 -13.09 -10.39
C THR A 25 4.47 -12.00 -10.74
N ALA A 26 3.33 -11.99 -10.12
CA ALA A 26 2.30 -10.96 -10.43
C ALA A 26 1.07 -11.18 -9.56
N GLU A 27 -0.03 -10.54 -9.87
CA GLU A 27 -1.26 -10.72 -9.05
C GLU A 27 -1.05 -10.13 -7.66
N ALA A 28 -1.47 -8.91 -7.46
CA ALA A 28 -1.32 -8.26 -6.14
C ALA A 28 0.16 -8.21 -5.74
N THR A 29 0.66 -7.04 -5.43
CA THR A 29 2.09 -6.91 -5.03
C THR A 29 2.20 -5.97 -3.82
N VAL A 30 2.95 -6.35 -2.83
CA VAL A 30 3.09 -5.47 -1.62
C VAL A 30 4.53 -4.99 -1.49
N CYS A 31 4.72 -3.84 -0.91
CA CYS A 31 6.11 -3.33 -0.72
C CYS A 31 6.23 -2.65 0.65
N THR A 32 6.54 -3.40 1.67
CA THR A 32 6.68 -2.82 3.03
C THR A 32 7.96 -1.97 3.09
N VAL A 33 7.86 -0.77 3.60
CA VAL A 33 9.07 0.11 3.65
C VAL A 33 9.01 1.08 4.84
N THR A 34 10.15 1.60 5.25
CA THR A 34 10.17 2.59 6.36
C THR A 34 10.57 3.95 5.77
N LEU A 35 9.88 5.00 6.12
CA LEU A 35 10.24 6.33 5.55
C LEU A 35 10.80 7.27 6.62
N GLU A 36 11.94 6.92 7.14
CA GLU A 36 12.63 7.73 8.20
C GLU A 36 12.05 9.15 8.28
N LYS A 37 11.24 9.42 9.28
CA LYS A 37 10.67 10.79 9.42
C LYS A 37 11.72 11.71 10.06
N MET A 38 12.12 12.73 9.37
CA MET A 38 13.15 13.66 9.94
C MET A 38 12.76 15.11 9.67
N SER A 39 12.17 15.39 8.53
CA SER A 39 11.78 16.79 8.23
C SER A 39 10.75 16.81 7.09
N ALA A 40 10.10 17.93 6.90
CA ALA A 40 9.08 18.04 5.83
C ALA A 40 7.89 17.14 6.14
N GLY A 41 8.06 15.86 6.03
CA GLY A 41 6.93 14.93 6.32
C GLY A 41 7.06 13.67 5.45
N LEU A 42 7.95 12.78 5.81
CA LEU A 42 8.12 11.53 5.01
C LEU A 42 8.14 11.83 3.52
N GLY A 43 8.40 13.04 3.13
CA GLY A 43 8.43 13.37 1.70
C GLY A 43 7.21 12.74 0.99
N PHE A 44 6.17 12.39 1.70
CA PHE A 44 5.00 11.81 1.01
C PHE A 44 3.69 12.21 1.71
N SER A 45 2.72 12.57 0.93
CA SER A 45 1.38 12.98 1.49
C SER A 45 0.33 11.95 1.08
N LEU A 46 -0.59 11.62 1.96
CA LEU A 46 -1.64 10.61 1.63
C LEU A 46 -2.93 11.27 1.14
N GLU A 47 -3.54 10.72 0.11
CA GLU A 47 -4.82 11.33 -0.37
C GLU A 47 -5.69 10.27 -1.05
N GLY A 48 -6.97 10.49 -1.06
CA GLY A 48 -7.92 9.52 -1.69
C GLY A 48 -9.23 9.59 -0.93
N GLY A 49 -9.64 8.50 -0.31
CA GLY A 49 -10.91 8.54 0.46
C GLY A 49 -10.77 7.61 1.69
N LYS A 50 -11.56 7.81 2.72
CA LYS A 50 -11.43 6.95 3.93
C LYS A 50 -12.26 5.66 3.80
N GLY A 51 -13.12 5.58 2.83
CA GLY A 51 -13.95 4.34 2.69
C GLY A 51 -15.44 4.72 2.73
N SER A 52 -15.75 5.97 2.58
CA SER A 52 -17.18 6.40 2.61
C SER A 52 -17.34 7.65 1.74
N LEU A 53 -17.31 7.47 0.44
CA LEU A 53 -17.45 8.65 -0.47
C LEU A 53 -18.46 8.32 -1.58
N HIS A 54 -18.07 7.50 -2.52
CA HIS A 54 -19.03 7.15 -3.63
C HIS A 54 -18.91 5.67 -3.99
N GLY A 55 -17.83 5.01 -3.66
CA GLY A 55 -17.70 3.56 -4.00
C GLY A 55 -16.23 3.15 -4.05
N ASP A 56 -15.35 4.09 -4.25
CA ASP A 56 -13.90 3.77 -4.32
C ASP A 56 -13.09 4.86 -3.61
N LYS A 57 -12.82 4.69 -2.35
CA LYS A 57 -12.04 5.74 -1.62
C LYS A 57 -10.76 5.15 -1.02
N PRO A 58 -9.74 5.01 -1.84
CA PRO A 58 -8.44 4.43 -1.41
C PRO A 58 -7.47 5.53 -0.96
N LEU A 59 -7.13 5.60 0.30
CA LEU A 59 -6.13 6.62 0.73
C LEU A 59 -4.78 6.23 0.12
N THR A 60 -4.22 7.05 -0.73
CA THR A 60 -2.93 6.67 -1.37
C THR A 60 -1.96 7.87 -1.42
N ILE A 61 -0.67 7.66 -1.59
CA ILE A 61 0.26 8.82 -1.66
C ILE A 61 0.02 9.61 -2.94
N ASN A 62 -0.25 10.86 -2.79
CA ASN A 62 -0.49 11.73 -3.99
C ASN A 62 0.70 12.64 -4.30
N ARG A 63 1.23 13.31 -3.31
CA ARG A 63 2.38 14.22 -3.57
C ARG A 63 3.64 13.70 -2.89
N ILE A 64 4.49 13.07 -3.64
CA ILE A 64 5.75 12.54 -3.03
C ILE A 64 6.88 13.53 -3.25
N PHE A 65 7.73 13.64 -2.29
CA PHE A 65 8.88 14.60 -2.40
C PHE A 65 10.17 13.80 -2.62
N LYS A 66 11.20 14.43 -3.12
CA LYS A 66 12.47 13.69 -3.35
C LYS A 66 13.58 14.30 -2.50
N GLY A 67 14.06 13.57 -1.53
CA GLY A 67 15.14 14.10 -0.66
C GLY A 67 15.13 13.37 0.68
N ALA A 68 13.96 13.18 1.25
CA ALA A 68 13.88 12.48 2.56
C ALA A 68 13.47 11.02 2.33
N ALA A 69 14.34 10.09 2.63
CA ALA A 69 14.00 8.66 2.42
C ALA A 69 15.15 7.79 2.92
N SER A 70 15.08 6.50 2.70
CA SER A 70 16.18 5.60 3.15
C SER A 70 16.90 5.03 1.93
N GLU A 71 17.55 3.90 2.10
CA GLU A 71 18.27 3.29 0.95
C GLU A 71 17.65 1.93 0.62
N GLN A 72 16.37 1.80 0.75
CA GLN A 72 15.71 0.49 0.45
C GLN A 72 15.27 0.48 -1.01
N SER A 73 16.07 1.01 -1.89
CA SER A 73 15.71 1.02 -3.33
C SER A 73 14.27 1.52 -3.49
N GLU A 74 14.09 2.81 -3.55
CA GLU A 74 12.71 3.37 -3.72
C GLU A 74 11.84 2.99 -2.52
N THR A 75 11.68 3.89 -1.59
CA THR A 75 10.84 3.59 -0.40
C THR A 75 9.53 4.37 -0.49
N VAL A 76 9.05 4.58 -1.68
CA VAL A 76 7.77 5.35 -1.84
C VAL A 76 7.07 4.89 -3.13
N GLN A 77 5.83 5.24 -3.29
CA GLN A 77 5.09 4.82 -4.53
C GLN A 77 4.02 5.87 -4.85
N PRO A 78 3.85 6.16 -6.12
CA PRO A 78 2.88 7.15 -6.59
C PRO A 78 1.47 6.57 -6.67
N GLY A 79 0.55 7.09 -5.89
CA GLY A 79 -0.87 6.58 -5.94
C GLY A 79 -0.96 5.14 -5.39
N ASP A 80 -0.06 4.73 -4.54
CA ASP A 80 -0.17 3.34 -4.00
C ASP A 80 -1.22 3.33 -2.88
N GLU A 81 -1.83 2.21 -2.60
CA GLU A 81 -2.87 2.20 -1.50
C GLU A 81 -2.22 1.87 -0.15
N ILE A 82 -1.34 2.72 0.32
CA ILE A 82 -0.70 2.46 1.65
C ILE A 82 -1.81 2.30 2.71
N LEU A 83 -1.89 1.18 3.39
CA LEU A 83 -2.99 1.00 4.41
C LEU A 83 -2.66 1.74 5.71
N GLN A 84 -1.46 1.67 6.19
CA GLN A 84 -1.14 2.36 7.47
C GLN A 84 0.32 2.80 7.50
N LEU A 85 0.63 3.77 8.30
CA LEU A 85 2.03 4.25 8.42
C LEU A 85 2.63 3.69 9.71
N GLY A 86 3.85 4.01 10.00
CA GLY A 86 4.47 3.51 11.26
C GLY A 86 3.74 4.14 12.45
N GLY A 87 2.83 5.05 12.22
CA GLY A 87 2.10 5.68 13.37
C GLY A 87 0.69 6.12 12.94
N THR A 88 0.09 5.47 11.98
CA THR A 88 -1.30 5.86 11.58
C THR A 88 -1.86 4.77 10.66
N ALA A 89 -3.11 4.50 10.77
CA ALA A 89 -3.73 3.48 9.88
C ALA A 89 -4.98 4.08 9.25
N MET A 90 -5.09 4.04 7.95
CA MET A 90 -6.28 4.62 7.27
C MET A 90 -7.53 3.81 7.61
N GLN A 91 -7.57 2.57 7.21
CA GLN A 91 -8.81 1.75 7.47
C GLN A 91 -9.49 2.10 8.81
N GLY A 92 -8.79 2.55 9.80
CA GLY A 92 -9.48 2.94 11.06
C GLY A 92 -9.33 4.45 11.19
N LEU A 93 -9.62 5.16 10.13
CA LEU A 93 -9.46 6.63 10.19
C LEU A 93 -10.15 7.28 9.00
N THR A 94 -9.85 8.52 8.76
CA THR A 94 -10.47 9.25 7.61
C THR A 94 -9.37 9.58 6.60
N ARG A 95 -9.71 10.13 5.46
CA ARG A 95 -8.64 10.47 4.46
C ARG A 95 -7.75 11.59 5.01
N PHE A 96 -8.32 12.73 5.32
CA PHE A 96 -7.50 13.84 5.86
C PHE A 96 -6.94 13.46 7.22
N GLU A 97 -7.78 13.01 8.11
CA GLU A 97 -7.28 12.62 9.46
C GLU A 97 -6.09 11.69 9.28
N ALA A 98 -6.14 10.77 8.36
CA ALA A 98 -5.00 9.85 8.16
C ALA A 98 -3.70 10.64 8.07
N TRP A 99 -3.52 11.36 7.00
CA TRP A 99 -2.25 12.14 6.84
C TRP A 99 -2.02 13.08 8.04
N ASN A 100 -3.01 13.31 8.86
CA ASN A 100 -2.82 14.22 10.03
C ASN A 100 -2.13 13.49 11.20
N ILE A 101 -2.57 12.31 11.54
CA ILE A 101 -1.93 11.58 12.69
C ILE A 101 -0.44 11.38 12.40
N ILE A 102 -0.09 11.08 11.19
CA ILE A 102 1.33 10.86 10.87
C ILE A 102 2.12 12.13 11.17
N LYS A 103 1.77 13.21 10.55
CA LYS A 103 2.50 14.49 10.79
C LYS A 103 2.77 14.66 12.29
N ALA A 104 1.93 14.08 13.10
CA ALA A 104 2.11 14.21 14.58
C ALA A 104 2.96 13.06 15.14
N LEU A 105 3.50 12.23 14.31
CA LEU A 105 4.31 11.09 14.82
C LEU A 105 5.68 11.60 15.27
N PRO A 106 6.50 10.71 15.77
CA PRO A 106 7.85 11.03 16.26
C PRO A 106 8.86 11.04 15.09
N ASP A 107 10.09 11.36 15.37
CA ASP A 107 11.11 11.39 14.29
C ASP A 107 11.88 10.07 14.30
N GLY A 108 11.47 9.12 13.51
CA GLY A 108 12.20 7.81 13.50
C GLY A 108 11.83 6.99 12.26
N PRO A 109 11.85 5.68 12.42
CA PRO A 109 11.52 4.74 11.34
C PRO A 109 10.01 4.63 11.14
N VAL A 110 9.49 5.35 10.17
CA VAL A 110 8.03 5.25 9.91
C VAL A 110 7.83 4.11 8.93
N THR A 111 7.21 3.07 9.37
CA THR A 111 7.03 1.89 8.48
C THR A 111 5.73 2.02 7.68
N ILE A 112 5.83 1.85 6.39
CA ILE A 112 4.65 1.95 5.52
C ILE A 112 4.39 0.62 4.85
N VAL A 113 3.17 0.38 4.44
CA VAL A 113 2.84 -0.89 3.75
C VAL A 113 1.99 -0.55 2.55
N ILE A 114 2.53 -0.71 1.38
CA ILE A 114 1.75 -0.38 0.17
C ILE A 114 1.45 -1.65 -0.62
N ARG A 115 0.24 -1.80 -1.06
CA ARG A 115 -0.12 -3.00 -1.85
C ARG A 115 -0.81 -2.51 -3.13
N ARG A 116 -0.16 -2.65 -4.26
CA ARG A 116 -0.78 -2.15 -5.51
C ARG A 116 -1.50 -3.31 -6.22
N LYS A 117 -2.80 -3.34 -6.14
CA LYS A 117 -3.55 -4.45 -6.81
C LYS A 117 -3.78 -4.09 -8.28
N SER A 118 -2.72 -3.90 -9.03
CA SER A 118 -2.88 -3.55 -10.47
C SER A 118 -3.67 -2.24 -10.59
N LEU A 119 -3.03 -1.17 -10.92
CA LEU A 119 -3.75 0.12 -11.06
C LEU A 119 -3.10 0.95 -12.18
N GLN A 120 -2.59 0.29 -13.18
CA GLN A 120 -1.95 1.03 -14.32
C GLN A 120 -1.37 0.03 -15.32
N SER A 121 -0.95 -1.10 -14.85
CA SER A 121 -0.38 -2.13 -15.76
C SER A 121 0.68 -1.47 -16.67
N LYS A 122 0.95 -2.06 -17.79
CA LYS A 122 1.96 -1.47 -18.72
C LYS A 122 3.32 -1.43 -18.02
N GLU A 123 4.14 -2.43 -18.23
CA GLU A 123 5.48 -2.44 -17.59
C GLU A 123 5.32 -2.22 -16.08
N THR A 124 6.35 -1.76 -15.43
CA THR A 124 6.26 -1.52 -13.97
C THR A 124 6.93 -0.19 -13.62
N THR A 125 7.09 0.10 -12.36
CA THR A 125 7.74 1.37 -11.96
C THR A 125 7.12 2.53 -12.74
N ALA A 126 5.83 2.51 -12.91
CA ALA A 126 5.16 3.61 -13.67
C ALA A 126 5.66 3.63 -15.10
N ALA A 127 6.86 4.08 -15.33
CA ALA A 127 7.41 4.12 -16.71
C ALA A 127 8.16 2.82 -16.99
N GLY A 128 9.17 2.87 -17.82
CA GLY A 128 9.95 1.64 -18.13
C GLY A 128 11.33 2.02 -18.65
N ASP A 129 11.50 2.07 -19.95
CA ASP A 129 12.82 2.43 -20.52
C ASP A 129 12.63 3.46 -21.64
N SER A 130 11.89 4.50 -21.38
CA SER A 130 11.68 5.53 -22.43
C SER A 130 11.06 4.89 -23.67
N MET A 1 -18.23 -51.71 -32.72
CA MET A 1 -18.22 -50.55 -31.78
C MET A 1 -16.77 -50.21 -31.40
N PRO A 2 -16.05 -51.21 -30.95
CA PRO A 2 -14.64 -51.03 -30.55
C PRO A 2 -13.73 -50.97 -31.79
N ASP A 3 -13.62 -49.82 -32.39
CA ASP A 3 -12.76 -49.69 -33.60
C ASP A 3 -13.01 -48.34 -34.26
N LEU A 4 -12.95 -47.28 -33.50
CA LEU A 4 -13.18 -45.92 -34.08
C LEU A 4 -12.91 -44.86 -33.01
N ASN A 5 -13.81 -44.73 -32.06
CA ASN A 5 -13.62 -43.71 -30.99
C ASN A 5 -13.07 -42.41 -31.58
N SER A 6 -13.53 -42.04 -32.74
CA SER A 6 -13.03 -40.78 -33.38
C SER A 6 -11.52 -40.88 -33.61
N SER A 7 -10.86 -39.76 -33.75
CA SER A 7 -9.39 -39.80 -33.98
C SER A 7 -8.86 -38.37 -34.11
N THR A 8 -8.83 -37.64 -33.03
CA THR A 8 -8.32 -36.24 -33.10
C THR A 8 -7.48 -35.94 -31.85
N ASP A 9 -6.19 -36.17 -31.92
CA ASP A 9 -5.32 -35.89 -30.75
C ASP A 9 -5.81 -36.69 -29.54
N SER A 10 -5.22 -36.47 -28.39
CA SER A 10 -5.66 -37.21 -27.18
C SER A 10 -6.64 -36.35 -26.38
N ALA A 11 -6.80 -35.11 -26.75
CA ALA A 11 -7.75 -34.22 -26.02
C ALA A 11 -8.79 -33.67 -26.98
N ALA A 12 -8.40 -32.76 -27.83
CA ALA A 12 -9.37 -32.18 -28.80
C ALA A 12 -8.63 -31.76 -30.08
N SER A 13 -7.86 -30.71 -30.01
CA SER A 13 -7.11 -30.25 -31.20
C SER A 13 -6.06 -29.23 -30.80
N ALA A 14 -4.94 -29.22 -31.47
CA ALA A 14 -3.88 -28.24 -31.12
C ALA A 14 -4.30 -26.84 -31.55
N SER A 15 -3.53 -25.84 -31.24
CA SER A 15 -3.90 -24.45 -31.64
C SER A 15 -2.63 -23.60 -31.77
N ALA A 16 -2.34 -23.13 -32.95
CA ALA A 16 -1.12 -22.29 -33.14
C ALA A 16 -1.51 -20.95 -33.75
N ALA A 17 -2.66 -20.44 -33.40
CA ALA A 17 -3.10 -19.13 -33.95
C ALA A 17 -3.78 -18.33 -32.84
N SER A 18 -3.23 -18.35 -31.66
CA SER A 18 -3.84 -17.59 -30.53
C SER A 18 -3.07 -16.29 -30.32
N ASP A 19 -3.65 -15.18 -30.71
CA ASP A 19 -2.95 -13.87 -30.52
C ASP A 19 -2.79 -13.60 -29.03
N VAL A 20 -1.58 -13.58 -28.55
CA VAL A 20 -1.34 -13.31 -27.09
C VAL A 20 -2.10 -14.34 -26.25
N SER A 21 -1.66 -14.57 -25.05
CA SER A 21 -2.35 -15.57 -24.18
C SER A 21 -3.49 -14.88 -23.44
N VAL A 22 -4.04 -15.53 -22.44
CA VAL A 22 -5.16 -14.91 -21.68
C VAL A 22 -4.82 -13.46 -21.33
N GLU A 23 -5.80 -12.61 -21.25
CA GLU A 23 -5.52 -11.18 -20.91
C GLU A 23 -5.71 -10.97 -19.40
N SER A 24 -4.66 -11.01 -18.66
CA SER A 24 -4.78 -10.81 -17.18
C SER A 24 -3.55 -10.05 -16.67
N THR A 25 -3.71 -8.81 -16.32
CA THR A 25 -2.56 -8.02 -15.81
C THR A 25 -2.63 -7.92 -14.29
N ALA A 26 -2.87 -9.02 -13.62
CA ALA A 26 -2.95 -8.97 -12.13
C ALA A 26 -1.53 -8.82 -11.56
N GLU A 27 -1.06 -7.61 -11.44
CA GLU A 27 0.31 -7.39 -10.89
C GLU A 27 0.22 -7.09 -9.40
N ALA A 28 -0.78 -7.60 -8.76
CA ALA A 28 -0.94 -7.37 -7.30
C ALA A 28 0.40 -7.55 -6.59
N THR A 29 0.87 -6.54 -5.93
CA THR A 29 2.18 -6.66 -5.21
C THR A 29 2.19 -5.73 -4.00
N VAL A 30 2.88 -6.11 -2.95
CA VAL A 30 2.93 -5.25 -1.74
C VAL A 30 4.35 -4.71 -1.57
N CYS A 31 4.48 -3.55 -0.99
CA CYS A 31 5.84 -2.97 -0.79
C CYS A 31 5.95 -2.42 0.63
N THR A 32 6.25 -3.26 1.58
CA THR A 32 6.38 -2.76 2.99
C THR A 32 7.68 -1.96 3.11
N VAL A 33 7.58 -0.71 3.50
CA VAL A 33 8.80 0.14 3.60
C VAL A 33 8.71 1.11 4.79
N THR A 34 9.82 1.67 5.21
CA THR A 34 9.80 2.65 6.33
C THR A 34 10.23 4.02 5.79
N LEU A 35 9.53 5.07 6.14
CA LEU A 35 9.92 6.42 5.62
C LEU A 35 10.43 7.32 6.75
N GLU A 36 11.53 6.96 7.34
CA GLU A 36 12.13 7.75 8.46
C GLU A 36 11.64 9.20 8.43
N LYS A 37 10.76 9.55 9.34
CA LYS A 37 10.25 10.96 9.37
C LYS A 37 11.29 11.86 10.03
N MET A 38 11.82 12.80 9.30
CA MET A 38 12.85 13.71 9.88
C MET A 38 12.71 15.10 9.25
N SER A 39 12.44 15.15 7.97
CA SER A 39 12.28 16.47 7.29
C SER A 39 11.00 17.15 7.78
N ALA A 40 9.88 16.83 7.18
CA ALA A 40 8.61 17.47 7.62
C ALA A 40 7.43 16.84 6.88
N GLY A 41 7.46 15.54 6.68
CA GLY A 41 6.33 14.87 5.98
C GLY A 41 6.85 13.66 5.20
N LEU A 42 7.76 12.92 5.79
CA LEU A 42 8.32 11.72 5.10
C LEU A 42 8.48 11.98 3.61
N GLY A 43 8.68 13.21 3.24
CA GLY A 43 8.84 13.51 1.79
C GLY A 43 7.68 12.87 1.02
N PHE A 44 6.60 12.55 1.69
CA PHE A 44 5.46 11.92 0.97
C PHE A 44 4.15 12.26 1.69
N SER A 45 3.12 12.51 0.92
CA SER A 45 1.78 12.83 1.49
C SER A 45 0.79 11.89 0.80
N LEU A 46 -0.33 11.58 1.37
CA LEU A 46 -1.22 10.65 0.61
C LEU A 46 -2.69 10.98 0.71
N GLU A 47 -3.45 10.42 -0.21
CA GLU A 47 -4.90 10.70 -0.24
C GLU A 47 -5.65 9.47 -0.74
N GLY A 48 -6.89 9.37 -0.38
CA GLY A 48 -7.72 8.22 -0.83
C GLY A 48 -9.17 8.69 -0.90
N GLY A 49 -9.90 8.49 0.15
CA GLY A 49 -11.32 8.95 0.13
C GLY A 49 -12.12 8.37 1.31
N LYS A 50 -12.39 9.18 2.31
CA LYS A 50 -13.18 8.70 3.51
C LYS A 50 -14.16 7.60 3.07
N GLY A 51 -14.20 6.51 3.79
CA GLY A 51 -15.11 5.38 3.42
C GLY A 51 -16.46 5.95 2.97
N SER A 52 -16.68 6.02 1.67
CA SER A 52 -17.97 6.55 1.16
C SER A 52 -18.58 5.53 0.20
N LEU A 53 -19.87 5.33 0.27
CA LEU A 53 -20.52 4.34 -0.65
C LEU A 53 -19.89 2.96 -0.41
N HIS A 54 -19.88 2.13 -1.42
CA HIS A 54 -19.28 0.78 -1.26
C HIS A 54 -17.79 0.84 -1.62
N GLY A 55 -17.17 1.97 -1.41
CA GLY A 55 -15.72 2.09 -1.76
C GLY A 55 -14.92 2.47 -0.49
N ASP A 56 -14.31 1.52 0.16
CA ASP A 56 -13.53 1.84 1.39
C ASP A 56 -12.58 3.01 1.10
N LYS A 57 -11.80 3.43 2.05
CA LYS A 57 -10.88 4.58 1.80
C LYS A 57 -9.42 4.10 1.77
N PRO A 58 -8.99 3.61 0.63
CA PRO A 58 -7.61 3.13 0.45
C PRO A 58 -6.66 4.32 0.21
N LEU A 59 -6.44 5.13 1.21
CA LEU A 59 -5.54 6.30 1.03
C LEU A 59 -4.31 5.87 0.21
N THR A 60 -3.95 6.65 -0.78
CA THR A 60 -2.78 6.28 -1.62
C THR A 60 -1.84 7.49 -1.72
N ILE A 61 -0.54 7.32 -1.93
CA ILE A 61 0.30 8.53 -2.00
C ILE A 61 -0.05 9.34 -3.25
N ASN A 62 -0.12 10.63 -3.10
CA ASN A 62 -0.48 11.53 -4.23
C ASN A 62 0.70 12.45 -4.57
N ARG A 63 1.25 13.13 -3.61
CA ARG A 63 2.38 14.04 -3.90
C ARG A 63 3.65 13.57 -3.18
N ILE A 64 4.45 12.80 -3.84
CA ILE A 64 5.70 12.34 -3.19
C ILE A 64 6.81 13.29 -3.59
N PHE A 65 7.83 13.37 -2.79
CA PHE A 65 8.94 14.29 -3.12
C PHE A 65 10.27 13.54 -3.18
N LYS A 66 10.73 13.24 -4.36
CA LYS A 66 12.03 12.50 -4.49
C LYS A 66 13.06 13.19 -3.58
N GLY A 67 13.24 12.69 -2.39
CA GLY A 67 14.24 13.31 -1.47
C GLY A 67 14.01 12.80 -0.05
N ALA A 68 14.37 11.56 0.20
CA ALA A 68 14.18 11.00 1.56
C ALA A 68 14.41 9.48 1.52
N ALA A 69 14.08 8.80 2.58
CA ALA A 69 14.28 7.32 2.59
C ALA A 69 15.77 7.00 2.51
N SER A 70 16.20 5.98 3.19
CA SER A 70 17.64 5.61 3.15
C SER A 70 17.83 4.18 3.65
N GLU A 71 16.97 3.28 3.25
CA GLU A 71 17.11 1.87 3.72
C GLU A 71 17.20 0.94 2.51
N GLN A 72 16.66 1.34 1.39
CA GLN A 72 16.73 0.47 0.18
C GLN A 72 16.18 1.22 -1.03
N SER A 73 16.28 2.52 -1.03
CA SER A 73 15.77 3.32 -2.18
C SER A 73 14.35 2.87 -2.55
N GLU A 74 13.77 3.47 -3.55
CA GLU A 74 12.39 3.09 -3.96
C GLU A 74 11.54 2.80 -2.73
N THR A 75 11.65 3.62 -1.72
CA THR A 75 10.85 3.39 -0.49
C THR A 75 9.54 4.16 -0.58
N VAL A 76 9.09 4.40 -1.78
CA VAL A 76 7.80 5.14 -1.96
C VAL A 76 7.22 4.80 -3.33
N GLN A 77 5.95 4.98 -3.50
CA GLN A 77 5.30 4.67 -4.81
C GLN A 77 4.12 5.62 -5.03
N PRO A 78 3.90 5.99 -6.26
CA PRO A 78 2.81 6.91 -6.64
C PRO A 78 1.47 6.18 -6.69
N GLY A 79 0.46 6.74 -6.07
CA GLY A 79 -0.89 6.07 -6.10
C GLY A 79 -0.83 4.73 -5.36
N ASP A 80 0.24 4.47 -4.66
CA ASP A 80 0.34 3.17 -3.93
C ASP A 80 -0.79 3.07 -2.89
N GLU A 81 -1.30 1.89 -2.61
CA GLU A 81 -2.41 1.80 -1.61
C GLU A 81 -1.83 1.57 -0.20
N ILE A 82 -1.27 2.58 0.43
CA ILE A 82 -0.71 2.41 1.81
C ILE A 82 -1.85 2.31 2.83
N LEU A 83 -1.96 1.21 3.55
CA LEU A 83 -3.07 1.07 4.54
C LEU A 83 -2.74 1.87 5.82
N GLN A 84 -1.55 1.74 6.34
CA GLN A 84 -1.21 2.52 7.58
C GLN A 84 0.10 3.27 7.36
N LEU A 85 0.26 4.39 8.01
CA LEU A 85 1.52 5.16 7.85
C LEU A 85 2.27 5.11 9.17
N GLY A 86 3.44 4.50 9.18
CA GLY A 86 4.26 4.38 10.41
C GLY A 86 3.85 5.42 11.46
N GLY A 87 2.84 5.13 12.22
CA GLY A 87 2.37 6.12 13.25
C GLY A 87 0.91 6.49 12.99
N THR A 88 0.27 5.81 12.06
CA THR A 88 -1.15 6.12 11.79
C THR A 88 -1.73 5.01 10.92
N ALA A 89 -2.96 4.69 11.13
CA ALA A 89 -3.61 3.66 10.29
C ALA A 89 -4.81 4.30 9.60
N MET A 90 -5.04 3.97 8.36
CA MET A 90 -6.18 4.60 7.64
C MET A 90 -7.47 3.78 7.85
N GLN A 91 -7.47 2.52 7.48
CA GLN A 91 -8.75 1.72 7.64
C GLN A 91 -9.55 2.12 8.90
N GLY A 92 -8.93 2.60 9.94
CA GLY A 92 -9.72 3.03 11.12
C GLY A 92 -9.50 4.53 11.27
N LEU A 93 -9.62 5.26 10.19
CA LEU A 93 -9.36 6.72 10.26
C LEU A 93 -9.97 7.40 9.02
N THR A 94 -9.53 8.60 8.75
CA THR A 94 -10.04 9.34 7.56
C THR A 94 -8.84 9.77 6.72
N ARG A 95 -9.03 10.11 5.47
CA ARG A 95 -7.87 10.52 4.64
C ARG A 95 -7.12 11.66 5.33
N PHE A 96 -7.73 12.82 5.44
CA PHE A 96 -7.04 13.97 6.08
C PHE A 96 -6.57 13.59 7.49
N GLU A 97 -7.43 13.03 8.31
CA GLU A 97 -6.99 12.66 9.68
C GLU A 97 -5.75 11.77 9.56
N ALA A 98 -5.75 10.85 8.65
CA ALA A 98 -4.57 9.95 8.49
C ALA A 98 -3.29 10.77 8.36
N TRP A 99 -3.14 11.46 7.26
CA TRP A 99 -1.89 12.27 7.06
C TRP A 99 -1.70 13.26 8.22
N ASN A 100 -2.70 13.48 9.03
CA ASN A 100 -2.54 14.43 10.17
C ASN A 100 -1.86 13.72 11.36
N ILE A 101 -2.33 12.56 11.77
CA ILE A 101 -1.69 11.85 12.92
C ILE A 101 -0.20 11.67 12.66
N ILE A 102 0.16 11.29 11.47
CA ILE A 102 1.61 11.09 11.17
C ILE A 102 2.35 12.38 11.51
N LYS A 103 1.94 13.46 10.92
CA LYS A 103 2.62 14.75 11.18
C LYS A 103 2.93 14.89 12.68
N ALA A 104 2.06 14.38 13.50
CA ALA A 104 2.26 14.49 14.98
C ALA A 104 3.01 13.27 15.53
N LEU A 105 3.40 12.34 14.69
CA LEU A 105 4.12 11.14 15.21
C LEU A 105 5.58 11.50 15.57
N PRO A 106 6.29 10.55 16.13
CA PRO A 106 7.70 10.76 16.55
C PRO A 106 8.68 10.58 15.37
N ASP A 107 9.46 11.58 15.08
CA ASP A 107 10.44 11.50 13.96
C ASP A 107 11.22 10.19 14.07
N GLY A 108 10.72 9.14 13.47
CA GLY A 108 11.44 7.83 13.55
C GLY A 108 11.13 7.00 12.29
N PRO A 109 11.18 5.70 12.46
CA PRO A 109 10.92 4.74 11.37
C PRO A 109 9.42 4.63 11.10
N VAL A 110 8.92 5.37 10.14
CA VAL A 110 7.49 5.27 9.82
C VAL A 110 7.33 4.14 8.83
N THR A 111 6.71 3.08 9.23
CA THR A 111 6.57 1.93 8.32
C THR A 111 5.31 2.06 7.47
N ILE A 112 5.46 1.80 6.21
CA ILE A 112 4.32 1.88 5.28
C ILE A 112 4.09 0.50 4.67
N VAL A 113 2.89 0.23 4.26
CA VAL A 113 2.59 -1.08 3.63
C VAL A 113 1.66 -0.81 2.47
N ILE A 114 2.18 -0.76 1.29
CA ILE A 114 1.33 -0.46 0.11
C ILE A 114 1.18 -1.70 -0.76
N ARG A 115 0.04 -1.84 -1.38
CA ARG A 115 -0.18 -3.00 -2.29
C ARG A 115 -0.73 -2.46 -3.60
N ARG A 116 0.01 -2.59 -4.66
CA ARG A 116 -0.46 -2.05 -5.97
C ARG A 116 -1.25 -3.14 -6.70
N LYS A 117 -2.52 -3.26 -6.42
CA LYS A 117 -3.33 -4.29 -7.12
C LYS A 117 -3.55 -3.87 -8.57
N SER A 118 -2.68 -4.27 -9.45
CA SER A 118 -2.84 -3.88 -10.88
C SER A 118 -2.84 -2.35 -11.00
N LEU A 119 -3.30 -1.84 -12.11
CA LEU A 119 -3.32 -0.36 -12.27
C LEU A 119 -1.90 0.19 -12.18
N GLN A 120 -1.38 0.72 -13.25
CA GLN A 120 0.00 1.28 -13.21
C GLN A 120 -0.05 2.80 -13.22
N SER A 121 -1.23 3.37 -13.16
CA SER A 121 -1.35 4.86 -13.16
C SER A 121 -0.67 5.42 -14.39
N LYS A 122 -0.72 6.73 -14.57
CA LYS A 122 -0.08 7.34 -15.76
C LYS A 122 0.28 8.79 -15.45
N GLU A 123 1.49 9.03 -14.99
CA GLU A 123 1.90 10.42 -14.67
C GLU A 123 0.92 11.02 -13.65
N THR A 124 0.98 12.31 -13.45
CA THR A 124 0.05 12.95 -12.48
C THR A 124 -0.40 14.31 -13.02
N THR A 125 0.52 15.11 -13.49
CA THR A 125 0.16 16.44 -14.04
C THR A 125 -0.40 17.32 -12.91
N ALA A 126 0.46 18.01 -12.20
CA ALA A 126 -0.01 18.89 -11.09
C ALA A 126 -0.80 18.07 -10.07
N ALA A 127 -1.03 18.64 -8.91
CA ALA A 127 -1.79 17.89 -7.86
C ALA A 127 -3.27 18.27 -7.95
N GLY A 128 -4.12 17.32 -8.22
CA GLY A 128 -5.58 17.62 -8.32
C GLY A 128 -6.09 18.12 -6.97
N ASP A 129 -7.12 18.91 -6.98
CA ASP A 129 -7.68 19.43 -5.70
C ASP A 129 -6.67 20.38 -5.05
N SER A 130 -7.00 21.64 -4.94
CA SER A 130 -6.07 22.60 -4.31
C SER A 130 -6.86 23.65 -3.53
N MET A 1 -37.03 -19.31 37.25
CA MET A 1 -35.92 -18.60 37.94
C MET A 1 -35.69 -17.24 37.26
N PRO A 2 -35.45 -17.27 35.98
CA PRO A 2 -35.21 -16.04 35.20
C PRO A 2 -36.53 -15.35 34.89
N ASP A 3 -37.50 -16.09 34.41
CA ASP A 3 -38.82 -15.50 34.09
C ASP A 3 -38.66 -14.46 32.98
N LEU A 4 -38.28 -13.25 33.34
CA LEU A 4 -38.10 -12.19 32.30
C LEU A 4 -37.50 -10.96 32.96
N ASN A 5 -36.66 -10.24 32.25
CA ASN A 5 -36.05 -9.02 32.83
C ASN A 5 -35.07 -8.42 31.82
N SER A 6 -34.67 -7.19 32.03
CA SER A 6 -33.72 -6.54 31.09
C SER A 6 -32.51 -7.47 30.85
N SER A 7 -31.64 -7.12 29.95
CA SER A 7 -30.46 -7.98 29.69
C SER A 7 -29.61 -7.34 28.58
N THR A 8 -28.64 -6.55 28.95
CA THR A 8 -27.77 -5.91 27.92
C THR A 8 -26.40 -6.59 27.93
N ASP A 9 -25.96 -7.03 29.07
CA ASP A 9 -24.63 -7.71 29.15
C ASP A 9 -24.72 -9.09 28.52
N SER A 10 -24.28 -9.23 27.30
CA SER A 10 -24.35 -10.55 26.63
C SER A 10 -23.13 -10.73 25.72
N ALA A 11 -22.32 -11.70 25.98
CA ALA A 11 -21.12 -11.93 25.13
C ALA A 11 -21.21 -13.31 24.46
N ALA A 12 -20.44 -13.53 23.45
CA ALA A 12 -20.49 -14.85 22.75
C ALA A 12 -19.36 -15.74 23.27
N SER A 13 -18.18 -15.20 23.40
CA SER A 13 -17.03 -16.02 23.90
C SER A 13 -15.85 -15.11 24.22
N ALA A 14 -14.92 -15.58 25.00
CA ALA A 14 -13.74 -14.74 25.34
C ALA A 14 -13.18 -14.10 24.07
N SER A 15 -12.69 -14.90 23.17
CA SER A 15 -12.13 -14.34 21.89
C SER A 15 -12.14 -15.41 20.81
N ALA A 16 -13.30 -15.92 20.48
CA ALA A 16 -13.37 -16.97 19.43
C ALA A 16 -13.81 -16.35 18.11
N ALA A 17 -14.56 -15.27 18.17
CA ALA A 17 -15.01 -14.61 16.92
C ALA A 17 -13.86 -13.82 16.31
N SER A 18 -14.15 -12.97 15.37
CA SER A 18 -13.08 -12.17 14.72
C SER A 18 -12.18 -13.09 13.89
N ASP A 19 -10.93 -12.77 13.78
CA ASP A 19 -10.00 -13.62 12.98
C ASP A 19 -10.48 -13.65 11.51
N VAL A 20 -10.12 -12.66 10.75
CA VAL A 20 -10.54 -12.62 9.33
C VAL A 20 -9.52 -13.38 8.47
N SER A 21 -9.93 -13.89 7.35
CA SER A 21 -8.98 -14.63 6.47
C SER A 21 -8.02 -13.65 5.81
N VAL A 22 -6.77 -14.02 5.68
CA VAL A 22 -5.77 -13.10 5.05
C VAL A 22 -5.06 -13.84 3.91
N GLU A 23 -4.22 -13.15 3.19
CA GLU A 23 -3.49 -13.81 2.06
C GLU A 23 -4.50 -14.32 1.04
N SER A 24 -4.04 -14.74 -0.11
CA SER A 24 -4.98 -15.25 -1.15
C SER A 24 -6.08 -14.24 -1.38
N THR A 25 -5.79 -13.19 -2.11
CA THR A 25 -6.84 -12.15 -2.38
C THR A 25 -6.93 -11.91 -3.89
N ALA A 26 -6.00 -11.19 -4.44
CA ALA A 26 -6.04 -10.90 -5.90
C ALA A 26 -4.61 -10.85 -6.46
N GLU A 27 -3.77 -11.74 -6.02
CA GLU A 27 -2.36 -11.75 -6.52
C GLU A 27 -1.78 -10.34 -6.43
N ALA A 28 -2.32 -9.53 -5.58
CA ALA A 28 -1.81 -8.14 -5.43
C ALA A 28 -0.34 -8.18 -5.01
N THR A 29 0.32 -7.06 -5.03
CA THR A 29 1.76 -7.05 -4.63
C THR A 29 1.95 -6.13 -3.42
N VAL A 30 2.74 -6.53 -2.46
CA VAL A 30 2.96 -5.67 -1.27
C VAL A 30 4.43 -5.31 -1.16
N CYS A 31 4.72 -4.12 -0.70
CA CYS A 31 6.14 -3.70 -0.53
C CYS A 31 6.27 -2.95 0.78
N THR A 32 6.51 -3.65 1.85
CA THR A 32 6.65 -2.98 3.18
C THR A 32 7.95 -2.18 3.22
N VAL A 33 7.88 -0.93 3.59
CA VAL A 33 9.11 -0.08 3.63
C VAL A 33 9.03 0.94 4.78
N THR A 34 10.16 1.49 5.18
CA THR A 34 10.16 2.51 6.27
C THR A 34 10.75 3.82 5.76
N LEU A 35 10.08 4.91 6.05
CA LEU A 35 10.62 6.22 5.64
C LEU A 35 11.27 6.85 6.88
N GLU A 36 12.12 7.82 6.71
CA GLU A 36 12.76 8.43 7.90
C GLU A 36 12.17 9.83 8.10
N LYS A 37 11.30 10.01 9.06
CA LYS A 37 10.72 11.36 9.27
C LYS A 37 11.67 12.23 10.09
N MET A 38 11.96 13.41 9.62
CA MET A 38 12.87 14.33 10.38
C MET A 38 12.27 15.73 10.36
N SER A 39 11.67 16.12 9.26
CA SER A 39 11.07 17.49 9.18
C SER A 39 10.49 17.72 7.78
N ALA A 40 9.39 17.09 7.46
CA ALA A 40 8.80 17.29 6.11
C ALA A 40 7.56 16.40 5.94
N GLY A 41 7.53 15.28 6.58
CA GLY A 41 6.36 14.36 6.45
C GLY A 41 6.69 13.22 5.50
N LEU A 42 7.57 12.34 5.90
CA LEU A 42 7.96 11.19 5.03
C LEU A 42 8.13 11.63 3.58
N GLY A 43 8.37 12.90 3.37
CA GLY A 43 8.53 13.39 1.98
C GLY A 43 7.30 13.03 1.14
N PHE A 44 6.24 12.56 1.76
CA PHE A 44 5.04 12.23 0.96
C PHE A 44 3.79 12.57 1.75
N SER A 45 2.74 12.80 1.04
CA SER A 45 1.43 13.14 1.68
C SER A 45 0.45 12.04 1.29
N LEU A 46 -0.54 11.79 2.11
CA LEU A 46 -1.50 10.70 1.79
C LEU A 46 -2.86 11.26 1.36
N GLU A 47 -3.52 10.61 0.44
CA GLU A 47 -4.87 11.08 0.04
C GLU A 47 -5.87 10.00 0.41
N GLY A 48 -7.11 10.34 0.58
CA GLY A 48 -8.11 9.30 0.99
C GLY A 48 -9.45 9.62 0.36
N GLY A 49 -9.96 8.75 -0.47
CA GLY A 49 -11.28 9.02 -1.11
C GLY A 49 -12.39 8.90 -0.07
N LYS A 50 -12.32 9.64 1.01
CA LYS A 50 -13.38 9.56 2.06
C LYS A 50 -14.75 9.36 1.40
N GLY A 51 -15.27 8.16 1.45
CA GLY A 51 -16.60 7.90 0.81
C GLY A 51 -17.65 7.58 1.89
N SER A 52 -18.09 6.35 1.97
CA SER A 52 -19.11 6.00 2.99
C SER A 52 -19.23 4.47 3.10
N LEU A 53 -20.40 3.98 3.41
CA LEU A 53 -20.58 2.51 3.53
C LEU A 53 -20.47 1.86 2.16
N HIS A 54 -20.60 2.62 1.12
CA HIS A 54 -20.51 2.04 -0.26
C HIS A 54 -19.45 2.79 -1.06
N GLY A 55 -18.41 3.25 -0.42
CA GLY A 55 -17.35 4.00 -1.17
C GLY A 55 -15.97 3.43 -0.81
N ASP A 56 -15.73 3.15 0.44
CA ASP A 56 -14.39 2.61 0.84
C ASP A 56 -13.32 3.64 0.49
N LYS A 57 -12.51 4.01 1.43
CA LYS A 57 -11.46 5.04 1.13
C LYS A 57 -10.06 4.48 1.41
N PRO A 58 -9.48 3.87 0.39
CA PRO A 58 -8.12 3.31 0.48
C PRO A 58 -7.12 4.46 0.32
N LEU A 59 -6.80 5.14 1.37
CA LEU A 59 -5.85 6.28 1.24
C LEU A 59 -4.66 5.89 0.36
N THR A 60 -4.08 6.85 -0.31
CA THR A 60 -2.92 6.54 -1.21
C THR A 60 -1.95 7.74 -1.25
N ILE A 61 -0.69 7.55 -1.63
CA ILE A 61 0.23 8.73 -1.70
C ILE A 61 -0.02 9.48 -3.00
N ASN A 62 -0.43 10.69 -2.88
CA ASN A 62 -0.70 11.52 -4.11
C ASN A 62 0.25 12.72 -4.22
N ARG A 63 1.16 12.91 -3.31
CA ARG A 63 2.08 14.08 -3.44
C ARG A 63 3.41 13.74 -2.79
N ILE A 64 4.30 13.12 -3.52
CA ILE A 64 5.61 12.77 -2.94
C ILE A 64 6.64 13.83 -3.26
N PHE A 65 7.53 14.05 -2.35
CA PHE A 65 8.57 15.09 -2.56
C PHE A 65 9.94 14.43 -2.77
N LYS A 66 10.42 13.71 -1.79
CA LYS A 66 11.74 13.04 -1.94
C LYS A 66 11.64 11.59 -1.50
N GLY A 67 11.72 10.67 -2.42
CA GLY A 67 11.64 9.23 -2.05
C GLY A 67 12.87 8.86 -1.23
N ALA A 68 12.91 9.28 0.01
CA ALA A 68 14.09 8.96 0.86
C ALA A 68 14.08 7.47 1.21
N ALA A 69 15.18 6.95 1.67
CA ALA A 69 15.22 5.50 2.03
C ALA A 69 16.39 5.25 2.98
N SER A 70 16.16 4.59 4.08
CA SER A 70 17.26 4.30 5.03
C SER A 70 18.09 3.13 4.53
N GLU A 71 17.61 2.42 3.55
CA GLU A 71 18.39 1.27 3.01
C GLU A 71 17.54 0.51 1.98
N GLN A 72 16.81 1.21 1.16
CA GLN A 72 15.96 0.53 0.14
C GLN A 72 15.97 1.34 -1.16
N SER A 73 15.60 0.72 -2.25
CA SER A 73 15.59 1.45 -3.55
C SER A 73 14.19 2.03 -3.79
N GLU A 74 14.03 3.31 -3.59
CA GLU A 74 12.69 3.94 -3.82
C GLU A 74 11.69 3.36 -2.81
N THR A 75 11.65 3.92 -1.62
CA THR A 75 10.71 3.40 -0.59
C THR A 75 9.39 4.17 -0.66
N VAL A 76 9.09 4.73 -1.80
CA VAL A 76 7.81 5.49 -1.94
C VAL A 76 7.21 5.20 -3.31
N GLN A 77 5.94 5.41 -3.47
CA GLN A 77 5.29 5.14 -4.79
C GLN A 77 4.10 6.09 -4.97
N PRO A 78 3.91 6.54 -6.18
CA PRO A 78 2.81 7.46 -6.51
C PRO A 78 1.50 6.68 -6.68
N GLY A 79 0.53 6.95 -5.85
CA GLY A 79 -0.78 6.22 -5.98
C GLY A 79 -0.74 4.89 -5.21
N ASP A 80 0.33 4.58 -4.53
CA ASP A 80 0.40 3.29 -3.79
C ASP A 80 -0.77 3.21 -2.79
N GLU A 81 -1.44 2.09 -2.68
CA GLU A 81 -2.57 2.01 -1.68
C GLU A 81 -2.00 1.69 -0.29
N ILE A 82 -1.20 2.56 0.26
CA ILE A 82 -0.61 2.29 1.61
C ILE A 82 -1.75 2.14 2.64
N LEU A 83 -1.86 1.00 3.30
CA LEU A 83 -2.98 0.84 4.28
C LEU A 83 -2.66 1.52 5.63
N GLN A 84 -1.44 1.45 6.10
CA GLN A 84 -1.11 2.10 7.40
C GLN A 84 0.32 2.64 7.38
N LEU A 85 0.61 3.61 8.19
CA LEU A 85 1.98 4.19 8.23
C LEU A 85 2.62 3.91 9.58
N GLY A 86 3.83 4.37 9.77
CA GLY A 86 4.54 4.15 11.06
C GLY A 86 3.62 4.45 12.25
N GLY A 87 2.59 5.23 12.05
CA GLY A 87 1.68 5.54 13.21
C GLY A 87 0.30 5.98 12.73
N THR A 88 -0.25 5.33 11.74
CA THR A 88 -1.60 5.71 11.27
C THR A 88 -2.13 4.61 10.33
N ALA A 89 -3.38 4.31 10.43
CA ALA A 89 -3.95 3.27 9.53
C ALA A 89 -5.02 3.92 8.64
N MET A 90 -4.85 3.84 7.37
CA MET A 90 -5.82 4.45 6.42
C MET A 90 -7.22 3.87 6.62
N GLN A 91 -7.38 2.60 6.33
CA GLN A 91 -8.76 1.99 6.43
C GLN A 91 -9.58 2.57 7.60
N GLY A 92 -9.00 3.03 8.66
CA GLY A 92 -9.83 3.60 9.74
C GLY A 92 -9.43 5.06 9.86
N LEU A 93 -9.36 5.77 8.75
CA LEU A 93 -8.95 7.19 8.83
C LEU A 93 -9.37 7.93 7.55
N THR A 94 -9.84 9.13 7.71
CA THR A 94 -10.24 9.93 6.51
C THR A 94 -8.97 10.54 5.92
N ARG A 95 -9.03 11.03 4.71
CA ARG A 95 -7.77 11.60 4.11
C ARG A 95 -7.07 12.56 5.08
N PHE A 96 -7.69 13.63 5.46
CA PHE A 96 -7.00 14.59 6.36
C PHE A 96 -6.69 13.93 7.70
N GLU A 97 -7.66 13.34 8.33
CA GLU A 97 -7.37 12.68 9.63
C GLU A 97 -6.20 11.73 9.46
N ALA A 98 -6.16 11.00 8.38
CA ALA A 98 -5.05 10.04 8.15
C ALA A 98 -3.71 10.77 8.12
N TRP A 99 -3.48 11.55 7.11
CA TRP A 99 -2.16 12.27 6.99
C TRP A 99 -1.88 13.10 8.25
N ASN A 100 -2.86 13.32 9.09
CA ASN A 100 -2.61 14.13 10.33
C ASN A 100 -2.01 13.24 11.44
N ILE A 101 -2.58 12.10 11.71
CA ILE A 101 -2.02 11.22 12.79
C ILE A 101 -0.55 10.95 12.53
N ILE A 102 -0.19 10.69 11.31
CA ILE A 102 1.24 10.40 11.01
C ILE A 102 2.10 11.55 11.54
N LYS A 103 1.86 12.72 11.03
CA LYS A 103 2.66 13.90 11.48
C LYS A 103 2.86 13.84 13.00
N ALA A 104 1.88 13.36 13.70
CA ALA A 104 1.98 13.29 15.19
C ALA A 104 3.08 12.29 15.60
N LEU A 105 3.33 11.30 14.79
CA LEU A 105 4.38 10.30 15.14
C LEU A 105 5.70 11.03 15.41
N PRO A 106 6.70 10.28 15.82
CA PRO A 106 8.04 10.82 16.11
C PRO A 106 8.86 10.93 14.83
N ASP A 107 10.05 11.47 14.92
CA ASP A 107 10.91 11.61 13.71
C ASP A 107 11.89 10.44 13.63
N GLY A 108 11.50 9.37 12.98
CA GLY A 108 12.40 8.19 12.88
C GLY A 108 11.97 7.32 11.68
N PRO A 109 12.04 6.02 11.86
CA PRO A 109 11.66 5.05 10.81
C PRO A 109 10.14 4.94 10.70
N VAL A 110 9.58 5.63 9.75
CA VAL A 110 8.11 5.55 9.55
C VAL A 110 7.84 4.35 8.65
N THR A 111 7.15 3.38 9.14
CA THR A 111 6.90 2.17 8.31
C THR A 111 5.67 2.34 7.45
N ILE A 112 5.76 1.90 6.23
CA ILE A 112 4.63 2.00 5.28
C ILE A 112 4.34 0.62 4.71
N VAL A 113 3.13 0.39 4.29
CA VAL A 113 2.80 -0.93 3.71
C VAL A 113 2.01 -0.69 2.43
N ILE A 114 2.67 -0.68 1.33
CA ILE A 114 1.97 -0.43 0.04
C ILE A 114 1.56 -1.77 -0.59
N ARG A 115 0.33 -1.89 -0.97
CA ARG A 115 -0.13 -3.14 -1.60
C ARG A 115 -0.82 -2.76 -2.91
N ARG A 116 -0.14 -2.87 -4.02
CA ARG A 116 -0.77 -2.47 -5.30
C ARG A 116 -1.49 -3.68 -5.91
N LYS A 117 -2.74 -3.51 -6.28
CA LYS A 117 -3.49 -4.65 -6.88
C LYS A 117 -3.22 -4.69 -8.39
N SER A 118 -3.62 -5.74 -9.05
CA SER A 118 -3.39 -5.84 -10.51
C SER A 118 -4.36 -4.91 -11.24
N LEU A 119 -4.21 -4.77 -12.53
CA LEU A 119 -5.13 -3.87 -13.28
C LEU A 119 -4.94 -4.08 -14.79
N GLN A 120 -5.29 -5.23 -15.28
CA GLN A 120 -5.12 -5.49 -16.73
C GLN A 120 -6.50 -5.52 -17.40
N SER A 121 -7.45 -4.80 -16.88
CA SER A 121 -8.81 -4.78 -17.49
C SER A 121 -9.28 -3.33 -17.63
N LYS A 122 -10.11 -3.07 -18.61
CA LYS A 122 -10.60 -1.67 -18.81
C LYS A 122 -11.96 -1.52 -18.13
N GLU A 123 -12.23 -0.37 -17.58
CA GLU A 123 -13.55 -0.16 -16.90
C GLU A 123 -13.62 1.25 -16.32
N THR A 124 -14.21 2.17 -17.05
CA THR A 124 -14.30 3.56 -16.54
C THR A 124 -15.76 4.03 -16.61
N THR A 125 -16.31 4.47 -15.51
CA THR A 125 -17.72 4.93 -15.53
C THR A 125 -17.96 5.90 -14.36
N ALA A 126 -18.55 7.03 -14.62
CA ALA A 126 -18.82 7.99 -13.52
C ALA A 126 -17.57 8.12 -12.64
N ALA A 127 -16.46 8.50 -13.21
CA ALA A 127 -15.21 8.64 -12.40
C ALA A 127 -14.49 9.93 -12.81
N GLY A 128 -15.22 10.98 -13.06
CA GLY A 128 -14.58 12.25 -13.47
C GLY A 128 -14.94 12.57 -14.92
N ASP A 129 -15.08 11.57 -15.74
CA ASP A 129 -15.43 11.81 -17.17
C ASP A 129 -14.38 12.72 -17.80
N SER A 130 -14.76 13.49 -18.79
CA SER A 130 -13.78 14.39 -19.45
C SER A 130 -12.56 13.59 -19.90
N MET A 1 -23.93 9.17 -58.01
CA MET A 1 -23.32 8.72 -56.72
C MET A 1 -22.60 9.89 -56.04
N PRO A 2 -22.25 9.70 -54.79
CA PRO A 2 -21.55 10.71 -53.99
C PRO A 2 -20.06 10.75 -54.34
N ASP A 3 -19.27 9.95 -53.70
CA ASP A 3 -17.81 9.94 -53.99
C ASP A 3 -17.34 8.52 -54.28
N LEU A 4 -16.72 8.30 -55.40
CA LEU A 4 -16.24 6.93 -55.74
C LEU A 4 -15.15 6.51 -54.75
N ASN A 5 -15.53 6.10 -53.58
CA ASN A 5 -14.51 5.68 -52.58
C ASN A 5 -15.06 4.53 -51.72
N SER A 6 -15.99 4.83 -50.85
CA SER A 6 -16.56 3.76 -49.99
C SER A 6 -15.48 3.20 -49.08
N SER A 7 -15.79 2.21 -48.30
CA SER A 7 -14.76 1.61 -47.40
C SER A 7 -13.61 1.05 -48.24
N THR A 8 -13.92 0.40 -49.33
CA THR A 8 -12.86 -0.17 -50.20
C THR A 8 -11.83 -0.91 -49.33
N ASP A 9 -12.12 -2.12 -48.95
CA ASP A 9 -11.17 -2.89 -48.10
C ASP A 9 -10.84 -2.09 -46.84
N SER A 10 -9.59 -1.72 -46.65
CA SER A 10 -9.24 -0.94 -45.43
C SER A 10 -9.55 -1.77 -44.19
N ALA A 11 -8.91 -1.48 -43.09
CA ALA A 11 -9.16 -2.26 -41.85
C ALA A 11 -8.99 -3.75 -42.14
N ALA A 12 -8.22 -4.08 -43.14
CA ALA A 12 -8.01 -5.51 -43.48
C ALA A 12 -6.96 -6.11 -42.56
N SER A 13 -6.62 -7.36 -42.76
CA SER A 13 -5.60 -8.00 -41.87
C SER A 13 -6.09 -7.99 -40.43
N ALA A 14 -5.20 -8.23 -39.49
CA ALA A 14 -5.63 -8.24 -38.06
C ALA A 14 -6.20 -6.87 -37.69
N SER A 15 -6.48 -6.66 -36.42
CA SER A 15 -7.04 -5.36 -35.98
C SER A 15 -7.11 -5.32 -34.46
N ALA A 16 -7.21 -4.15 -33.89
CA ALA A 16 -7.28 -4.05 -32.40
C ALA A 16 -6.04 -4.72 -31.79
N ALA A 17 -5.81 -4.54 -30.52
CA ALA A 17 -4.62 -5.17 -29.88
C ALA A 17 -5.07 -6.28 -28.93
N SER A 18 -4.50 -7.43 -29.04
CA SER A 18 -4.89 -8.56 -28.14
C SER A 18 -3.87 -8.67 -27.00
N ASP A 19 -2.65 -9.01 -27.33
CA ASP A 19 -1.61 -9.15 -26.26
C ASP A 19 -1.95 -10.32 -25.36
N VAL A 20 -0.98 -11.15 -25.05
CA VAL A 20 -1.25 -12.32 -24.16
C VAL A 20 -1.54 -11.83 -22.75
N SER A 21 -2.46 -12.46 -22.07
CA SER A 21 -2.79 -12.03 -20.68
C SER A 21 -3.60 -10.75 -20.71
N VAL A 22 -4.65 -10.67 -19.94
CA VAL A 22 -5.50 -9.45 -19.93
C VAL A 22 -6.20 -9.32 -18.57
N GLU A 23 -5.95 -8.26 -17.86
CA GLU A 23 -6.60 -8.07 -16.53
C GLU A 23 -5.93 -9.01 -15.51
N SER A 24 -5.71 -8.52 -14.32
CA SER A 24 -5.06 -9.37 -13.29
C SER A 24 -3.68 -9.83 -13.80
N THR A 25 -2.63 -9.26 -13.26
CA THR A 25 -1.27 -9.65 -13.72
C THR A 25 -0.87 -10.97 -13.05
N ALA A 26 -0.74 -10.98 -11.76
CA ALA A 26 -0.34 -12.23 -11.05
C ALA A 26 -0.10 -11.93 -9.58
N GLU A 27 -1.15 -11.76 -8.81
CA GLU A 27 -0.97 -11.47 -7.37
C GLU A 27 -0.33 -10.09 -7.19
N ALA A 28 -1.12 -9.12 -6.83
CA ALA A 28 -0.59 -7.74 -6.63
C ALA A 28 0.72 -7.82 -5.84
N THR A 29 1.42 -6.73 -5.69
CA THR A 29 2.70 -6.79 -4.93
C THR A 29 2.69 -5.79 -3.77
N VAL A 30 3.14 -6.20 -2.62
CA VAL A 30 3.17 -5.27 -1.45
C VAL A 30 4.55 -4.64 -1.36
N CYS A 31 4.63 -3.44 -0.87
CA CYS A 31 5.96 -2.77 -0.74
C CYS A 31 6.12 -2.20 0.67
N THR A 32 6.55 -3.00 1.60
CA THR A 32 6.73 -2.51 2.99
C THR A 32 7.99 -1.63 3.03
N VAL A 33 7.85 -0.39 3.41
CA VAL A 33 9.04 0.51 3.44
C VAL A 33 9.01 1.44 4.66
N THR A 34 10.15 2.00 5.00
CA THR A 34 10.22 2.95 6.15
C THR A 34 10.64 4.32 5.63
N LEU A 35 9.92 5.36 5.97
CA LEU A 35 10.30 6.72 5.46
C LEU A 35 10.99 7.53 6.56
N GLU A 36 12.10 7.06 7.04
CA GLU A 36 12.87 7.75 8.12
C GLU A 36 12.47 9.23 8.24
N LYS A 37 11.59 9.54 9.16
CA LYS A 37 11.16 10.97 9.32
C LYS A 37 12.22 11.74 10.10
N MET A 38 12.59 12.90 9.64
CA MET A 38 13.62 13.70 10.34
C MET A 38 13.13 15.16 10.48
N SER A 39 12.44 15.65 9.51
CA SER A 39 11.93 17.06 9.58
C SER A 39 11.23 17.41 8.27
N ALA A 40 10.43 16.52 7.75
CA ALA A 40 9.71 16.82 6.48
C ALA A 40 8.32 16.21 6.51
N GLY A 41 8.24 14.92 6.51
CA GLY A 41 6.91 14.24 6.53
C GLY A 41 6.95 13.04 5.59
N LEU A 42 7.77 12.07 5.88
CA LEU A 42 7.87 10.87 5.00
C LEU A 42 8.01 11.27 3.53
N GLY A 43 8.35 12.50 3.27
CA GLY A 43 8.50 12.93 1.86
C GLY A 43 7.25 12.57 1.06
N PHE A 44 6.17 12.22 1.71
CA PHE A 44 4.96 11.89 0.93
C PHE A 44 3.69 12.30 1.69
N SER A 45 2.69 12.64 0.94
CA SER A 45 1.39 13.07 1.53
C SER A 45 0.38 11.95 1.33
N LEU A 46 -0.70 11.94 2.07
CA LEU A 46 -1.66 10.81 1.90
C LEU A 46 -3.03 11.27 1.44
N GLU A 47 -3.66 10.52 0.55
CA GLU A 47 -5.03 10.89 0.12
C GLU A 47 -5.97 9.76 0.51
N GLY A 48 -7.22 10.04 0.65
CA GLY A 48 -8.18 8.97 1.05
C GLY A 48 -9.56 9.29 0.48
N GLY A 49 -10.08 8.44 -0.35
CA GLY A 49 -11.44 8.72 -0.92
C GLY A 49 -12.52 8.50 0.15
N LYS A 50 -12.40 9.15 1.27
CA LYS A 50 -13.40 8.98 2.35
C LYS A 50 -14.81 9.24 1.80
N GLY A 51 -15.44 8.25 1.23
CA GLY A 51 -16.80 8.46 0.68
C GLY A 51 -16.99 7.63 -0.59
N SER A 52 -17.63 6.50 -0.48
CA SER A 52 -17.86 5.64 -1.68
C SER A 52 -19.31 5.13 -1.66
N LEU A 53 -19.52 3.86 -1.88
CA LEU A 53 -20.92 3.33 -1.86
C LEU A 53 -21.28 2.92 -0.43
N HIS A 54 -20.41 2.21 0.23
CA HIS A 54 -20.71 1.78 1.63
C HIS A 54 -19.44 1.79 2.47
N GLY A 55 -18.37 2.33 1.94
CA GLY A 55 -17.09 2.36 2.73
C GLY A 55 -15.94 1.84 1.87
N ASP A 56 -15.58 2.57 0.85
CA ASP A 56 -14.47 2.13 -0.03
C ASP A 56 -13.48 3.27 -0.23
N LYS A 57 -12.64 3.52 0.75
CA LYS A 57 -11.65 4.63 0.61
C LYS A 57 -10.23 4.12 0.85
N PRO A 58 -9.59 3.70 -0.21
CA PRO A 58 -8.21 3.19 -0.14
C PRO A 58 -7.23 4.35 -0.04
N LEU A 59 -6.97 4.83 1.16
CA LEU A 59 -6.04 5.98 1.31
C LEU A 59 -4.80 5.73 0.44
N THR A 60 -4.37 6.70 -0.31
CA THR A 60 -3.18 6.48 -1.19
C THR A 60 -2.28 7.72 -1.23
N ILE A 61 -1.00 7.59 -1.52
CA ILE A 61 -0.12 8.79 -1.56
C ILE A 61 -0.36 9.58 -2.83
N ASN A 62 -0.70 10.81 -2.66
CA ASN A 62 -0.95 11.69 -3.86
C ASN A 62 0.20 12.69 -4.08
N ARG A 63 1.01 12.97 -3.08
CA ARG A 63 2.12 13.93 -3.30
C ARG A 63 3.41 13.39 -2.71
N ILE A 64 4.30 12.92 -3.54
CA ILE A 64 5.58 12.37 -3.01
C ILE A 64 6.73 13.30 -3.31
N PHE A 65 7.65 13.38 -2.41
CA PHE A 65 8.83 14.28 -2.59
C PHE A 65 10.06 13.45 -2.92
N LYS A 66 11.14 14.09 -3.29
CA LYS A 66 12.37 13.32 -3.63
C LYS A 66 13.36 13.41 -2.46
N GLY A 67 13.11 12.69 -1.41
CA GLY A 67 14.04 12.73 -0.25
C GLY A 67 14.80 11.40 -0.15
N ALA A 68 14.32 10.40 -0.85
CA ALA A 68 15.01 9.07 -0.81
C ALA A 68 14.78 8.42 0.56
N ALA A 69 14.11 7.30 0.59
CA ALA A 69 13.85 6.63 1.89
C ALA A 69 14.92 5.55 2.12
N SER A 70 15.65 5.65 3.19
CA SER A 70 16.71 4.62 3.47
C SER A 70 17.55 4.42 2.21
N GLU A 71 17.31 3.37 1.47
CA GLU A 71 18.11 3.12 0.24
C GLU A 71 17.84 1.71 -0.29
N GLN A 72 16.60 1.30 -0.32
CA GLN A 72 16.28 -0.07 -0.83
C GLN A 72 15.75 0.04 -2.25
N SER A 73 16.57 0.47 -3.18
CA SER A 73 16.12 0.60 -4.59
C SER A 73 14.89 1.52 -4.65
N GLU A 74 13.73 1.00 -4.36
CA GLU A 74 12.51 1.85 -4.37
C GLU A 74 12.02 2.04 -2.94
N THR A 75 11.21 3.03 -2.70
CA THR A 75 10.71 3.27 -1.32
C THR A 75 9.22 3.58 -1.35
N VAL A 76 8.89 4.82 -1.41
CA VAL A 76 7.45 5.21 -1.44
C VAL A 76 6.90 5.00 -2.85
N GLN A 77 5.62 5.18 -3.03
CA GLN A 77 5.03 4.99 -4.38
C GLN A 77 3.81 5.92 -4.54
N PRO A 78 3.65 6.44 -5.72
CA PRO A 78 2.55 7.36 -6.03
C PRO A 78 1.25 6.58 -6.28
N GLY A 79 0.16 7.02 -5.69
CA GLY A 79 -1.14 6.29 -5.90
C GLY A 79 -1.08 4.91 -5.23
N ASP A 80 -0.10 4.66 -4.41
CA ASP A 80 -0.02 3.33 -3.73
C ASP A 80 -1.13 3.25 -2.67
N GLU A 81 -1.69 2.09 -2.43
CA GLU A 81 -2.76 2.01 -1.39
C GLU A 81 -2.13 1.64 -0.03
N ILE A 82 -1.63 2.59 0.73
CA ILE A 82 -1.01 2.23 2.05
C ILE A 82 -2.12 1.98 3.08
N LEU A 83 -2.07 0.89 3.80
CA LEU A 83 -3.14 0.63 4.81
C LEU A 83 -2.87 1.45 6.08
N GLN A 84 -1.64 1.55 6.51
CA GLN A 84 -1.33 2.35 7.73
C GLN A 84 0.08 2.91 7.63
N LEU A 85 0.34 4.06 8.20
CA LEU A 85 1.71 4.62 8.13
C LEU A 85 2.45 4.28 9.42
N GLY A 86 3.71 4.61 9.51
CA GLY A 86 4.45 4.31 10.76
C GLY A 86 3.91 5.20 11.88
N GLY A 87 2.65 5.07 12.20
CA GLY A 87 2.07 5.92 13.29
C GLY A 87 0.59 6.21 13.04
N THR A 88 -0.03 5.58 12.07
CA THR A 88 -1.46 5.85 11.83
C THR A 88 -2.01 4.78 10.89
N ALA A 89 -3.27 4.54 10.95
CA ALA A 89 -3.88 3.53 10.03
C ALA A 89 -4.90 4.24 9.14
N MET A 90 -5.02 3.79 7.93
CA MET A 90 -5.98 4.41 6.98
C MET A 90 -7.37 3.79 7.16
N GLN A 91 -7.52 2.53 6.85
CA GLN A 91 -8.88 1.89 6.96
C GLN A 91 -9.70 2.43 8.16
N GLY A 92 -9.09 2.86 9.23
CA GLY A 92 -9.90 3.42 10.34
C GLY A 92 -9.60 4.91 10.42
N LEU A 93 -9.58 5.57 9.29
CA LEU A 93 -9.26 7.02 9.30
C LEU A 93 -9.89 7.69 8.09
N THR A 94 -9.56 8.92 7.88
CA THR A 94 -10.09 9.68 6.72
C THR A 94 -8.92 10.27 5.95
N ARG A 95 -9.15 10.74 4.76
CA ARG A 95 -8.01 11.31 3.98
C ARG A 95 -7.27 12.39 4.80
N PHE A 96 -7.88 13.52 4.99
CA PHE A 96 -7.19 14.61 5.74
C PHE A 96 -6.92 14.19 7.17
N GLU A 97 -7.86 13.60 7.83
CA GLU A 97 -7.59 13.18 9.24
C GLU A 97 -6.49 12.10 9.26
N ALA A 98 -6.37 11.31 8.22
CA ALA A 98 -5.32 10.26 8.22
C ALA A 98 -3.93 10.89 8.12
N TRP A 99 -3.67 11.58 7.06
CA TRP A 99 -2.31 12.20 6.88
C TRP A 99 -1.96 13.11 8.08
N ASN A 100 -2.92 13.45 8.91
CA ASN A 100 -2.61 14.33 10.07
C ASN A 100 -2.04 13.50 11.25
N ILE A 101 -2.66 12.41 11.62
CA ILE A 101 -2.14 11.58 12.75
C ILE A 101 -0.67 11.26 12.52
N ILE A 102 -0.32 10.95 11.30
CA ILE A 102 1.10 10.60 11.02
C ILE A 102 1.98 11.81 11.34
N LYS A 103 1.68 12.92 10.74
CA LYS A 103 2.50 14.15 10.99
C LYS A 103 2.79 14.29 12.49
N ALA A 104 1.86 13.88 13.30
CA ALA A 104 2.06 13.99 14.78
C ALA A 104 2.95 12.86 15.29
N LEU A 105 3.37 11.98 14.42
CA LEU A 105 4.26 10.86 14.86
C LEU A 105 5.65 11.40 15.22
N PRO A 106 6.52 10.52 15.68
CA PRO A 106 7.89 10.92 16.07
C PRO A 106 8.79 10.96 14.83
N ASP A 107 9.98 11.48 14.98
CA ASP A 107 10.90 11.56 13.81
C ASP A 107 11.84 10.35 13.80
N GLY A 108 11.44 9.27 13.20
CA GLY A 108 12.31 8.06 13.17
C GLY A 108 11.92 7.21 11.96
N PRO A 109 11.93 5.91 12.14
CA PRO A 109 11.57 4.96 11.08
C PRO A 109 10.06 4.90 10.89
N VAL A 110 9.54 5.65 9.95
CA VAL A 110 8.08 5.59 9.70
C VAL A 110 7.86 4.45 8.75
N THR A 111 7.28 3.40 9.22
CA THR A 111 7.09 2.21 8.35
C THR A 111 5.78 2.31 7.59
N ILE A 112 5.82 1.95 6.35
CA ILE A 112 4.61 1.98 5.51
C ILE A 112 4.40 0.60 4.89
N VAL A 113 3.19 0.29 4.53
CA VAL A 113 2.91 -1.02 3.90
C VAL A 113 1.89 -0.77 2.79
N ILE A 114 2.30 -0.88 1.57
CA ILE A 114 1.36 -0.61 0.46
C ILE A 114 1.23 -1.81 -0.46
N ARG A 115 0.07 -2.01 -1.01
CA ARG A 115 -0.15 -3.13 -1.96
C ARG A 115 -0.57 -2.50 -3.28
N ARG A 116 0.29 -2.54 -4.26
CA ARG A 116 -0.06 -1.90 -5.56
C ARG A 116 -0.47 -2.98 -6.56
N LYS A 117 -1.49 -2.74 -7.33
CA LYS A 117 -1.93 -3.75 -8.32
C LYS A 117 -1.58 -3.26 -9.73
N SER A 118 -1.83 -4.07 -10.72
CA SER A 118 -1.50 -3.65 -12.12
C SER A 118 -2.00 -2.22 -12.35
N LEU A 119 -1.11 -1.31 -12.64
CA LEU A 119 -1.53 0.09 -12.89
C LEU A 119 -1.14 0.49 -14.32
N GLN A 120 -1.85 1.43 -14.90
CA GLN A 120 -1.52 1.85 -16.29
C GLN A 120 -1.73 3.35 -16.44
N SER A 121 -2.88 3.83 -16.06
CA SER A 121 -3.17 5.29 -16.19
C SER A 121 -3.74 5.81 -14.86
N LYS A 122 -3.22 5.35 -13.75
CA LYS A 122 -3.74 5.83 -12.43
C LYS A 122 -5.26 5.92 -12.47
N GLU A 123 -5.84 6.64 -11.55
CA GLU A 123 -7.33 6.78 -11.54
C GLU A 123 -7.75 7.88 -12.51
N THR A 124 -8.45 7.53 -13.56
CA THR A 124 -8.88 8.56 -14.54
C THR A 124 -10.20 9.17 -14.09
N THR A 125 -10.48 10.38 -14.50
CA THR A 125 -11.75 11.04 -14.09
C THR A 125 -12.48 11.55 -15.33
N ALA A 126 -11.77 11.99 -16.33
CA ALA A 126 -12.43 12.50 -17.57
C ALA A 126 -11.72 11.92 -18.79
N ALA A 127 -10.75 12.62 -19.32
CA ALA A 127 -10.03 12.11 -20.52
C ALA A 127 -9.00 13.14 -20.98
N GLY A 128 -7.78 12.99 -20.57
CA GLY A 128 -6.73 13.97 -20.99
C GLY A 128 -6.98 15.31 -20.31
N ASP A 129 -6.62 15.43 -19.06
CA ASP A 129 -6.85 16.72 -18.34
C ASP A 129 -5.70 17.69 -18.66
N SER A 130 -5.83 18.92 -18.27
CA SER A 130 -4.76 19.91 -18.56
C SER A 130 -4.67 20.93 -17.41
N MET A 1 -12.49 -32.95 -4.05
CA MET A 1 -11.62 -31.97 -3.34
C MET A 1 -12.45 -31.23 -2.29
N PRO A 2 -11.81 -30.92 -1.19
CA PRO A 2 -12.46 -30.20 -0.07
C PRO A 2 -12.58 -28.70 -0.40
N ASP A 3 -11.47 -28.01 -0.51
CA ASP A 3 -11.54 -26.56 -0.82
C ASP A 3 -10.71 -26.27 -2.07
N LEU A 4 -9.46 -25.89 -1.91
CA LEU A 4 -8.61 -25.59 -3.09
C LEU A 4 -9.14 -24.34 -3.80
N ASN A 5 -8.89 -23.19 -3.25
CA ASN A 5 -9.37 -21.94 -3.91
C ASN A 5 -8.30 -20.85 -3.78
N SER A 6 -7.41 -20.78 -4.72
CA SER A 6 -6.33 -19.76 -4.66
C SER A 6 -5.61 -19.87 -3.31
N SER A 7 -4.60 -20.71 -3.23
CA SER A 7 -3.85 -20.85 -1.95
C SER A 7 -4.73 -21.58 -0.93
N THR A 8 -4.21 -21.83 0.24
CA THR A 8 -5.02 -22.53 1.28
C THR A 8 -4.66 -21.98 2.66
N ASP A 9 -3.42 -21.70 2.90
CA ASP A 9 -3.00 -21.18 4.23
C ASP A 9 -3.01 -19.65 4.21
N SER A 10 -4.18 -19.05 4.14
CA SER A 10 -4.25 -17.57 4.11
C SER A 10 -4.13 -17.04 5.54
N ALA A 11 -4.90 -17.59 6.46
CA ALA A 11 -4.84 -17.12 7.86
C ALA A 11 -5.13 -15.61 7.91
N ALA A 12 -4.94 -15.01 9.05
CA ALA A 12 -5.19 -13.55 9.16
C ALA A 12 -3.99 -12.87 9.84
N SER A 13 -3.56 -11.76 9.31
CA SER A 13 -2.39 -11.06 9.93
C SER A 13 -1.21 -12.03 10.03
N ALA A 14 -0.09 -11.55 10.50
CA ALA A 14 1.10 -12.44 10.63
C ALA A 14 0.74 -13.64 11.50
N SER A 15 1.27 -14.80 11.21
CA SER A 15 0.95 -16.00 12.03
C SER A 15 1.60 -17.23 11.41
N ALA A 16 1.54 -17.36 10.12
CA ALA A 16 2.15 -18.54 9.45
C ALA A 16 3.62 -18.24 9.13
N ALA A 17 4.19 -17.25 9.76
CA ALA A 17 5.61 -16.91 9.50
C ALA A 17 5.77 -16.44 8.06
N SER A 18 4.73 -15.88 7.49
CA SER A 18 4.82 -15.39 6.09
C SER A 18 5.18 -16.55 5.17
N ASP A 19 5.07 -16.36 3.88
CA ASP A 19 5.40 -17.47 2.94
C ASP A 19 6.85 -17.90 3.13
N VAL A 20 7.22 -19.03 2.60
CA VAL A 20 8.62 -19.52 2.77
C VAL A 20 9.45 -19.10 1.54
N SER A 21 10.71 -18.85 1.74
CA SER A 21 11.58 -18.44 0.59
C SER A 21 11.31 -16.97 0.24
N VAL A 22 11.68 -16.56 -0.94
CA VAL A 22 11.45 -15.15 -1.34
C VAL A 22 10.02 -15.00 -1.89
N GLU A 23 9.27 -14.08 -1.35
CA GLU A 23 7.87 -13.89 -1.84
C GLU A 23 7.86 -12.86 -2.97
N SER A 24 8.53 -13.14 -4.05
CA SER A 24 8.56 -12.18 -5.19
C SER A 24 7.62 -12.66 -6.29
N THR A 25 6.45 -13.14 -5.93
CA THR A 25 5.49 -13.60 -6.97
C THR A 25 4.90 -12.40 -7.70
N ALA A 26 4.20 -12.63 -8.78
CA ALA A 26 3.60 -11.50 -9.53
C ALA A 26 2.11 -11.41 -9.23
N GLU A 27 1.40 -10.56 -9.93
CA GLU A 27 -0.06 -10.41 -9.66
C GLU A 27 -0.28 -9.87 -8.26
N ALA A 28 -0.46 -8.59 -8.15
CA ALA A 28 -0.68 -7.97 -6.81
C ALA A 28 0.57 -8.20 -5.95
N THR A 29 1.09 -7.16 -5.36
CA THR A 29 2.31 -7.34 -4.51
C THR A 29 2.34 -6.29 -3.39
N VAL A 30 2.83 -6.66 -2.24
CA VAL A 30 2.89 -5.70 -1.10
C VAL A 30 4.29 -5.08 -1.03
N CYS A 31 4.42 -3.93 -0.43
CA CYS A 31 5.77 -3.29 -0.32
C CYS A 31 5.89 -2.57 1.03
N THR A 32 6.37 -3.26 2.04
CA THR A 32 6.54 -2.62 3.37
C THR A 32 7.83 -1.80 3.37
N VAL A 33 7.76 -0.54 3.73
CA VAL A 33 8.99 0.30 3.70
C VAL A 33 9.00 1.31 4.86
N THR A 34 10.15 1.85 5.19
CA THR A 34 10.23 2.88 6.26
C THR A 34 10.73 4.18 5.67
N LEU A 35 10.13 5.29 6.01
CA LEU A 35 10.63 6.59 5.43
C LEU A 35 11.09 7.55 6.52
N GLU A 36 12.15 7.20 7.18
CA GLU A 36 12.73 8.05 8.29
C GLU A 36 12.06 9.43 8.35
N LYS A 37 11.34 9.71 9.40
CA LYS A 37 10.66 11.05 9.50
C LYS A 37 11.68 12.10 9.92
N MET A 38 12.44 12.60 9.00
CA MET A 38 13.44 13.66 9.35
C MET A 38 13.40 14.77 8.30
N SER A 39 12.47 14.69 7.39
CA SER A 39 12.36 15.75 6.34
C SER A 39 11.17 16.65 6.65
N ALA A 40 9.98 16.11 6.62
CA ALA A 40 8.78 16.94 6.92
C ALA A 40 7.51 16.21 6.48
N GLY A 41 7.40 14.95 6.78
CA GLY A 41 6.18 14.19 6.36
C GLY A 41 6.56 13.02 5.46
N LEU A 42 7.47 12.18 5.90
CA LEU A 42 7.89 11.01 5.06
C LEU A 42 8.05 11.43 3.60
N GLY A 43 8.27 12.68 3.35
CA GLY A 43 8.42 13.14 1.94
C GLY A 43 7.19 12.76 1.13
N PHE A 44 6.13 12.29 1.76
CA PHE A 44 4.94 11.93 0.96
C PHE A 44 3.67 12.26 1.74
N SER A 45 2.63 12.50 1.02
CA SER A 45 1.31 12.85 1.62
C SER A 45 0.28 11.82 1.18
N LEU A 46 -0.62 11.45 2.04
CA LEU A 46 -1.64 10.41 1.66
C LEU A 46 -2.94 11.04 1.16
N GLU A 47 -3.51 10.50 0.11
CA GLU A 47 -4.81 11.05 -0.41
C GLU A 47 -5.70 9.89 -0.83
N GLY A 48 -6.97 9.97 -0.57
CA GLY A 48 -7.88 8.87 -0.98
C GLY A 48 -9.32 9.37 -1.02
N GLY A 49 -10.11 9.04 -0.04
CA GLY A 49 -11.52 9.52 -0.04
C GLY A 49 -12.28 8.89 1.13
N LYS A 50 -12.53 9.64 2.17
CA LYS A 50 -13.26 9.08 3.34
C LYS A 50 -14.50 8.31 2.85
N GLY A 51 -15.12 7.57 3.73
CA GLY A 51 -16.33 6.80 3.33
C GLY A 51 -16.56 5.65 4.30
N SER A 52 -17.49 5.79 5.19
CA SER A 52 -17.77 4.70 6.17
C SER A 52 -17.91 3.37 5.44
N LEU A 53 -19.07 3.12 4.90
CA LEU A 53 -19.28 1.83 4.17
C LEU A 53 -19.87 2.11 2.79
N HIS A 54 -20.12 3.35 2.47
CA HIS A 54 -20.69 3.67 1.14
C HIS A 54 -19.60 4.28 0.26
N GLY A 55 -18.36 3.94 0.51
CA GLY A 55 -17.25 4.48 -0.32
C GLY A 55 -15.92 4.21 0.39
N ASP A 56 -15.46 2.97 0.36
CA ASP A 56 -14.18 2.63 1.03
C ASP A 56 -13.17 3.76 0.83
N LYS A 57 -12.39 4.07 1.84
CA LYS A 57 -11.40 5.18 1.69
C LYS A 57 -9.97 4.63 1.72
N PRO A 58 -9.50 4.19 0.58
CA PRO A 58 -8.14 3.64 0.44
C PRO A 58 -7.13 4.80 0.30
N LEU A 59 -6.86 5.51 1.36
CA LEU A 59 -5.90 6.63 1.27
C LEU A 59 -4.68 6.18 0.47
N THR A 60 -4.27 6.93 -0.51
CA THR A 60 -3.10 6.52 -1.35
C THR A 60 -2.08 7.69 -1.42
N ILE A 61 -0.82 7.44 -1.69
CA ILE A 61 0.14 8.60 -1.76
C ILE A 61 -0.08 9.40 -3.03
N ASN A 62 -0.26 10.67 -2.87
CA ASN A 62 -0.46 11.57 -4.05
C ASN A 62 0.69 12.58 -4.19
N ARG A 63 1.00 13.30 -3.16
CA ARG A 63 2.09 14.32 -3.27
C ARG A 63 3.39 13.78 -2.69
N ILE A 64 4.22 13.23 -3.52
CA ILE A 64 5.51 12.68 -3.00
C ILE A 64 6.63 13.67 -3.27
N PHE A 65 7.54 13.75 -2.35
CA PHE A 65 8.70 14.68 -2.52
C PHE A 65 9.96 13.87 -2.79
N LYS A 66 10.19 12.84 -2.02
CA LYS A 66 11.41 12.00 -2.23
C LYS A 66 12.64 12.76 -1.72
N GLY A 67 13.40 12.14 -0.86
CA GLY A 67 14.61 12.81 -0.32
C GLY A 67 15.48 11.79 0.42
N ALA A 68 14.96 11.21 1.48
CA ALA A 68 15.74 10.20 2.23
C ALA A 68 15.04 8.84 2.15
N ALA A 69 15.77 7.77 2.19
CA ALA A 69 15.14 6.43 2.11
C ALA A 69 15.83 5.48 3.08
N SER A 70 15.34 4.27 3.20
CA SER A 70 15.96 3.30 4.14
C SER A 70 16.94 2.40 3.38
N GLU A 71 16.54 1.21 3.03
CA GLU A 71 17.44 0.31 2.28
C GLU A 71 16.76 -0.14 0.98
N GLN A 72 15.96 0.72 0.41
CA GLN A 72 15.26 0.36 -0.86
C GLN A 72 15.46 1.50 -1.88
N SER A 73 15.82 1.16 -3.08
CA SER A 73 16.03 2.22 -4.10
C SER A 73 14.89 3.22 -4.05
N GLU A 74 13.66 2.76 -4.01
CA GLU A 74 12.50 3.69 -3.96
C GLU A 74 11.53 3.23 -2.89
N THR A 75 11.46 3.93 -1.78
CA THR A 75 10.52 3.53 -0.70
C THR A 75 9.25 4.36 -0.80
N VAL A 76 8.91 4.78 -1.99
CA VAL A 76 7.68 5.59 -2.18
C VAL A 76 7.04 5.22 -3.51
N GLN A 77 5.74 5.38 -3.61
CA GLN A 77 5.05 5.03 -4.88
C GLN A 77 3.84 5.96 -5.06
N PRO A 78 3.65 6.44 -6.27
CA PRO A 78 2.54 7.36 -6.58
C PRO A 78 1.23 6.59 -6.79
N GLY A 79 0.24 6.86 -5.99
CA GLY A 79 -1.09 6.17 -6.18
C GLY A 79 -1.11 4.78 -5.53
N ASP A 80 -0.19 4.46 -4.65
CA ASP A 80 -0.26 3.10 -4.00
C ASP A 80 -1.34 3.13 -2.92
N GLU A 81 -1.93 2.01 -2.59
CA GLU A 81 -3.00 2.03 -1.53
C GLU A 81 -2.37 1.81 -0.15
N ILE A 82 -1.47 2.66 0.25
CA ILE A 82 -0.83 2.50 1.61
C ILE A 82 -1.93 2.36 2.67
N LEU A 83 -1.95 1.26 3.39
CA LEU A 83 -3.01 1.08 4.44
C LEU A 83 -2.56 1.66 5.78
N GLN A 84 -1.35 1.33 6.22
CA GLN A 84 -0.87 1.87 7.53
C GLN A 84 0.41 2.66 7.31
N LEU A 85 0.68 3.63 8.14
CA LEU A 85 1.93 4.41 7.98
C LEU A 85 2.81 4.21 9.21
N GLY A 86 3.91 4.90 9.30
CA GLY A 86 4.80 4.72 10.47
C GLY A 86 3.98 4.70 11.76
N GLY A 87 2.88 5.38 11.80
CA GLY A 87 2.06 5.37 13.05
C GLY A 87 0.63 5.82 12.74
N THR A 88 -0.03 5.15 11.83
CA THR A 88 -1.41 5.53 11.49
C THR A 88 -2.00 4.45 10.59
N ALA A 89 -3.27 4.22 10.69
CA ALA A 89 -3.88 3.21 9.81
C ALA A 89 -4.88 3.89 8.88
N MET A 90 -4.55 4.00 7.62
CA MET A 90 -5.47 4.67 6.66
C MET A 90 -6.88 4.08 6.81
N GLN A 91 -6.98 2.87 7.29
CA GLN A 91 -8.33 2.26 7.47
C GLN A 91 -9.04 3.02 8.61
N GLY A 92 -10.37 3.04 8.65
CA GLY A 92 -11.04 3.79 9.75
C GLY A 92 -10.34 5.14 9.95
N LEU A 93 -9.92 5.76 8.88
CA LEU A 93 -9.23 7.07 9.00
C LEU A 93 -9.55 7.90 7.77
N THR A 94 -9.97 9.12 7.97
CA THR A 94 -10.30 9.99 6.80
C THR A 94 -9.01 10.41 6.11
N ARG A 95 -9.09 11.10 5.01
CA ARG A 95 -7.82 11.51 4.32
C ARG A 95 -7.01 12.45 5.22
N PHE A 96 -7.56 13.55 5.63
CA PHE A 96 -6.78 14.47 6.50
C PHE A 96 -6.51 13.78 7.84
N GLU A 97 -7.52 13.27 8.47
CA GLU A 97 -7.29 12.59 9.77
C GLU A 97 -6.14 11.60 9.61
N ALA A 98 -6.14 10.79 8.58
CA ALA A 98 -5.03 9.83 8.40
C ALA A 98 -3.71 10.57 8.29
N TRP A 99 -3.50 11.28 7.22
CA TRP A 99 -2.21 12.02 7.04
C TRP A 99 -1.91 12.90 8.27
N ASN A 100 -2.90 13.20 9.07
CA ASN A 100 -2.65 14.06 10.28
C ASN A 100 -2.01 13.23 11.41
N ILE A 101 -2.56 12.07 11.72
CA ILE A 101 -1.97 11.25 12.82
C ILE A 101 -0.49 11.02 12.56
N ILE A 102 -0.14 10.75 11.33
CA ILE A 102 1.29 10.49 11.00
C ILE A 102 2.11 11.74 11.34
N LYS A 103 1.76 12.85 10.77
CA LYS A 103 2.52 14.11 11.05
C LYS A 103 2.80 14.20 12.56
N ALA A 104 1.94 13.63 13.34
CA ALA A 104 2.11 13.69 14.82
C ALA A 104 3.02 12.56 15.32
N LEU A 105 3.47 11.69 14.45
CA LEU A 105 4.33 10.57 14.91
C LEU A 105 5.70 11.13 15.33
N PRO A 106 6.56 10.27 15.82
CA PRO A 106 7.90 10.66 16.26
C PRO A 106 8.85 10.79 15.06
N ASP A 107 9.97 11.43 15.25
CA ASP A 107 10.94 11.57 14.12
C ASP A 107 11.86 10.36 14.10
N GLY A 108 11.41 9.27 13.53
CA GLY A 108 12.27 8.04 13.50
C GLY A 108 11.91 7.22 12.25
N PRO A 109 11.86 5.93 12.42
CA PRO A 109 11.52 4.99 11.34
C PRO A 109 10.02 4.97 11.07
N VAL A 110 9.57 5.69 10.08
CA VAL A 110 8.12 5.67 9.76
C VAL A 110 7.91 4.51 8.81
N THR A 111 7.35 3.46 9.32
CA THR A 111 7.16 2.26 8.47
C THR A 111 5.83 2.33 7.74
N ILE A 112 5.87 2.15 6.45
CA ILE A 112 4.65 2.18 5.63
C ILE A 112 4.35 0.78 5.15
N VAL A 113 3.11 0.49 4.85
CA VAL A 113 2.77 -0.86 4.35
C VAL A 113 1.81 -0.66 3.18
N ILE A 114 2.28 -0.83 1.99
CA ILE A 114 1.41 -0.59 0.83
C ILE A 114 1.05 -1.88 0.10
N ARG A 115 0.20 -1.75 -0.86
CA ARG A 115 -0.22 -2.90 -1.68
C ARG A 115 -0.61 -2.35 -3.05
N ARG A 116 -0.01 -2.82 -4.10
CA ARG A 116 -0.38 -2.27 -5.43
C ARG A 116 -0.83 -3.41 -6.34
N LYS A 117 -2.10 -3.52 -6.59
CA LYS A 117 -2.60 -4.62 -7.46
C LYS A 117 -2.10 -4.42 -8.89
N SER A 118 -0.91 -4.87 -9.18
CA SER A 118 -0.37 -4.71 -10.57
C SER A 118 -0.30 -3.22 -10.92
N LEU A 119 0.87 -2.74 -11.26
CA LEU A 119 1.00 -1.30 -11.62
C LEU A 119 1.57 -1.18 -13.03
N GLN A 120 1.00 -0.33 -13.84
CA GLN A 120 1.51 -0.17 -15.22
C GLN A 120 2.87 0.52 -15.18
N SER A 121 2.90 1.82 -15.30
CA SER A 121 4.20 2.54 -15.26
C SER A 121 4.62 2.76 -13.81
N LYS A 122 5.67 3.50 -13.58
CA LYS A 122 6.12 3.74 -12.18
C LYS A 122 6.55 5.20 -12.04
N GLU A 123 6.78 5.64 -10.83
CA GLU A 123 7.19 7.06 -10.63
C GLU A 123 8.43 7.36 -11.46
N THR A 124 8.34 8.26 -12.40
CA THR A 124 9.51 8.61 -13.24
C THR A 124 10.05 9.98 -12.81
N THR A 125 11.33 10.17 -12.87
CA THR A 125 11.91 11.48 -12.46
C THR A 125 13.31 11.64 -13.05
N ALA A 126 14.00 12.69 -12.69
CA ALA A 126 15.38 12.90 -13.23
C ALA A 126 16.40 12.29 -12.28
N ALA A 127 17.02 11.20 -12.67
CA ALA A 127 18.03 10.55 -11.78
C ALA A 127 18.95 9.67 -12.61
N GLY A 128 20.08 10.19 -13.01
CA GLY A 128 21.03 9.38 -13.83
C GLY A 128 22.01 8.66 -12.90
N ASP A 129 22.25 7.40 -13.14
CA ASP A 129 23.20 6.63 -12.27
C ASP A 129 24.55 7.36 -12.23
N SER A 130 24.79 8.23 -13.17
CA SER A 130 26.09 8.96 -13.20
C SER A 130 25.87 10.41 -12.76
N MET A 1 -8.82 8.46 21.93
CA MET A 1 -10.15 8.88 22.47
C MET A 1 -11.26 8.15 21.71
N PRO A 2 -12.36 7.93 22.38
CA PRO A 2 -13.53 7.23 21.82
C PRO A 2 -14.33 8.16 20.91
N ASP A 3 -14.08 9.45 20.97
CA ASP A 3 -14.84 10.39 20.12
C ASP A 3 -13.98 10.84 18.93
N LEU A 4 -13.30 11.94 19.04
CA LEU A 4 -12.46 12.43 17.92
C LEU A 4 -13.35 13.03 16.84
N ASN A 5 -13.87 14.21 17.09
CA ASN A 5 -14.77 14.87 16.09
C ASN A 5 -15.69 13.82 15.45
N SER A 6 -16.46 13.13 16.24
CA SER A 6 -17.38 12.11 15.69
C SER A 6 -18.58 12.80 15.03
N SER A 7 -19.76 12.26 15.16
CA SER A 7 -20.96 12.90 14.54
C SER A 7 -20.94 12.65 13.02
N THR A 8 -22.04 12.24 12.47
CA THR A 8 -22.08 11.97 11.01
C THR A 8 -20.84 11.17 10.60
N ASP A 9 -20.62 10.06 11.24
CA ASP A 9 -19.43 9.22 10.88
C ASP A 9 -19.61 7.82 11.45
N SER A 10 -20.45 7.03 10.82
CA SER A 10 -20.68 5.64 11.32
C SER A 10 -20.50 4.64 10.17
N ALA A 11 -19.93 5.08 9.09
CA ALA A 11 -19.73 4.15 7.93
C ALA A 11 -18.68 3.10 8.29
N ALA A 12 -19.02 1.85 8.17
CA ALA A 12 -18.03 0.78 8.50
C ALA A 12 -17.71 -0.02 7.25
N SER A 13 -18.58 -0.91 6.85
CA SER A 13 -18.33 -1.73 5.64
C SER A 13 -19.08 -1.12 4.46
N ALA A 14 -18.38 -0.56 3.51
CA ALA A 14 -19.06 0.04 2.33
C ALA A 14 -19.44 -1.07 1.35
N SER A 15 -20.16 -0.73 0.31
CA SER A 15 -20.56 -1.77 -0.69
C SER A 15 -21.43 -2.83 0.00
N ALA A 16 -21.51 -4.01 -0.56
CA ALA A 16 -22.35 -5.07 0.06
C ALA A 16 -21.94 -6.43 -0.49
N ALA A 17 -20.94 -7.04 0.08
CA ALA A 17 -20.49 -8.38 -0.40
C ALA A 17 -19.27 -8.82 0.40
N SER A 18 -19.49 -9.27 1.61
CA SER A 18 -18.35 -9.73 2.45
C SER A 18 -17.56 -10.80 1.69
N ASP A 19 -16.53 -10.42 0.99
CA ASP A 19 -15.73 -11.43 0.23
C ASP A 19 -14.29 -11.41 0.73
N VAL A 20 -14.10 -11.48 2.03
CA VAL A 20 -12.72 -11.47 2.61
C VAL A 20 -11.82 -10.52 1.82
N SER A 21 -11.72 -9.30 2.25
CA SER A 21 -10.85 -8.32 1.53
C SER A 21 -9.74 -7.86 2.45
N VAL A 22 -9.32 -8.70 3.35
CA VAL A 22 -8.24 -8.33 4.30
C VAL A 22 -7.32 -9.54 4.52
N GLU A 23 -7.05 -10.29 3.49
CA GLU A 23 -6.17 -11.47 3.64
C GLU A 23 -6.12 -12.26 2.33
N SER A 24 -5.22 -11.93 1.46
CA SER A 24 -5.13 -12.66 0.16
C SER A 24 -6.37 -12.36 -0.67
N THR A 25 -6.30 -11.39 -1.54
CA THR A 25 -7.48 -11.05 -2.39
C THR A 25 -7.20 -11.44 -3.85
N ALA A 26 -6.21 -12.26 -4.07
CA ALA A 26 -5.88 -12.67 -5.47
C ALA A 26 -5.40 -11.46 -6.26
N GLU A 27 -4.25 -11.56 -6.88
CA GLU A 27 -3.73 -10.41 -7.66
C GLU A 27 -3.47 -9.23 -6.75
N ALA A 28 -2.25 -9.09 -6.29
CA ALA A 28 -1.91 -7.96 -5.39
C ALA A 28 -0.47 -8.10 -4.92
N THR A 29 0.26 -7.01 -4.84
CA THR A 29 1.67 -7.10 -4.37
C THR A 29 1.88 -6.10 -3.24
N VAL A 30 2.68 -6.45 -2.27
CA VAL A 30 2.92 -5.52 -1.13
C VAL A 30 4.41 -5.15 -1.07
N CYS A 31 4.69 -3.97 -0.62
CA CYS A 31 6.11 -3.53 -0.50
C CYS A 31 6.28 -2.76 0.82
N THR A 32 6.58 -3.46 1.89
CA THR A 32 6.75 -2.78 3.20
C THR A 32 8.05 -1.97 3.21
N VAL A 33 7.99 -0.71 3.56
CA VAL A 33 9.23 0.13 3.55
C VAL A 33 9.20 1.12 4.72
N THR A 34 10.34 1.68 5.06
CA THR A 34 10.38 2.69 6.17
C THR A 34 10.72 4.06 5.57
N LEU A 35 10.00 5.07 5.98
CA LEU A 35 10.28 6.44 5.43
C LEU A 35 10.85 7.37 6.49
N GLU A 36 12.00 7.04 7.03
CA GLU A 36 12.66 7.88 8.09
C GLU A 36 12.01 9.27 8.19
N LYS A 37 11.31 9.54 9.26
CA LYS A 37 10.64 10.86 9.41
C LYS A 37 11.67 11.91 9.82
N MET A 38 12.14 12.68 8.89
CA MET A 38 13.14 13.74 9.20
C MET A 38 12.98 14.89 8.21
N SER A 39 11.79 15.13 7.74
CA SER A 39 11.57 16.23 6.77
C SER A 39 10.25 16.94 7.06
N ALA A 40 9.54 17.37 6.05
CA ALA A 40 8.25 18.07 6.29
C ALA A 40 7.12 17.05 6.46
N GLY A 41 7.40 15.79 6.26
CA GLY A 41 6.33 14.76 6.41
C GLY A 41 6.70 13.52 5.59
N LEU A 42 7.61 12.73 6.09
CA LEU A 42 8.03 11.49 5.36
C LEU A 42 8.16 11.78 3.86
N GLY A 43 8.35 13.01 3.49
CA GLY A 43 8.48 13.35 2.06
C GLY A 43 7.27 12.85 1.27
N PHE A 44 6.21 12.42 1.94
CA PHE A 44 5.03 11.95 1.18
C PHE A 44 3.74 12.37 1.89
N SER A 45 2.72 12.52 1.12
CA SER A 45 1.38 12.91 1.67
C SER A 45 0.36 11.85 1.25
N LEU A 46 -0.57 11.50 2.11
CA LEU A 46 -1.56 10.45 1.76
C LEU A 46 -2.88 11.05 1.26
N GLU A 47 -3.42 10.49 0.21
CA GLU A 47 -4.72 11.02 -0.31
C GLU A 47 -5.48 9.89 -1.02
N GLY A 48 -6.76 10.04 -1.10
CA GLY A 48 -7.61 9.00 -1.76
C GLY A 48 -9.07 9.45 -1.68
N GLY A 49 -9.83 8.92 -0.77
CA GLY A 49 -11.25 9.37 -0.67
C GLY A 49 -12.01 8.58 0.41
N LYS A 50 -12.25 9.17 1.54
CA LYS A 50 -13.02 8.46 2.60
C LYS A 50 -14.26 7.83 1.98
N GLY A 51 -14.97 7.02 2.71
CA GLY A 51 -16.20 6.38 2.12
C GLY A 51 -16.99 7.43 1.34
N SER A 52 -16.82 7.48 0.05
CA SER A 52 -17.56 8.48 -0.77
C SER A 52 -18.48 7.76 -1.75
N LEU A 53 -17.93 7.05 -2.68
CA LEU A 53 -18.78 6.32 -3.67
C LEU A 53 -19.31 5.02 -3.02
N HIS A 54 -19.20 3.91 -3.70
CA HIS A 54 -19.70 2.64 -3.10
C HIS A 54 -18.58 1.59 -3.14
N GLY A 55 -17.35 1.99 -2.99
CA GLY A 55 -16.23 1.00 -3.03
C GLY A 55 -15.48 1.04 -1.69
N ASP A 56 -14.75 2.10 -1.43
CA ASP A 56 -13.99 2.18 -0.16
C ASP A 56 -13.05 3.39 -0.20
N LYS A 57 -12.36 3.65 0.87
CA LYS A 57 -11.42 4.81 0.91
C LYS A 57 -9.97 4.30 1.02
N PRO A 58 -9.40 3.97 -0.11
CA PRO A 58 -8.02 3.47 -0.17
C PRO A 58 -7.02 4.63 -0.07
N LEU A 59 -6.76 5.13 1.10
CA LEU A 59 -5.78 6.25 1.20
C LEU A 59 -4.55 5.89 0.38
N THR A 60 -4.03 6.80 -0.39
CA THR A 60 -2.85 6.46 -1.24
C THR A 60 -1.85 7.65 -1.26
N ILE A 61 -0.58 7.45 -1.55
CA ILE A 61 0.34 8.61 -1.59
C ILE A 61 0.11 9.43 -2.87
N ASN A 62 -0.12 10.69 -2.69
CA ASN A 62 -0.35 11.59 -3.87
C ASN A 62 0.75 12.64 -4.00
N ARG A 63 1.04 13.37 -2.96
CA ARG A 63 2.08 14.43 -3.06
C ARG A 63 3.41 13.91 -2.49
N ILE A 64 4.23 13.35 -3.33
CA ILE A 64 5.53 12.84 -2.84
C ILE A 64 6.62 13.87 -3.07
N PHE A 65 7.54 13.95 -2.16
CA PHE A 65 8.64 14.95 -2.30
C PHE A 65 9.94 14.23 -2.65
N LYS A 66 10.89 14.95 -3.19
CA LYS A 66 12.20 14.32 -3.56
C LYS A 66 13.26 14.74 -2.55
N GLY A 67 13.65 13.85 -1.68
CA GLY A 67 14.68 14.19 -0.67
C GLY A 67 14.77 13.06 0.36
N ALA A 68 15.94 12.53 0.57
CA ALA A 68 16.08 11.42 1.55
C ALA A 68 14.97 10.39 1.33
N ALA A 69 14.75 9.53 2.28
CA ALA A 69 13.67 8.50 2.12
C ALA A 69 13.79 7.85 0.74
N SER A 70 14.98 7.55 0.31
CA SER A 70 15.17 6.93 -1.03
C SER A 70 16.47 6.11 -1.03
N GLU A 71 16.68 5.30 -0.03
CA GLU A 71 17.93 4.48 0.02
C GLU A 71 17.60 3.00 -0.18
N GLN A 72 16.34 2.65 -0.18
CA GLN A 72 15.97 1.22 -0.37
C GLN A 72 15.46 1.01 -1.80
N SER A 73 16.08 1.65 -2.76
CA SER A 73 15.63 1.50 -4.17
C SER A 73 14.24 2.12 -4.34
N GLU A 74 14.10 3.37 -4.02
CA GLU A 74 12.77 4.03 -4.16
C GLU A 74 11.81 3.47 -3.11
N THR A 75 11.66 4.14 -2.00
CA THR A 75 10.73 3.65 -0.95
C THR A 75 9.45 4.47 -0.96
N VAL A 76 9.06 4.95 -2.10
CA VAL A 76 7.80 5.74 -2.19
C VAL A 76 6.99 5.27 -3.39
N GLN A 77 5.75 5.64 -3.47
CA GLN A 77 4.90 5.19 -4.61
C GLN A 77 3.83 6.23 -4.91
N PRO A 78 3.56 6.44 -6.18
CA PRO A 78 2.55 7.42 -6.62
C PRO A 78 1.15 6.79 -6.56
N GLY A 79 0.41 7.07 -5.52
CA GLY A 79 -0.99 6.52 -5.43
C GLY A 79 -1.01 5.10 -4.84
N ASP A 80 0.08 4.61 -4.31
CA ASP A 80 0.03 3.23 -3.74
C ASP A 80 -1.06 3.17 -2.67
N GLU A 81 -1.69 2.04 -2.46
CA GLU A 81 -2.77 1.97 -1.42
C GLU A 81 -2.14 1.70 -0.04
N ILE A 82 -1.23 2.54 0.39
CA ILE A 82 -0.60 2.33 1.74
C ILE A 82 -1.71 2.24 2.79
N LEU A 83 -1.84 1.13 3.48
CA LEU A 83 -2.93 1.02 4.49
C LEU A 83 -2.51 1.62 5.85
N GLN A 84 -1.32 1.33 6.32
CA GLN A 84 -0.89 1.88 7.64
C GLN A 84 0.40 2.68 7.45
N LEU A 85 0.70 3.56 8.36
CA LEU A 85 1.96 4.35 8.23
C LEU A 85 2.82 4.11 9.46
N GLY A 86 3.89 4.83 9.62
CA GLY A 86 4.77 4.62 10.81
C GLY A 86 3.92 4.61 12.08
N GLY A 87 2.76 5.22 12.03
CA GLY A 87 1.90 5.24 13.26
C GLY A 87 0.48 5.67 12.89
N THR A 88 -0.11 5.08 11.89
CA THR A 88 -1.49 5.47 11.53
C THR A 88 -2.07 4.42 10.59
N ALA A 89 -3.30 4.08 10.78
CA ALA A 89 -3.95 3.09 9.89
C ALA A 89 -4.98 3.79 9.02
N MET A 90 -4.65 3.94 7.76
CA MET A 90 -5.58 4.63 6.82
C MET A 90 -6.99 4.04 6.92
N GLN A 91 -7.14 2.78 6.64
CA GLN A 91 -8.51 2.18 6.66
C GLN A 91 -9.37 2.67 7.85
N GLY A 92 -8.80 3.04 8.96
CA GLY A 92 -9.64 3.55 10.07
C GLY A 92 -9.33 5.03 10.21
N LEU A 93 -9.33 5.74 9.12
CA LEU A 93 -8.98 7.17 9.18
C LEU A 93 -9.58 7.89 7.97
N THR A 94 -10.01 9.10 8.16
CA THR A 94 -10.58 9.88 7.03
C THR A 94 -9.43 10.26 6.10
N ARG A 95 -9.70 10.91 4.99
CA ARG A 95 -8.57 11.25 4.08
C ARG A 95 -7.66 12.29 4.75
N PHE A 96 -8.18 13.42 5.14
CA PHE A 96 -7.31 14.43 5.80
C PHE A 96 -6.93 13.93 7.20
N GLU A 97 -7.89 13.49 7.97
CA GLU A 97 -7.58 12.98 9.34
C GLU A 97 -6.47 11.94 9.27
N ALA A 98 -6.36 11.22 8.19
CA ALA A 98 -5.30 10.17 8.10
C ALA A 98 -3.91 10.81 8.10
N TRP A 99 -3.62 11.57 7.10
CA TRP A 99 -2.27 12.20 7.00
C TRP A 99 -1.91 12.99 8.27
N ASN A 100 -2.87 13.25 9.13
CA ASN A 100 -2.53 14.02 10.37
C ASN A 100 -1.93 13.11 11.44
N ILE A 101 -2.54 11.97 11.73
CA ILE A 101 -1.97 11.06 12.76
C ILE A 101 -0.50 10.79 12.48
N ILE A 102 -0.15 10.60 11.25
CA ILE A 102 1.26 10.33 10.91
C ILE A 102 2.12 11.52 11.35
N LYS A 103 1.92 12.63 10.71
CA LYS A 103 2.72 13.85 11.06
C LYS A 103 2.87 13.97 12.57
N ALA A 104 1.94 13.45 13.31
CA ALA A 104 2.00 13.55 14.80
C ALA A 104 2.85 12.42 15.39
N LEU A 105 3.44 11.62 14.57
CA LEU A 105 4.26 10.49 15.08
C LEU A 105 5.66 11.00 15.46
N PRO A 106 6.50 10.10 15.94
CA PRO A 106 7.86 10.44 16.37
C PRO A 106 8.82 10.59 15.18
N ASP A 107 10.00 11.08 15.41
CA ASP A 107 10.99 11.26 14.31
C ASP A 107 11.94 10.06 14.25
N GLY A 108 11.58 9.03 13.55
CA GLY A 108 12.46 7.82 13.45
C GLY A 108 12.11 7.01 12.19
N PRO A 109 12.07 5.71 12.32
CA PRO A 109 11.76 4.80 11.21
C PRO A 109 10.24 4.68 11.02
N VAL A 110 9.69 5.38 10.06
CA VAL A 110 8.23 5.28 9.83
C VAL A 110 8.02 4.14 8.85
N THR A 111 7.32 3.13 9.26
CA THR A 111 7.11 1.97 8.36
C THR A 111 5.85 2.16 7.52
N ILE A 112 5.98 2.02 6.23
CA ILE A 112 4.83 2.17 5.33
C ILE A 112 4.46 0.79 4.78
N VAL A 113 3.23 0.59 4.40
CA VAL A 113 2.87 -0.74 3.85
C VAL A 113 2.04 -0.50 2.59
N ILE A 114 2.67 -0.54 1.46
CA ILE A 114 1.93 -0.31 0.20
C ILE A 114 1.54 -1.66 -0.41
N ARG A 115 0.33 -1.77 -0.86
CA ARG A 115 -0.12 -3.03 -1.48
C ARG A 115 -0.85 -2.69 -2.78
N ARG A 116 -0.18 -2.77 -3.89
CA ARG A 116 -0.85 -2.41 -5.18
C ARG A 116 -1.52 -3.65 -5.77
N LYS A 117 -2.59 -3.46 -6.49
CA LYS A 117 -3.30 -4.63 -7.09
C LYS A 117 -3.68 -4.30 -8.54
N SER A 118 -3.20 -5.07 -9.48
CA SER A 118 -3.53 -4.80 -10.91
C SER A 118 -2.73 -3.59 -11.40
N LEU A 119 -2.88 -3.24 -12.64
CA LEU A 119 -2.12 -2.07 -13.18
C LEU A 119 -2.97 -0.80 -13.01
N GLN A 120 -2.42 0.34 -13.33
CA GLN A 120 -3.19 1.61 -13.20
C GLN A 120 -4.04 1.83 -14.45
N SER A 121 -4.09 0.85 -15.32
CA SER A 121 -4.90 1.02 -16.56
C SER A 121 -4.48 2.30 -17.29
N LYS A 122 -3.20 2.61 -17.25
CA LYS A 122 -2.73 3.84 -17.94
C LYS A 122 -3.23 5.07 -17.18
N GLU A 123 -4.47 5.43 -17.36
CA GLU A 123 -5.01 6.62 -16.64
C GLU A 123 -6.41 6.31 -16.12
N THR A 124 -6.88 7.05 -15.14
CA THR A 124 -8.23 6.79 -14.59
C THR A 124 -8.94 8.12 -14.37
N THR A 125 -8.99 8.96 -15.37
CA THR A 125 -9.67 10.28 -15.21
C THR A 125 -11.17 10.06 -14.99
N ALA A 126 -11.97 11.03 -15.31
CA ALA A 126 -13.44 10.88 -15.11
C ALA A 126 -13.75 10.80 -13.61
N ALA A 127 -15.00 10.66 -13.25
CA ALA A 127 -15.36 10.58 -11.81
C ALA A 127 -16.17 9.30 -11.57
N GLY A 128 -15.91 8.27 -12.31
CA GLY A 128 -16.67 7.00 -12.13
C GLY A 128 -15.76 5.94 -11.52
N ASP A 129 -15.85 5.74 -10.23
CA ASP A 129 -14.97 4.72 -9.58
C ASP A 129 -13.51 5.16 -9.68
N SER A 130 -12.60 4.22 -9.74
CA SER A 130 -11.16 4.57 -9.84
C SER A 130 -10.50 3.73 -10.93
N MET A 1 -9.73 -41.51 44.26
CA MET A 1 -8.81 -40.48 43.72
C MET A 1 -8.45 -40.83 42.27
N PRO A 2 -9.12 -40.19 41.34
CA PRO A 2 -8.90 -40.41 39.91
C PRO A 2 -7.63 -39.68 39.45
N ASP A 3 -6.49 -40.31 39.60
CA ASP A 3 -5.22 -39.65 39.18
C ASP A 3 -4.97 -38.40 40.03
N LEU A 4 -4.23 -38.54 41.10
CA LEU A 4 -3.95 -37.37 41.97
C LEU A 4 -5.26 -36.76 42.46
N ASN A 5 -5.19 -35.84 43.39
CA ASN A 5 -6.45 -35.21 43.90
C ASN A 5 -6.91 -34.14 42.92
N SER A 6 -6.22 -33.03 42.87
CA SER A 6 -6.64 -31.94 41.94
C SER A 6 -5.88 -30.66 42.28
N SER A 7 -6.17 -30.07 43.41
CA SER A 7 -5.47 -28.83 43.80
C SER A 7 -5.88 -27.68 42.87
N THR A 8 -7.16 -27.51 42.67
CA THR A 8 -7.62 -26.42 41.76
C THR A 8 -7.36 -26.80 40.31
N ASP A 9 -8.34 -26.61 39.45
CA ASP A 9 -8.14 -26.96 38.02
C ASP A 9 -8.68 -25.83 37.15
N SER A 10 -8.42 -25.88 35.87
CA SER A 10 -8.91 -24.79 34.97
C SER A 10 -8.25 -24.93 33.59
N ALA A 11 -7.05 -24.41 33.44
CA ALA A 11 -6.35 -24.51 32.14
C ALA A 11 -7.24 -23.90 31.03
N ALA A 12 -7.67 -22.69 31.21
CA ALA A 12 -8.52 -22.04 30.17
C ALA A 12 -8.06 -20.61 29.95
N SER A 13 -7.18 -20.39 29.02
CA SER A 13 -6.69 -18.99 28.77
C SER A 13 -7.26 -18.50 27.44
N ALA A 14 -7.53 -17.22 27.35
CA ALA A 14 -8.08 -16.67 26.08
C ALA A 14 -9.35 -17.46 25.70
N SER A 15 -9.83 -17.26 24.51
CA SER A 15 -11.06 -18.00 24.07
C SER A 15 -10.65 -19.14 23.14
N ALA A 16 -10.02 -18.82 22.04
CA ALA A 16 -9.59 -19.87 21.09
C ALA A 16 -8.76 -19.26 19.97
N ALA A 17 -9.38 -18.50 19.10
CA ALA A 17 -8.61 -17.87 17.99
C ALA A 17 -9.30 -16.56 17.57
N SER A 18 -9.62 -15.72 18.53
CA SER A 18 -10.28 -14.43 18.19
C SER A 18 -11.44 -14.70 17.23
N ASP A 19 -12.38 -15.51 17.64
CA ASP A 19 -13.55 -15.80 16.76
C ASP A 19 -13.04 -16.25 15.39
N VAL A 20 -12.01 -17.06 15.35
CA VAL A 20 -11.45 -17.53 14.06
C VAL A 20 -11.48 -16.39 13.04
N SER A 21 -10.42 -15.64 12.96
CA SER A 21 -10.38 -14.52 11.98
C SER A 21 -9.15 -14.65 11.09
N VAL A 22 -9.35 -14.95 9.84
CA VAL A 22 -8.19 -15.10 8.91
C VAL A 22 -8.41 -14.24 7.66
N GLU A 23 -7.75 -13.13 7.57
CA GLU A 23 -7.92 -12.26 6.37
C GLU A 23 -7.35 -12.97 5.15
N SER A 24 -8.03 -12.89 4.04
CA SER A 24 -7.54 -13.57 2.81
C SER A 24 -6.29 -12.87 2.30
N THR A 25 -6.43 -11.72 1.71
CA THR A 25 -5.23 -11.00 1.19
C THR A 25 -4.54 -11.86 0.14
N ALA A 26 -5.23 -12.21 -0.91
CA ALA A 26 -4.60 -13.06 -1.96
C ALA A 26 -4.90 -12.47 -3.34
N GLU A 27 -4.10 -11.53 -3.77
CA GLU A 27 -4.28 -10.87 -5.12
C GLU A 27 -3.82 -9.41 -5.04
N ALA A 28 -2.56 -9.18 -5.29
CA ALA A 28 -2.01 -7.79 -5.25
C ALA A 28 -0.52 -7.84 -4.90
N THR A 29 0.11 -6.71 -4.80
CA THR A 29 1.56 -6.68 -4.45
C THR A 29 1.75 -5.75 -3.26
N VAL A 30 2.39 -6.20 -2.21
CA VAL A 30 2.58 -5.32 -1.03
C VAL A 30 4.05 -4.91 -0.92
N CYS A 31 4.29 -3.73 -0.39
CA CYS A 31 5.69 -3.26 -0.21
C CYS A 31 5.82 -2.60 1.15
N THR A 32 6.09 -3.36 2.16
CA THR A 32 6.25 -2.76 3.51
C THR A 32 7.61 -2.05 3.54
N VAL A 33 7.60 -0.76 3.64
CA VAL A 33 8.90 -0.01 3.63
C VAL A 33 8.91 1.06 4.73
N THR A 34 10.05 1.59 5.08
CA THR A 34 10.10 2.64 6.13
C THR A 34 10.58 3.96 5.54
N LEU A 35 9.94 5.05 5.88
CA LEU A 35 10.37 6.38 5.34
C LEU A 35 11.04 7.23 6.43
N GLU A 36 12.14 6.75 6.96
CA GLU A 36 12.88 7.48 8.05
C GLU A 36 12.42 8.94 8.16
N LYS A 37 11.57 9.23 9.10
CA LYS A 37 11.08 10.63 9.26
C LYS A 37 12.09 11.43 10.09
N MET A 38 12.67 12.45 9.50
CA MET A 38 13.66 13.28 10.25
C MET A 38 13.09 14.69 10.42
N SER A 39 12.63 15.29 9.37
CA SER A 39 12.06 16.66 9.47
C SER A 39 11.50 17.09 8.10
N ALA A 40 10.77 16.21 7.46
CA ALA A 40 10.20 16.57 6.13
C ALA A 40 8.85 15.87 5.95
N GLY A 41 8.20 15.53 7.03
CA GLY A 41 6.89 14.84 6.92
C GLY A 41 6.97 13.72 5.88
N LEU A 42 7.96 12.87 6.00
CA LEU A 42 8.13 11.74 5.03
C LEU A 42 8.11 12.26 3.59
N GLY A 43 8.20 13.54 3.39
CA GLY A 43 8.21 14.09 2.01
C GLY A 43 7.09 13.48 1.17
N PHE A 44 6.10 12.85 1.76
CA PHE A 44 5.02 12.28 0.93
C PHE A 44 3.65 12.62 1.54
N SER A 45 2.66 12.73 0.71
CA SER A 45 1.29 13.09 1.19
C SER A 45 0.29 12.06 0.63
N LEU A 46 -0.75 11.76 1.36
CA LEU A 46 -1.75 10.75 0.89
C LEU A 46 -3.02 11.39 0.35
N GLU A 47 -3.61 10.80 -0.65
CA GLU A 47 -4.88 11.37 -1.21
C GLU A 47 -5.90 10.26 -1.48
N GLY A 48 -7.16 10.61 -1.48
CA GLY A 48 -8.24 9.62 -1.73
C GLY A 48 -9.34 9.87 -0.70
N GLY A 49 -9.68 8.91 0.09
CA GLY A 49 -10.72 9.14 1.13
C GLY A 49 -10.73 7.94 2.10
N LYS A 50 -11.82 7.69 2.79
CA LYS A 50 -11.85 6.54 3.74
C LYS A 50 -12.28 5.25 3.01
N GLY A 51 -11.35 4.35 2.82
CA GLY A 51 -11.62 3.05 2.14
C GLY A 51 -12.76 3.16 1.14
N SER A 52 -13.87 2.51 1.40
CA SER A 52 -15.02 2.59 0.46
C SER A 52 -16.31 2.33 1.24
N LEU A 53 -16.58 3.13 2.24
CA LEU A 53 -17.81 2.94 3.05
C LEU A 53 -19.04 2.92 2.15
N HIS A 54 -19.18 3.88 1.27
CA HIS A 54 -20.38 3.91 0.38
C HIS A 54 -19.96 4.23 -1.05
N GLY A 55 -18.69 4.17 -1.34
CA GLY A 55 -18.25 4.48 -2.74
C GLY A 55 -16.88 3.82 -2.99
N ASP A 56 -15.82 4.61 -3.12
CA ASP A 56 -14.48 4.01 -3.37
C ASP A 56 -13.41 5.04 -3.04
N LYS A 57 -13.02 5.14 -1.80
CA LYS A 57 -11.98 6.15 -1.44
C LYS A 57 -10.79 5.45 -0.75
N PRO A 58 -9.88 4.95 -1.55
CA PRO A 58 -8.69 4.26 -1.04
C PRO A 58 -7.60 5.29 -0.70
N LEU A 59 -6.66 4.93 0.12
CA LEU A 59 -5.58 5.88 0.46
C LEU A 59 -4.45 5.72 -0.54
N THR A 60 -3.90 6.78 -1.04
CA THR A 60 -2.81 6.62 -2.04
C THR A 60 -1.84 7.81 -2.00
N ILE A 61 -0.57 7.63 -2.36
CA ILE A 61 0.36 8.78 -2.35
C ILE A 61 0.16 9.61 -3.61
N ASN A 62 -0.14 10.85 -3.43
CA ASN A 62 -0.36 11.74 -4.61
C ASN A 62 0.87 12.62 -4.87
N ARG A 63 1.41 13.24 -3.86
CA ARG A 63 2.55 14.13 -4.07
C ARG A 63 3.76 13.71 -3.23
N ILE A 64 4.73 13.10 -3.85
CA ILE A 64 5.94 12.67 -3.10
C ILE A 64 7.05 13.67 -3.32
N PHE A 65 7.82 13.90 -2.31
CA PHE A 65 8.93 14.89 -2.42
C PHE A 65 10.27 14.15 -2.50
N LYS A 66 10.59 13.37 -1.52
CA LYS A 66 11.89 12.64 -1.54
C LYS A 66 11.73 11.26 -0.88
N GLY A 67 12.12 10.22 -1.54
CA GLY A 67 11.99 8.86 -0.95
C GLY A 67 13.31 8.48 -0.27
N ALA A 68 13.99 7.50 -0.78
CA ALA A 68 15.28 7.07 -0.18
C ALA A 68 15.04 6.62 1.27
N ALA A 69 14.90 5.34 1.49
CA ALA A 69 14.66 4.84 2.87
C ALA A 69 15.99 4.87 3.66
N SER A 70 15.99 4.33 4.85
CA SER A 70 17.24 4.33 5.66
C SER A 70 18.31 3.50 4.95
N GLU A 71 17.90 2.54 4.18
CA GLU A 71 18.88 1.69 3.45
C GLU A 71 18.13 0.63 2.65
N GLN A 72 17.09 1.02 1.95
CA GLN A 72 16.32 0.04 1.14
C GLN A 72 16.00 0.64 -0.23
N SER A 73 16.99 1.16 -0.90
CA SER A 73 16.74 1.76 -2.24
C SER A 73 15.49 2.65 -2.19
N GLU A 74 14.85 2.88 -3.29
CA GLU A 74 13.65 3.74 -3.29
C GLU A 74 12.57 3.12 -2.41
N THR A 75 11.93 3.91 -1.58
CA THR A 75 10.87 3.36 -0.69
C THR A 75 9.58 4.17 -0.88
N VAL A 76 9.23 4.50 -2.09
CA VAL A 76 7.98 5.26 -2.32
C VAL A 76 7.35 4.83 -3.64
N GLN A 77 6.08 5.07 -3.79
CA GLN A 77 5.37 4.70 -5.04
C GLN A 77 4.20 5.66 -5.24
N PRO A 78 4.02 6.11 -6.46
CA PRO A 78 2.93 7.04 -6.80
C PRO A 78 1.60 6.29 -6.94
N GLY A 79 0.54 6.82 -6.40
CA GLY A 79 -0.78 6.12 -6.52
C GLY A 79 -0.74 4.80 -5.73
N ASP A 80 0.31 4.54 -5.00
CA ASP A 80 0.38 3.27 -4.23
C ASP A 80 -0.79 3.26 -3.22
N GLU A 81 -1.33 2.11 -2.89
CA GLU A 81 -2.47 2.10 -1.91
C GLU A 81 -1.92 1.91 -0.46
N ILE A 82 -1.57 2.98 0.24
CA ILE A 82 -1.03 2.80 1.63
C ILE A 82 -2.18 2.70 2.63
N LEU A 83 -2.26 1.63 3.37
CA LEU A 83 -3.37 1.50 4.37
C LEU A 83 -2.99 2.26 5.65
N GLN A 84 -1.83 1.98 6.19
CA GLN A 84 -1.41 2.69 7.43
C GLN A 84 -0.01 3.27 7.22
N LEU A 85 0.42 4.15 8.07
CA LEU A 85 1.77 4.74 7.90
C LEU A 85 2.45 4.93 9.25
N GLY A 86 3.62 4.40 9.42
CA GLY A 86 4.36 4.55 10.69
C GLY A 86 3.41 4.43 11.89
N GLY A 87 2.88 5.53 12.35
CA GLY A 87 1.96 5.45 13.54
C GLY A 87 0.55 5.92 13.14
N THR A 88 0.00 5.38 12.08
CA THR A 88 -1.36 5.77 11.68
C THR A 88 -1.94 4.70 10.77
N ALA A 89 -3.18 4.39 10.96
CA ALA A 89 -3.85 3.41 10.09
C ALA A 89 -5.21 3.97 9.71
N MET A 90 -5.41 4.27 8.45
CA MET A 90 -6.71 4.89 8.04
C MET A 90 -7.84 3.87 8.09
N GLN A 91 -7.67 2.67 7.60
CA GLN A 91 -8.82 1.71 7.63
C GLN A 91 -9.66 1.85 8.91
N GLY A 92 -9.11 2.29 10.01
CA GLY A 92 -9.95 2.50 11.22
C GLY A 92 -9.93 4.00 11.50
N LEU A 93 -10.16 4.78 10.47
CA LEU A 93 -10.10 6.26 10.63
C LEU A 93 -10.61 6.90 9.34
N THR A 94 -10.30 8.14 9.11
CA THR A 94 -10.74 8.80 7.85
C THR A 94 -9.52 9.22 7.05
N ARG A 95 -9.68 9.50 5.78
CA ARG A 95 -8.51 9.89 4.94
C ARG A 95 -7.77 11.08 5.55
N PHE A 96 -8.44 12.15 5.86
CA PHE A 96 -7.72 13.33 6.42
C PHE A 96 -7.08 12.97 7.76
N GLU A 97 -7.83 12.37 8.64
CA GLU A 97 -7.24 11.99 9.95
C GLU A 97 -5.92 11.26 9.72
N ALA A 98 -5.91 10.34 8.78
CA ALA A 98 -4.67 9.58 8.49
C ALA A 98 -3.45 10.48 8.34
N TRP A 99 -3.39 11.26 7.31
CA TRP A 99 -2.18 12.13 7.11
C TRP A 99 -1.97 13.06 8.32
N ASN A 100 -2.97 13.26 9.14
CA ASN A 100 -2.79 14.14 10.34
C ASN A 100 -2.10 13.35 11.49
N ILE A 101 -2.56 12.16 11.79
CA ILE A 101 -1.95 11.35 12.88
C ILE A 101 -0.45 11.23 12.67
N ILE A 102 -0.03 11.02 11.47
CA ILE A 102 1.42 10.85 11.20
C ILE A 102 2.14 12.14 11.53
N LYS A 103 1.76 13.20 10.89
CA LYS A 103 2.43 14.51 11.17
C LYS A 103 2.64 14.66 12.67
N ALA A 104 1.78 14.05 13.44
CA ALA A 104 1.89 14.16 14.93
C ALA A 104 2.84 13.10 15.51
N LEU A 105 3.39 12.23 14.70
CA LEU A 105 4.30 11.20 15.24
C LEU A 105 5.72 11.77 15.40
N PRO A 106 6.61 10.95 15.90
CA PRO A 106 8.02 11.35 16.12
C PRO A 106 8.82 11.23 14.82
N ASP A 107 10.06 11.64 14.85
CA ASP A 107 10.91 11.55 13.64
C ASP A 107 11.76 10.28 13.72
N GLY A 108 11.30 9.21 13.14
CA GLY A 108 12.09 7.94 13.19
C GLY A 108 11.74 7.07 11.97
N PRO A 109 11.69 5.78 12.19
CA PRO A 109 11.39 4.81 11.13
C PRO A 109 9.89 4.77 10.86
N VAL A 110 9.43 5.49 9.87
CA VAL A 110 7.98 5.46 9.55
C VAL A 110 7.76 4.30 8.60
N THR A 111 7.07 3.30 9.05
CA THR A 111 6.85 2.13 8.18
C THR A 111 5.60 2.32 7.33
N ILE A 112 5.75 2.13 6.04
CA ILE A 112 4.61 2.28 5.12
C ILE A 112 4.19 0.89 4.65
N VAL A 113 2.96 0.73 4.30
CA VAL A 113 2.51 -0.60 3.82
C VAL A 113 1.61 -0.38 2.63
N ILE A 114 2.16 -0.32 1.47
CA ILE A 114 1.33 -0.06 0.26
C ILE A 114 1.10 -1.36 -0.49
N ARG A 115 -0.09 -1.55 -0.99
CA ARG A 115 -0.38 -2.79 -1.75
C ARG A 115 -0.71 -2.37 -3.19
N ARG A 116 0.14 -2.69 -4.11
CA ARG A 116 -0.12 -2.30 -5.52
C ARG A 116 -0.78 -3.48 -6.24
N LYS A 117 -1.09 -3.34 -7.50
CA LYS A 117 -1.72 -4.47 -8.23
C LYS A 117 -1.05 -4.64 -9.59
N SER A 118 0.04 -5.35 -9.62
CA SER A 118 0.77 -5.56 -10.91
C SER A 118 1.84 -6.63 -10.72
N LEU A 119 2.09 -7.41 -11.73
CA LEU A 119 3.13 -8.48 -11.60
C LEU A 119 4.52 -7.85 -11.71
N GLN A 120 4.91 -7.06 -10.75
CA GLN A 120 6.25 -6.42 -10.81
C GLN A 120 7.18 -7.08 -9.78
N SER A 121 6.86 -8.28 -9.36
CA SER A 121 7.73 -8.98 -8.37
C SER A 121 9.19 -8.82 -8.78
N LYS A 122 10.05 -8.61 -7.84
CA LYS A 122 11.49 -8.44 -8.18
C LYS A 122 12.31 -9.55 -7.49
N GLU A 123 12.81 -9.28 -6.32
CA GLU A 123 13.62 -10.30 -5.59
C GLU A 123 13.58 -10.01 -4.09
N THR A 124 12.52 -9.41 -3.62
CA THR A 124 12.43 -9.10 -2.17
C THR A 124 10.96 -9.12 -1.73
N THR A 125 10.34 -10.28 -1.74
CA THR A 125 8.91 -10.36 -1.32
C THR A 125 8.73 -11.57 -0.41
N ALA A 126 7.79 -11.48 0.50
CA ALA A 126 7.56 -12.62 1.44
C ALA A 126 6.89 -13.77 0.68
N ALA A 127 6.27 -13.47 -0.44
CA ALA A 127 5.60 -14.54 -1.23
C ALA A 127 4.71 -15.39 -0.32
N GLY A 128 3.64 -14.83 0.17
CA GLY A 128 2.74 -15.59 1.07
C GLY A 128 2.50 -14.81 2.35
N ASP A 129 1.30 -14.84 2.85
CA ASP A 129 0.99 -14.09 4.11
C ASP A 129 -0.23 -14.72 4.78
N SER A 130 -0.43 -16.00 4.59
CA SER A 130 -1.60 -16.68 5.21
C SER A 130 -1.18 -18.06 5.73
N MET A 1 -24.26 -16.02 -50.97
CA MET A 1 -22.97 -15.38 -50.57
C MET A 1 -22.07 -16.43 -49.91
N PRO A 2 -21.33 -17.13 -50.73
CA PRO A 2 -20.41 -18.18 -50.27
C PRO A 2 -19.13 -17.57 -49.71
N ASP A 3 -18.97 -16.28 -49.87
CA ASP A 3 -17.74 -15.62 -49.33
C ASP A 3 -17.78 -15.62 -47.80
N LEU A 4 -18.96 -15.70 -47.23
CA LEU A 4 -19.06 -15.71 -45.75
C LEU A 4 -19.98 -16.85 -45.31
N ASN A 5 -21.06 -17.04 -46.00
CA ASN A 5 -22.00 -18.15 -45.63
C ASN A 5 -22.16 -18.19 -44.11
N SER A 6 -22.68 -19.28 -43.59
CA SER A 6 -22.86 -19.38 -42.11
C SER A 6 -23.84 -18.30 -41.64
N SER A 7 -23.34 -17.12 -41.39
CA SER A 7 -24.25 -16.03 -40.92
C SER A 7 -25.38 -15.85 -41.93
N THR A 8 -26.31 -14.97 -41.65
CA THR A 8 -27.44 -14.76 -42.58
C THR A 8 -27.37 -13.34 -43.15
N ASP A 9 -28.45 -12.85 -43.70
CA ASP A 9 -28.44 -11.47 -44.26
C ASP A 9 -28.34 -10.46 -43.13
N SER A 10 -27.17 -10.33 -42.54
CA SER A 10 -27.00 -9.35 -41.43
C SER A 10 -25.89 -8.36 -41.77
N ALA A 11 -26.19 -7.10 -41.83
CA ALA A 11 -25.15 -6.09 -42.16
C ALA A 11 -25.74 -4.69 -42.05
N ALA A 12 -25.16 -3.84 -41.25
CA ALA A 12 -25.70 -2.46 -41.11
C ALA A 12 -24.60 -1.52 -40.61
N SER A 13 -24.11 -1.72 -39.42
CA SER A 13 -23.03 -0.83 -38.90
C SER A 13 -21.98 -1.67 -38.17
N ALA A 14 -22.12 -1.84 -36.88
CA ALA A 14 -21.12 -2.63 -36.13
C ALA A 14 -19.73 -2.01 -36.32
N SER A 15 -19.62 -0.72 -36.13
CA SER A 15 -18.31 -0.05 -36.30
C SER A 15 -17.56 -0.02 -34.97
N ALA A 16 -16.82 -1.05 -34.67
CA ALA A 16 -16.07 -1.08 -33.38
C ALA A 16 -14.68 -1.66 -33.64
N ALA A 17 -14.58 -2.96 -33.76
CA ALA A 17 -13.25 -3.59 -34.01
C ALA A 17 -12.33 -3.36 -32.80
N SER A 18 -12.90 -3.00 -31.68
CA SER A 18 -12.05 -2.76 -30.47
C SER A 18 -11.15 -1.55 -30.71
N ASP A 19 -10.13 -1.72 -31.51
CA ASP A 19 -9.20 -0.58 -31.78
C ASP A 19 -8.88 0.14 -30.48
N VAL A 20 -8.12 -0.47 -29.62
CA VAL A 20 -7.77 0.18 -28.33
C VAL A 20 -6.25 0.10 -28.11
N SER A 21 -5.64 1.19 -27.69
CA SER A 21 -4.18 1.17 -27.45
C SER A 21 -3.89 1.39 -25.97
N VAL A 22 -3.55 0.34 -25.26
CA VAL A 22 -3.26 0.49 -23.80
C VAL A 22 -2.53 -0.76 -23.30
N GLU A 23 -1.65 -0.60 -22.36
CA GLU A 23 -0.90 -1.78 -21.84
C GLU A 23 -1.77 -2.53 -20.82
N SER A 24 -1.90 -3.83 -20.99
CA SER A 24 -2.73 -4.63 -20.05
C SER A 24 -1.81 -5.52 -19.22
N THR A 25 -1.76 -5.33 -17.93
CA THR A 25 -0.89 -6.18 -17.08
C THR A 25 -1.63 -6.55 -15.79
N ALA A 26 -0.97 -7.24 -14.90
CA ALA A 26 -1.64 -7.65 -13.63
C ALA A 26 -0.62 -8.33 -12.72
N GLU A 27 -0.39 -7.79 -11.55
CA GLU A 27 0.59 -8.39 -10.61
C GLU A 27 0.42 -7.78 -9.23
N ALA A 28 -0.34 -8.43 -8.40
CA ALA A 28 -0.56 -7.92 -7.02
C ALA A 28 0.72 -8.09 -6.21
N THR A 29 1.19 -7.04 -5.59
CA THR A 29 2.44 -7.17 -4.79
C THR A 29 2.43 -6.18 -3.62
N VAL A 30 2.94 -6.57 -2.48
CA VAL A 30 2.95 -5.65 -1.31
C VAL A 30 4.28 -4.86 -1.30
N CYS A 31 4.32 -3.77 -0.60
CA CYS A 31 5.57 -2.97 -0.54
C CYS A 31 5.73 -2.37 0.85
N THR A 32 6.34 -3.09 1.76
CA THR A 32 6.54 -2.54 3.14
C THR A 32 7.83 -1.71 3.17
N VAL A 33 7.74 -0.47 3.54
CA VAL A 33 8.96 0.40 3.56
C VAL A 33 8.96 1.35 4.77
N THR A 34 10.13 1.75 5.21
CA THR A 34 10.23 2.72 6.35
C THR A 34 10.78 4.05 5.83
N LEU A 35 10.14 5.15 6.12
CA LEU A 35 10.66 6.45 5.61
C LEU A 35 11.23 7.31 6.74
N GLU A 36 12.23 6.82 7.41
CA GLU A 36 12.87 7.56 8.55
C GLU A 36 12.43 9.02 8.59
N LYS A 37 11.64 9.39 9.57
CA LYS A 37 11.17 10.81 9.63
C LYS A 37 12.28 11.69 10.18
N MET A 38 12.46 12.84 9.59
CA MET A 38 13.54 13.77 10.06
C MET A 38 13.04 15.21 9.91
N SER A 39 11.80 15.46 10.22
CA SER A 39 11.26 16.84 10.09
C SER A 39 11.03 17.16 8.62
N ALA A 40 9.98 16.64 8.03
CA ALA A 40 9.71 16.92 6.60
C ALA A 40 8.34 16.35 6.22
N GLY A 41 8.09 15.13 6.57
CA GLY A 41 6.77 14.51 6.23
C GLY A 41 7.00 13.32 5.30
N LEU A 42 7.88 12.42 5.66
CA LEU A 42 8.15 11.21 4.81
C LEU A 42 8.12 11.59 3.33
N GLY A 43 8.40 12.81 3.02
CA GLY A 43 8.41 13.24 1.59
C GLY A 43 7.17 12.72 0.86
N PHE A 44 6.13 12.30 1.55
CA PHE A 44 4.94 11.82 0.82
C PHE A 44 3.66 12.27 1.53
N SER A 45 2.66 12.51 0.75
CA SER A 45 1.32 12.93 1.28
C SER A 45 0.28 11.91 0.83
N LEU A 46 -0.61 11.53 1.71
CA LEU A 46 -1.63 10.51 1.34
C LEU A 46 -2.92 11.16 0.84
N GLU A 47 -3.54 10.60 -0.16
CA GLU A 47 -4.82 11.20 -0.66
C GLU A 47 -5.88 10.10 -0.85
N GLY A 48 -7.13 10.48 -0.76
CA GLY A 48 -8.24 9.50 -0.91
C GLY A 48 -9.39 9.94 0.00
N GLY A 49 -9.82 9.08 0.90
CA GLY A 49 -10.92 9.49 1.82
C GLY A 49 -10.94 8.55 3.05
N LYS A 50 -12.09 8.36 3.67
CA LYS A 50 -12.17 7.46 4.85
C LYS A 50 -12.63 6.06 4.39
N GLY A 51 -11.71 5.18 4.13
CA GLY A 51 -12.10 3.81 3.68
C GLY A 51 -13.14 3.23 4.65
N SER A 52 -14.36 3.04 4.20
CA SER A 52 -15.39 2.48 5.12
C SER A 52 -15.99 1.21 4.51
N LEU A 53 -16.82 1.35 3.50
CA LEU A 53 -17.44 0.15 2.88
C LEU A 53 -17.92 0.50 1.47
N HIS A 54 -19.06 1.12 1.36
CA HIS A 54 -19.58 1.49 0.01
C HIS A 54 -19.13 2.91 -0.33
N GLY A 55 -18.06 3.36 0.24
CA GLY A 55 -17.57 4.75 -0.06
C GLY A 55 -16.47 4.68 -1.12
N ASP A 56 -15.52 3.79 -0.92
CA ASP A 56 -14.41 3.65 -1.92
C ASP A 56 -13.39 4.77 -1.74
N LYS A 57 -12.81 4.88 -0.56
CA LYS A 57 -11.80 5.96 -0.34
C LYS A 57 -10.50 5.35 0.22
N PRO A 58 -9.64 4.90 -0.67
CA PRO A 58 -8.36 4.29 -0.28
C PRO A 58 -7.28 5.37 -0.13
N LEU A 59 -6.77 5.58 1.06
CA LEU A 59 -5.70 6.62 1.21
C LEU A 59 -4.50 6.18 0.38
N THR A 60 -4.12 6.97 -0.60
CA THR A 60 -2.97 6.57 -1.46
C THR A 60 -1.96 7.72 -1.57
N ILE A 61 -0.69 7.47 -1.90
CA ILE A 61 0.27 8.60 -2.02
C ILE A 61 0.05 9.35 -3.32
N ASN A 62 -0.23 10.61 -3.20
CA ASN A 62 -0.46 11.46 -4.41
C ASN A 62 0.69 12.45 -4.62
N ARG A 63 1.07 13.18 -3.61
CA ARG A 63 2.16 14.18 -3.79
C ARG A 63 3.43 13.69 -3.10
N ILE A 64 4.32 13.12 -3.85
CA ILE A 64 5.59 12.63 -3.25
C ILE A 64 6.69 13.67 -3.45
N PHE A 65 7.57 13.76 -2.49
CA PHE A 65 8.68 14.75 -2.59
C PHE A 65 10.00 14.01 -2.81
N LYS A 66 11.05 14.74 -3.11
CA LYS A 66 12.37 14.08 -3.34
C LYS A 66 13.37 14.59 -2.30
N GLY A 67 13.47 13.91 -1.18
CA GLY A 67 14.43 14.36 -0.13
C GLY A 67 14.01 13.75 1.21
N ALA A 68 13.92 12.46 1.29
CA ALA A 68 13.51 11.81 2.57
C ALA A 68 14.08 10.39 2.62
N ALA A 69 13.78 9.66 3.67
CA ALA A 69 14.31 8.27 3.77
C ALA A 69 15.83 8.29 3.64
N SER A 70 16.49 7.21 3.96
CA SER A 70 17.97 7.18 3.84
C SER A 70 18.37 7.12 2.37
N GLU A 71 18.63 5.96 1.85
CA GLU A 71 19.01 5.84 0.42
C GLU A 71 17.73 5.84 -0.43
N GLN A 72 16.86 6.79 -0.21
CA GLN A 72 15.57 6.85 -0.99
C GLN A 72 15.82 6.45 -2.44
N SER A 73 15.49 5.24 -2.79
CA SER A 73 15.69 4.77 -4.19
C SER A 73 14.34 4.30 -4.74
N GLU A 74 13.52 3.75 -3.89
CA GLU A 74 12.17 3.26 -4.34
C GLU A 74 11.33 2.97 -3.11
N THR A 75 11.52 3.72 -2.06
CA THR A 75 10.73 3.50 -0.81
C THR A 75 9.43 4.31 -0.87
N VAL A 76 9.00 4.65 -2.05
CA VAL A 76 7.74 5.43 -2.19
C VAL A 76 7.11 5.09 -3.54
N GLN A 77 5.83 5.28 -3.66
CA GLN A 77 5.17 4.95 -4.96
C GLN A 77 3.95 5.86 -5.15
N PRO A 78 3.78 6.37 -6.35
CA PRO A 78 2.65 7.26 -6.67
C PRO A 78 1.38 6.45 -6.92
N GLY A 79 0.33 6.72 -6.19
CA GLY A 79 -0.96 5.98 -6.43
C GLY A 79 -0.95 4.61 -5.72
N ASP A 80 0.00 4.33 -4.86
CA ASP A 80 -0.04 3.00 -4.18
C ASP A 80 -1.03 3.07 -3.02
N GLU A 81 -1.60 1.96 -2.62
CA GLU A 81 -2.61 2.02 -1.49
C GLU A 81 -1.93 1.77 -0.13
N ILE A 82 -1.21 2.74 0.40
CA ILE A 82 -0.57 2.54 1.75
C ILE A 82 -1.68 2.33 2.79
N LEU A 83 -1.66 1.25 3.54
CA LEU A 83 -2.76 1.03 4.54
C LEU A 83 -2.43 1.66 5.90
N GLN A 84 -1.19 1.65 6.33
CA GLN A 84 -0.86 2.25 7.65
C GLN A 84 0.41 3.09 7.52
N LEU A 85 0.69 3.91 8.48
CA LEU A 85 1.91 4.74 8.40
C LEU A 85 2.68 4.62 9.73
N GLY A 86 3.68 5.43 9.93
CA GLY A 86 4.45 5.36 11.19
C GLY A 86 3.50 5.21 12.37
N GLY A 87 2.28 5.68 12.22
CA GLY A 87 1.31 5.56 13.36
C GLY A 87 -0.10 5.95 12.90
N THR A 88 -0.52 5.55 11.73
CA THR A 88 -1.91 5.91 11.32
C THR A 88 -2.41 4.81 10.37
N ALA A 89 -3.55 4.28 10.62
CA ALA A 89 -4.08 3.23 9.70
C ALA A 89 -5.14 3.83 8.79
N MET A 90 -4.86 3.88 7.53
CA MET A 90 -5.83 4.46 6.57
C MET A 90 -7.21 3.85 6.81
N GLN A 91 -7.37 2.60 6.47
CA GLN A 91 -8.73 1.97 6.64
C GLN A 91 -9.40 2.34 7.98
N GLY A 92 -8.68 2.66 9.02
CA GLY A 92 -9.36 3.05 10.28
C GLY A 92 -9.12 4.54 10.50
N LEU A 93 -9.26 5.32 9.47
CA LEU A 93 -8.99 6.78 9.62
C LEU A 93 -9.42 7.50 8.34
N THR A 94 -9.88 8.70 8.47
CA THR A 94 -10.31 9.48 7.26
C THR A 94 -9.06 9.82 6.47
N ARG A 95 -9.22 10.30 5.26
CA ARG A 95 -8.00 10.65 4.46
C ARG A 95 -7.19 11.72 5.21
N PHE A 96 -7.80 12.84 5.52
CA PHE A 96 -7.06 13.91 6.24
C PHE A 96 -6.63 13.38 7.61
N GLU A 97 -7.54 12.86 8.37
CA GLU A 97 -7.17 12.33 9.71
C GLU A 97 -5.99 11.38 9.56
N ALA A 98 -6.02 10.50 8.58
CA ALA A 98 -4.89 9.56 8.39
C ALA A 98 -3.58 10.34 8.25
N TRP A 99 -3.45 11.07 7.19
CA TRP A 99 -2.17 11.84 6.98
C TRP A 99 -1.93 12.80 8.16
N ASN A 100 -2.89 13.00 9.02
CA ASN A 100 -2.68 13.94 10.16
C ASN A 100 -1.96 13.24 11.32
N ILE A 101 -2.39 12.06 11.73
CA ILE A 101 -1.70 11.38 12.87
C ILE A 101 -0.22 11.22 12.53
N ILE A 102 0.08 10.88 11.31
CA ILE A 102 1.50 10.72 10.91
C ILE A 102 2.25 11.99 11.31
N LYS A 103 1.94 13.06 10.65
CA LYS A 103 2.62 14.35 10.96
C LYS A 103 2.77 14.51 12.48
N ALA A 104 1.83 14.00 13.21
CA ALA A 104 1.89 14.14 14.70
C ALA A 104 2.79 13.06 15.33
N LEU A 105 3.17 12.05 14.58
CA LEU A 105 4.02 10.98 15.16
C LEU A 105 5.42 11.55 15.47
N PRO A 106 6.25 10.72 16.06
CA PRO A 106 7.63 11.10 16.41
C PRO A 106 8.56 10.99 15.20
N ASP A 107 9.81 11.32 15.38
CA ASP A 107 10.77 11.25 14.25
C ASP A 107 11.56 9.94 14.33
N GLY A 108 11.08 8.91 13.68
CA GLY A 108 11.80 7.59 13.72
C GLY A 108 11.51 6.81 12.45
N PRO A 109 11.39 5.51 12.59
CA PRO A 109 11.11 4.62 11.46
C PRO A 109 9.63 4.69 11.08
N VAL A 110 9.31 5.49 10.09
CA VAL A 110 7.89 5.60 9.66
C VAL A 110 7.64 4.51 8.63
N THR A 111 6.74 3.62 8.91
CA THR A 111 6.49 2.51 7.96
C THR A 111 5.30 2.81 7.05
N ILE A 112 5.47 2.55 5.78
CA ILE A 112 4.38 2.73 4.81
C ILE A 112 4.03 1.37 4.24
N VAL A 113 3.04 0.74 4.78
CA VAL A 113 2.66 -0.60 4.29
C VAL A 113 1.63 -0.42 3.18
N ILE A 114 1.93 -0.87 2.00
CA ILE A 114 0.96 -0.68 0.90
C ILE A 114 0.69 -2.00 0.18
N ARG A 115 -0.10 -1.92 -0.85
CA ARG A 115 -0.43 -3.13 -1.64
C ARG A 115 -0.73 -2.68 -3.07
N ARG A 116 0.14 -2.92 -3.99
CA ARG A 116 -0.14 -2.48 -5.38
C ARG A 116 -0.92 -3.57 -6.10
N LYS A 117 -2.10 -3.86 -5.64
CA LYS A 117 -2.93 -4.92 -6.28
C LYS A 117 -4.12 -4.28 -6.99
N SER A 118 -4.82 -5.03 -7.80
CA SER A 118 -6.00 -4.46 -8.51
C SER A 118 -6.83 -5.59 -9.14
N LEU A 119 -8.09 -5.35 -9.34
CA LEU A 119 -8.97 -6.40 -9.95
C LEU A 119 -9.07 -7.60 -9.00
N GLN A 120 -10.01 -7.57 -8.11
CA GLN A 120 -10.18 -8.70 -7.16
C GLN A 120 -11.28 -8.35 -6.16
N SER A 121 -10.93 -7.65 -5.12
CA SER A 121 -11.95 -7.26 -4.10
C SER A 121 -12.50 -8.52 -3.42
N LYS A 122 -11.73 -9.12 -2.56
CA LYS A 122 -12.21 -10.34 -1.86
C LYS A 122 -11.05 -11.00 -1.10
N GLU A 123 -11.28 -11.41 0.12
CA GLU A 123 -10.18 -12.06 0.89
C GLU A 123 -10.04 -13.51 0.44
N THR A 124 -8.93 -13.85 -0.16
CA THR A 124 -8.73 -15.24 -0.63
C THR A 124 -7.31 -15.71 -0.29
N THR A 125 -6.33 -15.12 -0.91
CA THR A 125 -4.92 -15.52 -0.61
C THR A 125 -4.11 -14.30 -0.17
N ALA A 126 -2.91 -14.52 0.28
CA ALA A 126 -2.06 -13.37 0.74
C ALA A 126 -2.77 -12.63 1.88
N ALA A 127 -2.48 -11.37 2.05
CA ALA A 127 -3.12 -10.60 3.15
C ALA A 127 -4.22 -9.72 2.56
N GLY A 128 -5.40 -10.27 2.38
CA GLY A 128 -6.52 -9.47 1.81
C GLY A 128 -6.86 -8.32 2.77
N ASP A 129 -7.10 -7.15 2.25
CA ASP A 129 -7.44 -6.00 3.13
C ASP A 129 -8.93 -5.68 2.98
N SER A 130 -9.33 -5.15 1.86
CA SER A 130 -10.77 -4.82 1.66
C SER A 130 -11.02 -4.51 0.19
N MET A 1 -4.04 -36.48 -5.57
CA MET A 1 -5.23 -35.57 -5.68
C MET A 1 -6.50 -36.42 -5.75
N PRO A 2 -6.88 -36.95 -4.61
CA PRO A 2 -8.09 -37.79 -4.49
C PRO A 2 -9.35 -36.91 -4.48
N ASP A 3 -9.22 -35.69 -4.02
CA ASP A 3 -10.40 -34.80 -3.96
C ASP A 3 -9.96 -33.36 -4.20
N LEU A 4 -10.65 -32.41 -3.63
CA LEU A 4 -10.26 -30.98 -3.81
C LEU A 4 -9.80 -30.41 -2.47
N ASN A 5 -9.02 -31.15 -1.74
CA ASN A 5 -8.53 -30.65 -0.43
C ASN A 5 -7.09 -30.13 -0.58
N SER A 6 -6.74 -29.12 0.14
CA SER A 6 -5.35 -28.58 0.02
C SER A 6 -4.89 -28.03 1.38
N SER A 7 -5.74 -27.32 2.06
CA SER A 7 -5.36 -26.76 3.39
C SER A 7 -5.14 -27.92 4.38
N THR A 8 -3.95 -28.45 4.45
CA THR A 8 -3.68 -29.56 5.39
C THR A 8 -2.68 -29.11 6.44
N ASP A 9 -1.53 -28.64 6.02
CA ASP A 9 -0.51 -28.18 7.01
C ASP A 9 -0.05 -29.37 7.86
N SER A 10 0.07 -30.53 7.28
CA SER A 10 0.51 -31.72 8.06
C SER A 10 1.23 -32.70 7.13
N ALA A 11 1.69 -33.80 7.65
CA ALA A 11 2.39 -34.79 6.80
C ALA A 11 3.62 -34.14 6.16
N ALA A 12 4.60 -34.93 5.80
CA ALA A 12 5.82 -34.36 5.17
C ALA A 12 5.45 -33.68 3.85
N SER A 13 5.19 -34.45 2.83
CA SER A 13 4.82 -33.85 1.52
C SER A 13 5.90 -32.86 1.09
N ALA A 14 5.68 -32.18 0.00
CA ALA A 14 6.70 -31.19 -0.47
C ALA A 14 6.31 -29.79 0.00
N SER A 15 5.77 -29.68 1.19
CA SER A 15 5.35 -28.34 1.70
C SER A 15 6.58 -27.60 2.23
N ALA A 16 7.54 -27.36 1.38
CA ALA A 16 8.77 -26.64 1.84
C ALA A 16 9.30 -25.77 0.70
N ALA A 17 8.44 -25.32 -0.16
CA ALA A 17 8.90 -24.46 -1.30
C ALA A 17 7.69 -23.90 -2.04
N SER A 18 6.89 -24.74 -2.62
CA SER A 18 5.70 -24.25 -3.37
C SER A 18 6.13 -23.25 -4.43
N ASP A 19 6.50 -23.73 -5.60
CA ASP A 19 6.94 -22.81 -6.68
C ASP A 19 5.77 -22.55 -7.64
N VAL A 20 4.59 -22.34 -7.10
CA VAL A 20 3.42 -22.08 -7.98
C VAL A 20 3.21 -20.58 -8.14
N SER A 21 4.27 -19.82 -8.09
CA SER A 21 4.14 -18.35 -8.24
C SER A 21 4.15 -17.98 -9.72
N VAL A 22 3.39 -16.99 -10.11
CA VAL A 22 3.36 -16.60 -11.55
C VAL A 22 4.45 -15.55 -11.81
N GLU A 23 5.04 -15.59 -12.97
CA GLU A 23 6.12 -14.60 -13.29
C GLU A 23 5.49 -13.25 -13.61
N SER A 24 5.12 -12.50 -12.61
CA SER A 24 4.50 -11.17 -12.87
C SER A 24 3.91 -10.61 -11.58
N THR A 25 2.66 -10.92 -11.31
CA THR A 25 2.02 -10.41 -10.07
C THR A 25 0.84 -11.31 -9.69
N ALA A 26 0.62 -11.51 -8.42
CA ALA A 26 -0.51 -12.39 -8.00
C ALA A 26 -0.98 -11.96 -6.60
N GLU A 27 -2.24 -12.14 -6.30
CA GLU A 27 -2.74 -11.74 -4.95
C GLU A 27 -2.20 -10.36 -4.61
N ALA A 28 -1.94 -9.57 -5.61
CA ALA A 28 -1.41 -8.20 -5.37
C ALA A 28 0.02 -8.29 -4.84
N THR A 29 0.74 -7.19 -4.85
CA THR A 29 2.14 -7.23 -4.34
C THR A 29 2.31 -6.15 -3.28
N VAL A 30 2.87 -6.51 -2.14
CA VAL A 30 3.06 -5.50 -1.06
C VAL A 30 4.54 -5.14 -0.96
N CYS A 31 4.82 -3.90 -0.64
CA CYS A 31 6.24 -3.47 -0.50
C CYS A 31 6.39 -2.66 0.79
N THR A 32 6.56 -3.32 1.90
CA THR A 32 6.70 -2.59 3.18
C THR A 32 8.00 -1.79 3.18
N VAL A 33 7.93 -0.51 3.45
CA VAL A 33 9.16 0.33 3.42
C VAL A 33 9.15 1.31 4.60
N THR A 34 10.30 1.80 5.01
CA THR A 34 10.34 2.79 6.12
C THR A 34 10.79 4.14 5.58
N LEU A 35 10.13 5.19 5.94
CA LEU A 35 10.55 6.53 5.41
C LEU A 35 10.94 7.48 6.55
N GLU A 36 12.01 7.17 7.22
CA GLU A 36 12.51 8.01 8.37
C GLU A 36 11.70 9.30 8.54
N LYS A 37 11.01 9.44 9.65
CA LYS A 37 10.19 10.67 9.86
C LYS A 37 11.09 11.84 10.28
N MET A 38 11.01 12.95 9.59
CA MET A 38 11.83 14.12 9.95
C MET A 38 11.09 15.40 9.55
N SER A 39 11.07 15.72 8.29
CA SER A 39 10.36 16.95 7.83
C SER A 39 9.66 16.67 6.51
N ALA A 40 8.67 17.47 6.17
CA ALA A 40 7.94 17.24 4.89
C ALA A 40 6.97 16.06 5.05
N GLY A 41 6.97 15.42 6.19
CA GLY A 41 6.05 14.27 6.39
C GLY A 41 6.46 13.10 5.49
N LEU A 42 7.37 12.28 5.94
CA LEU A 42 7.83 11.11 5.12
C LEU A 42 7.96 11.52 3.67
N GLY A 43 8.17 12.77 3.41
CA GLY A 43 8.31 13.22 2.00
C GLY A 43 7.09 12.77 1.19
N PHE A 44 6.04 12.30 1.81
CA PHE A 44 4.87 11.89 1.01
C PHE A 44 3.58 12.26 1.73
N SER A 45 2.59 12.59 0.96
CA SER A 45 1.26 12.96 1.53
C SER A 45 0.24 11.91 1.07
N LEU A 46 -0.66 11.54 1.93
CA LEU A 46 -1.66 10.49 1.56
C LEU A 46 -2.95 11.11 1.04
N GLU A 47 -3.57 10.52 0.05
CA GLU A 47 -4.84 11.11 -0.46
C GLU A 47 -5.95 10.04 -0.58
N GLY A 48 -7.11 10.34 -0.06
CA GLY A 48 -8.26 9.37 -0.11
C GLY A 48 -9.27 9.76 0.98
N GLY A 49 -9.65 8.82 1.81
CA GLY A 49 -10.62 9.16 2.92
C GLY A 49 -11.97 9.58 2.33
N LYS A 50 -11.99 10.65 1.57
CA LYS A 50 -13.26 11.11 0.96
C LYS A 50 -13.40 10.51 -0.43
N GLY A 51 -13.38 9.21 -0.54
CA GLY A 51 -13.52 8.55 -1.87
C GLY A 51 -14.59 9.26 -2.69
N SER A 52 -15.84 8.93 -2.47
CA SER A 52 -16.92 9.59 -3.24
C SER A 52 -18.20 9.62 -2.40
N LEU A 53 -19.03 8.63 -2.54
CA LEU A 53 -20.29 8.60 -1.73
C LEU A 53 -20.59 7.17 -1.30
N HIS A 54 -19.64 6.28 -1.47
CA HIS A 54 -19.89 4.86 -1.05
C HIS A 54 -19.14 4.57 0.25
N GLY A 55 -18.18 5.38 0.59
CA GLY A 55 -17.42 5.16 1.87
C GLY A 55 -16.05 4.55 1.57
N ASP A 56 -15.88 3.97 0.41
CA ASP A 56 -14.57 3.36 0.08
C ASP A 56 -13.50 4.45 -0.08
N LYS A 57 -12.56 4.51 0.82
CA LYS A 57 -11.50 5.56 0.73
C LYS A 57 -10.12 4.93 0.88
N PRO A 58 -9.54 4.54 -0.23
CA PRO A 58 -8.20 3.91 -0.23
C PRO A 58 -7.12 5.00 -0.18
N LEU A 59 -6.86 5.55 0.96
CA LEU A 59 -5.80 6.60 1.06
C LEU A 59 -4.59 6.17 0.23
N THR A 60 -4.19 6.98 -0.71
CA THR A 60 -3.03 6.61 -1.57
C THR A 60 -2.04 7.79 -1.62
N ILE A 61 -0.77 7.57 -1.92
CA ILE A 61 0.17 8.73 -1.95
C ILE A 61 -0.05 9.54 -3.21
N ASN A 62 -0.35 10.78 -3.03
CA ASN A 62 -0.56 11.69 -4.20
C ASN A 62 0.64 12.63 -4.42
N ARG A 63 1.13 13.26 -3.39
CA ARG A 63 2.27 14.21 -3.56
C ARG A 63 3.52 13.66 -2.87
N ILE A 64 4.44 13.13 -3.62
CA ILE A 64 5.68 12.59 -3.01
C ILE A 64 6.83 13.56 -3.21
N PHE A 65 7.67 13.64 -2.23
CA PHE A 65 8.84 14.57 -2.31
C PHE A 65 10.12 13.77 -2.44
N LYS A 66 11.22 14.41 -2.73
CA LYS A 66 12.51 13.67 -2.86
C LYS A 66 13.36 13.87 -1.60
N GLY A 67 13.94 12.81 -1.10
CA GLY A 67 14.78 12.93 0.12
C GLY A 67 14.27 11.95 1.19
N ALA A 68 13.00 11.67 1.18
CA ALA A 68 12.45 10.72 2.20
C ALA A 68 12.79 9.28 1.80
N ALA A 69 13.92 8.79 2.24
CA ALA A 69 14.32 7.40 1.90
C ALA A 69 15.65 7.07 2.58
N SER A 70 15.96 5.82 2.74
CA SER A 70 17.25 5.46 3.39
C SER A 70 17.50 3.96 3.22
N GLU A 71 17.00 3.37 2.17
CA GLU A 71 17.21 1.92 1.95
C GLU A 71 17.44 1.64 0.47
N GLN A 72 16.69 2.28 -0.38
CA GLN A 72 16.85 2.08 -1.84
C GLN A 72 16.23 3.25 -2.60
N SER A 73 16.35 3.27 -3.90
CA SER A 73 15.78 4.40 -4.69
C SER A 73 14.32 4.07 -5.05
N GLU A 74 13.60 3.47 -4.14
CA GLU A 74 12.18 3.14 -4.44
C GLU A 74 11.43 2.91 -3.12
N THR A 75 11.62 3.79 -2.16
CA THR A 75 10.93 3.63 -0.86
C THR A 75 9.60 4.39 -0.89
N VAL A 76 9.07 4.58 -2.06
CA VAL A 76 7.78 5.30 -2.19
C VAL A 76 7.09 4.85 -3.47
N GLN A 77 5.82 5.11 -3.61
CA GLN A 77 5.10 4.69 -4.83
C GLN A 77 3.97 5.68 -5.11
N PRO A 78 3.74 5.97 -6.37
CA PRO A 78 2.70 6.93 -6.81
C PRO A 78 1.30 6.31 -6.81
N GLY A 79 0.37 6.92 -6.12
CA GLY A 79 -1.03 6.37 -6.11
C GLY A 79 -1.06 4.99 -5.47
N ASP A 80 -0.05 4.62 -4.74
CA ASP A 80 -0.07 3.27 -4.10
C ASP A 80 -1.15 3.25 -3.01
N GLU A 81 -1.78 2.12 -2.77
CA GLU A 81 -2.85 2.11 -1.71
C GLU A 81 -2.23 1.82 -0.34
N ILE A 82 -1.39 2.69 0.16
CA ILE A 82 -0.76 2.46 1.51
C ILE A 82 -1.86 2.29 2.57
N LEU A 83 -1.85 1.21 3.32
CA LEU A 83 -2.93 1.04 4.36
C LEU A 83 -2.53 1.66 5.71
N GLN A 84 -1.29 1.58 6.11
CA GLN A 84 -0.92 2.19 7.43
C GLN A 84 0.55 2.63 7.40
N LEU A 85 0.85 3.67 8.13
CA LEU A 85 2.25 4.18 8.17
C LEU A 85 2.87 3.82 9.53
N GLY A 86 4.12 4.11 9.71
CA GLY A 86 4.78 3.79 11.00
C GLY A 86 3.88 4.21 12.16
N GLY A 87 2.99 5.15 11.96
CA GLY A 87 2.10 5.57 13.09
C GLY A 87 0.76 6.10 12.56
N THR A 88 0.07 5.34 11.75
CA THR A 88 -1.24 5.78 11.24
C THR A 88 -1.83 4.68 10.36
N ALA A 89 -3.11 4.58 10.33
CA ALA A 89 -3.77 3.55 9.49
C ALA A 89 -4.93 4.23 8.74
N MET A 90 -4.89 4.21 7.44
CA MET A 90 -5.98 4.89 6.67
C MET A 90 -7.29 4.10 6.76
N GLN A 91 -7.27 2.90 7.29
CA GLN A 91 -8.57 2.17 7.40
C GLN A 91 -9.40 2.87 8.50
N GLY A 92 -10.72 2.83 8.47
CA GLY A 92 -11.48 3.54 9.53
C GLY A 92 -10.84 4.91 9.76
N LEU A 93 -10.44 5.56 8.70
CA LEU A 93 -9.78 6.89 8.83
C LEU A 93 -9.94 7.65 7.52
N THR A 94 -10.03 8.94 7.58
CA THR A 94 -10.19 9.74 6.34
C THR A 94 -8.82 10.11 5.77
N ARG A 95 -8.77 11.03 4.84
CA ARG A 95 -7.44 11.42 4.25
C ARG A 95 -6.72 12.38 5.22
N PHE A 96 -7.25 13.54 5.43
CA PHE A 96 -6.57 14.51 6.34
C PHE A 96 -6.43 13.90 7.74
N GLU A 97 -7.41 13.15 8.17
CA GLU A 97 -7.31 12.54 9.52
C GLU A 97 -6.11 11.60 9.58
N ALA A 98 -5.96 10.75 8.60
CA ALA A 98 -4.80 9.81 8.61
C ALA A 98 -3.49 10.57 8.44
N TRP A 99 -3.37 11.32 7.41
CA TRP A 99 -2.08 12.07 7.17
C TRP A 99 -1.73 12.96 8.38
N ASN A 100 -2.68 13.33 9.20
CA ASN A 100 -2.33 14.20 10.36
C ASN A 100 -1.69 13.38 11.50
N ILE A 101 -2.26 12.25 11.86
CA ILE A 101 -1.66 11.43 12.95
C ILE A 101 -0.19 11.18 12.66
N ILE A 102 0.14 10.98 11.41
CA ILE A 102 1.56 10.70 11.06
C ILE A 102 2.43 11.86 11.55
N LYS A 103 2.18 13.03 11.02
CA LYS A 103 2.98 14.22 11.43
C LYS A 103 3.12 14.25 12.95
N ALA A 104 2.09 13.88 13.65
CA ALA A 104 2.13 13.90 15.14
C ALA A 104 3.15 12.90 15.67
N LEU A 105 3.36 11.82 14.99
CA LEU A 105 4.34 10.81 15.47
C LEU A 105 5.70 11.47 15.70
N PRO A 106 6.62 10.70 16.24
CA PRO A 106 7.99 11.17 16.50
C PRO A 106 8.86 11.04 15.25
N ASP A 107 10.12 11.40 15.35
CA ASP A 107 11.01 11.32 14.15
C ASP A 107 11.79 10.00 14.20
N GLY A 108 11.22 8.93 13.71
CA GLY A 108 11.94 7.62 13.71
C GLY A 108 11.66 6.88 12.40
N PRO A 109 11.69 5.58 12.47
CA PRO A 109 11.46 4.70 11.30
C PRO A 109 9.96 4.61 11.00
N VAL A 110 9.50 5.35 10.03
CA VAL A 110 8.06 5.28 9.68
C VAL A 110 7.90 4.16 8.68
N THR A 111 7.36 3.08 9.10
CA THR A 111 7.21 1.92 8.18
C THR A 111 5.90 2.03 7.43
N ILE A 112 5.99 2.03 6.13
CA ILE A 112 4.77 2.13 5.28
C ILE A 112 4.48 0.76 4.68
N VAL A 113 3.27 0.52 4.31
CA VAL A 113 2.92 -0.79 3.70
C VAL A 113 2.15 -0.52 2.41
N ILE A 114 2.82 -0.50 1.30
CA ILE A 114 2.13 -0.23 0.02
C ILE A 114 1.76 -1.56 -0.64
N ARG A 115 0.51 -1.71 -0.99
CA ARG A 115 0.10 -2.97 -1.66
C ARG A 115 -0.60 -2.60 -2.97
N ARG A 116 0.07 -2.80 -4.07
CA ARG A 116 -0.55 -2.43 -5.37
C ARG A 116 -1.20 -3.67 -5.99
N LYS A 117 -1.56 -3.59 -7.24
CA LYS A 117 -2.19 -4.75 -7.92
C LYS A 117 -2.55 -4.35 -9.34
N SER A 118 -2.69 -5.30 -10.23
CA SER A 118 -3.03 -4.94 -11.64
C SER A 118 -2.04 -3.89 -12.15
N LEU A 119 -2.22 -3.41 -13.35
CA LEU A 119 -1.27 -2.40 -13.88
C LEU A 119 -1.63 -1.02 -13.31
N GLN A 120 -0.66 -0.31 -12.81
CA GLN A 120 -0.95 1.04 -12.24
C GLN A 120 -2.15 0.94 -11.29
N SER A 121 -2.73 2.05 -10.94
CA SER A 121 -3.90 2.02 -10.01
C SER A 121 -5.17 1.67 -10.80
N LYS A 122 -5.82 2.65 -11.35
CA LYS A 122 -7.07 2.38 -12.13
C LYS A 122 -8.21 2.06 -11.17
N GLU A 123 -9.34 2.70 -11.35
CA GLU A 123 -10.50 2.45 -10.44
C GLU A 123 -11.80 2.80 -11.16
N THR A 124 -11.99 4.04 -11.52
CA THR A 124 -13.23 4.43 -12.23
C THR A 124 -13.06 5.80 -12.86
N THR A 125 -11.93 6.04 -13.48
CA THR A 125 -11.69 7.37 -14.12
C THR A 125 -12.81 7.64 -15.12
N ALA A 126 -12.81 8.79 -15.75
CA ALA A 126 -13.88 9.11 -16.74
C ALA A 126 -13.30 9.13 -18.15
N ALA A 127 -13.58 8.12 -18.93
CA ALA A 127 -13.05 8.09 -20.32
C ALA A 127 -14.20 8.32 -21.31
N GLY A 128 -13.89 8.50 -22.56
CA GLY A 128 -14.97 8.72 -23.56
C GLY A 128 -14.35 8.77 -24.97
N ASP A 129 -13.81 7.68 -25.42
CA ASP A 129 -13.20 7.67 -26.79
C ASP A 129 -13.66 6.42 -27.54
N SER A 130 -14.13 6.57 -28.74
CA SER A 130 -14.59 5.39 -29.52
C SER A 130 -15.77 4.72 -28.80
N MET A 1 52.27 -27.97 15.68
CA MET A 1 51.43 -26.80 16.04
C MET A 1 50.07 -27.26 16.58
N PRO A 2 49.43 -28.14 15.84
CA PRO A 2 48.11 -28.66 16.21
C PRO A 2 48.25 -29.75 17.29
N ASP A 3 48.95 -30.81 17.00
CA ASP A 3 49.11 -31.89 18.00
C ASP A 3 47.73 -32.44 18.38
N LEU A 4 47.67 -33.33 19.34
CA LEU A 4 46.35 -33.89 19.75
C LEU A 4 45.89 -33.21 21.04
N ASN A 5 44.73 -32.59 21.00
CA ASN A 5 44.22 -31.92 22.23
C ASN A 5 42.70 -31.98 22.24
N SER A 6 42.07 -31.73 21.12
CA SER A 6 40.58 -31.79 21.07
C SER A 6 40.12 -33.20 20.74
N SER A 7 38.94 -33.57 21.13
CA SER A 7 38.43 -34.94 20.84
C SER A 7 37.88 -34.98 19.41
N THR A 8 37.64 -36.15 18.89
CA THR A 8 37.10 -36.26 17.51
C THR A 8 35.57 -36.13 17.55
N ASP A 9 34.91 -36.40 16.45
CA ASP A 9 33.42 -36.28 16.42
C ASP A 9 33.02 -34.83 16.69
N SER A 10 31.79 -34.48 16.42
CA SER A 10 31.35 -33.09 16.65
C SER A 10 32.18 -32.12 15.81
N ALA A 11 32.76 -32.62 14.75
CA ALA A 11 33.60 -31.73 13.89
C ALA A 11 33.06 -31.75 12.46
N ALA A 12 32.98 -32.91 11.86
CA ALA A 12 32.47 -33.01 10.46
C ALA A 12 30.93 -33.06 10.49
N SER A 13 30.29 -32.09 9.91
CA SER A 13 28.80 -32.08 9.90
C SER A 13 28.31 -31.35 8.64
N ALA A 14 27.12 -31.63 8.20
CA ALA A 14 26.59 -30.95 6.99
C ALA A 14 25.11 -30.62 7.19
N SER A 15 24.73 -30.20 8.36
CA SER A 15 23.31 -29.86 8.61
C SER A 15 22.94 -28.61 7.82
N ALA A 16 21.83 -28.64 7.13
CA ALA A 16 21.42 -27.44 6.33
C ALA A 16 19.92 -27.21 6.49
N ALA A 17 19.11 -28.14 6.05
CA ALA A 17 17.64 -27.96 6.19
C ALA A 17 17.26 -26.56 5.70
N SER A 18 17.42 -26.29 4.43
CA SER A 18 17.07 -24.94 3.90
C SER A 18 15.58 -24.67 4.13
N ASP A 19 15.20 -23.42 4.08
CA ASP A 19 13.76 -23.08 4.29
C ASP A 19 12.95 -23.48 3.06
N VAL A 20 12.37 -24.64 3.07
CA VAL A 20 11.57 -25.08 1.90
C VAL A 20 10.18 -24.45 1.97
N SER A 21 9.70 -23.95 0.86
CA SER A 21 8.35 -23.32 0.86
C SER A 21 8.02 -22.83 -0.56
N VAL A 22 6.77 -22.67 -0.86
CA VAL A 22 6.39 -22.20 -2.23
C VAL A 22 6.07 -20.71 -2.18
N GLU A 23 6.97 -19.89 -2.64
CA GLU A 23 6.71 -18.42 -2.61
C GLU A 23 5.90 -18.03 -3.85
N SER A 24 4.60 -17.87 -3.69
CA SER A 24 3.75 -17.50 -4.85
C SER A 24 3.66 -15.97 -4.94
N THR A 25 3.34 -15.46 -6.10
CA THR A 25 3.21 -13.98 -6.26
C THR A 25 2.40 -13.67 -7.52
N ALA A 26 1.19 -14.15 -7.59
CA ALA A 26 0.35 -13.89 -8.78
C ALA A 26 -0.94 -13.19 -8.35
N GLU A 27 -0.88 -12.42 -7.31
CA GLU A 27 -2.09 -11.69 -6.82
C GLU A 27 -1.66 -10.40 -6.15
N ALA A 28 -1.53 -9.36 -6.91
CA ALA A 28 -1.11 -8.06 -6.34
C ALA A 28 0.25 -8.22 -5.67
N THR A 29 0.98 -7.15 -5.50
CA THR A 29 2.31 -7.25 -4.85
C THR A 29 2.41 -6.22 -3.73
N VAL A 30 2.91 -6.62 -2.60
CA VAL A 30 3.03 -5.66 -1.46
C VAL A 30 4.50 -5.28 -1.26
N CYS A 31 4.74 -4.12 -0.73
CA CYS A 31 6.15 -3.69 -0.48
C CYS A 31 6.21 -2.94 0.84
N THR A 32 6.39 -3.64 1.92
CA THR A 32 6.47 -2.96 3.25
C THR A 32 7.77 -2.16 3.32
N VAL A 33 7.68 -0.89 3.62
CA VAL A 33 8.91 -0.05 3.66
C VAL A 33 8.89 0.95 4.82
N THR A 34 10.04 1.43 5.22
CA THR A 34 10.10 2.44 6.30
C THR A 34 10.53 3.78 5.69
N LEU A 35 9.85 4.85 5.99
CA LEU A 35 10.25 6.16 5.39
C LEU A 35 10.61 7.17 6.46
N GLU A 36 11.71 6.94 7.13
CA GLU A 36 12.18 7.84 8.23
C GLU A 36 11.38 9.16 8.25
N LYS A 37 10.76 9.49 9.35
CA LYS A 37 9.95 10.73 9.40
C LYS A 37 10.87 11.95 9.48
N MET A 38 11.21 12.52 8.36
CA MET A 38 12.07 13.72 8.34
C MET A 38 11.45 14.76 7.42
N SER A 39 12.06 15.90 7.26
CA SER A 39 11.48 16.93 6.37
C SER A 39 10.18 17.47 6.99
N ALA A 40 9.10 17.50 6.25
CA ALA A 40 7.83 18.02 6.83
C ALA A 40 6.73 16.97 6.74
N GLY A 41 7.05 15.79 6.28
CA GLY A 41 6.00 14.72 6.18
C GLY A 41 6.55 13.52 5.42
N LEU A 42 7.52 12.83 5.97
CA LEU A 42 8.09 11.63 5.29
C LEU A 42 8.25 11.88 3.80
N GLY A 43 8.33 13.11 3.40
CA GLY A 43 8.49 13.41 1.96
C GLY A 43 7.26 12.92 1.18
N PHE A 44 6.24 12.43 1.85
CA PHE A 44 5.06 11.97 1.09
C PHE A 44 3.78 12.50 1.73
N SER A 45 2.76 12.57 0.94
CA SER A 45 1.42 13.05 1.42
C SER A 45 0.38 12.03 0.99
N LEU A 46 -0.62 11.79 1.80
CA LEU A 46 -1.62 10.76 1.43
C LEU A 46 -2.92 11.33 0.88
N GLU A 47 -3.49 10.64 -0.08
CA GLU A 47 -4.80 11.09 -0.64
C GLU A 47 -5.72 9.88 -0.76
N GLY A 48 -6.96 10.06 -0.43
CA GLY A 48 -7.90 8.93 -0.50
C GLY A 48 -8.22 8.52 0.92
N GLY A 49 -8.89 7.43 1.11
CA GLY A 49 -9.22 6.99 2.50
C GLY A 49 -10.68 6.50 2.60
N LYS A 50 -11.62 7.42 2.64
CA LYS A 50 -13.07 7.02 2.75
C LYS A 50 -13.45 6.05 1.62
N GLY A 51 -14.70 5.70 1.51
CA GLY A 51 -15.12 4.76 0.43
C GLY A 51 -16.64 4.56 0.48
N SER A 52 -17.37 5.13 -0.45
CA SER A 52 -18.84 4.96 -0.44
C SER A 52 -19.31 4.44 -1.80
N LEU A 53 -19.28 5.26 -2.82
CA LEU A 53 -19.74 4.80 -4.16
C LEU A 53 -19.39 5.85 -5.22
N HIS A 54 -20.04 6.98 -5.17
CA HIS A 54 -19.76 8.05 -6.17
C HIS A 54 -18.46 8.76 -5.80
N GLY A 55 -17.92 8.46 -4.65
CA GLY A 55 -16.65 9.13 -4.23
C GLY A 55 -15.67 8.07 -3.69
N ASP A 56 -15.27 7.15 -4.53
CA ASP A 56 -14.32 6.09 -4.08
C ASP A 56 -12.98 6.72 -3.70
N LYS A 57 -12.62 6.66 -2.45
CA LYS A 57 -11.31 7.24 -2.02
C LYS A 57 -10.51 6.24 -1.20
N PRO A 58 -9.70 5.45 -1.88
CA PRO A 58 -8.84 4.45 -1.23
C PRO A 58 -7.55 5.11 -0.72
N LEU A 59 -6.95 4.58 0.30
CA LEU A 59 -5.69 5.17 0.84
C LEU A 59 -4.62 5.22 -0.25
N THR A 60 -4.06 6.36 -0.55
CA THR A 60 -3.01 6.39 -1.60
C THR A 60 -2.04 7.59 -1.45
N ILE A 61 -0.81 7.50 -1.97
CA ILE A 61 0.10 8.68 -1.87
C ILE A 61 -0.09 9.55 -3.10
N ASN A 62 -0.23 10.82 -2.91
CA ASN A 62 -0.42 11.73 -4.08
C ASN A 62 0.79 12.64 -4.29
N ARG A 63 1.18 13.37 -3.28
CA ARG A 63 2.33 14.31 -3.44
C ARG A 63 3.58 13.74 -2.81
N ILE A 64 4.37 13.02 -3.55
CA ILE A 64 5.61 12.47 -3.00
C ILE A 64 6.77 13.40 -3.32
N PHE A 65 7.69 13.52 -2.42
CA PHE A 65 8.84 14.44 -2.65
C PHE A 65 10.10 13.61 -2.91
N LYS A 66 11.17 14.24 -3.34
CA LYS A 66 12.42 13.48 -3.61
C LYS A 66 13.37 13.66 -2.43
N GLY A 67 13.42 12.71 -1.54
CA GLY A 67 14.32 12.82 -0.37
C GLY A 67 13.62 12.26 0.86
N ALA A 68 14.07 12.62 2.04
CA ALA A 68 13.41 12.10 3.28
C ALA A 68 13.12 10.60 3.11
N ALA A 69 14.12 9.84 2.76
CA ALA A 69 13.91 8.37 2.58
C ALA A 69 15.22 7.63 2.85
N SER A 70 15.14 6.38 3.23
CA SER A 70 16.38 5.61 3.51
C SER A 70 17.14 5.37 2.19
N GLU A 71 17.85 4.28 2.09
CA GLU A 71 18.61 4.01 0.83
C GLU A 71 18.02 2.78 0.14
N GLN A 72 16.76 2.49 0.38
CA GLN A 72 16.14 1.30 -0.27
C GLN A 72 15.66 1.68 -1.67
N SER A 73 15.81 0.80 -2.63
CA SER A 73 15.37 1.12 -4.01
C SER A 73 13.97 1.75 -3.97
N GLU A 74 13.90 3.05 -3.96
CA GLU A 74 12.57 3.74 -3.92
C GLU A 74 11.71 3.14 -2.81
N THR A 75 11.61 3.81 -1.70
CA THR A 75 10.78 3.29 -0.59
C THR A 75 9.43 4.02 -0.60
N VAL A 76 8.97 4.40 -1.75
CA VAL A 76 7.66 5.10 -1.84
C VAL A 76 7.10 4.94 -3.25
N GLN A 77 5.82 5.14 -3.42
CA GLN A 77 5.22 5.00 -4.77
C GLN A 77 4.11 6.04 -4.93
N PRO A 78 3.96 6.55 -6.13
CA PRO A 78 2.95 7.57 -6.44
C PRO A 78 1.57 6.93 -6.61
N GLY A 79 0.66 7.22 -5.72
CA GLY A 79 -0.72 6.63 -5.84
C GLY A 79 -0.77 5.18 -5.35
N ASP A 80 0.27 4.66 -4.75
CA ASP A 80 0.18 3.23 -4.28
C ASP A 80 -0.92 3.14 -3.21
N GLU A 81 -1.45 1.97 -2.96
CA GLU A 81 -2.54 1.87 -1.93
C GLU A 81 -1.94 1.61 -0.53
N ILE A 82 -1.36 2.60 0.12
CA ILE A 82 -0.79 2.37 1.49
C ILE A 82 -1.93 2.42 2.51
N LEU A 83 -2.16 1.37 3.27
CA LEU A 83 -3.31 1.39 4.23
C LEU A 83 -2.95 2.12 5.54
N GLN A 84 -1.78 1.92 6.07
CA GLN A 84 -1.45 2.58 7.35
C GLN A 84 0.02 2.99 7.37
N LEU A 85 0.41 3.70 8.38
CA LEU A 85 1.83 4.14 8.50
C LEU A 85 2.40 3.58 9.80
N GLY A 86 3.69 3.66 9.97
CA GLY A 86 4.29 3.14 11.23
C GLY A 86 3.47 3.61 12.43
N GLY A 87 2.75 4.70 12.28
CA GLY A 87 1.93 5.19 13.43
C GLY A 87 0.66 5.89 12.92
N THR A 88 -0.03 5.29 11.98
CA THR A 88 -1.28 5.91 11.46
C THR A 88 -2.01 4.91 10.57
N ALA A 89 -3.29 4.81 10.70
CA ALA A 89 -4.04 3.88 9.85
C ALA A 89 -5.29 4.61 9.36
N MET A 90 -5.55 4.59 8.08
CA MET A 90 -6.73 5.33 7.57
C MET A 90 -8.00 4.48 7.59
N GLN A 91 -7.98 3.26 7.12
CA GLN A 91 -9.27 2.45 7.11
C GLN A 91 -10.15 2.76 8.35
N GLY A 92 -9.60 3.07 9.48
CA GLY A 92 -10.45 3.41 10.65
C GLY A 92 -10.23 4.89 10.93
N LEU A 93 -10.30 5.70 9.91
CA LEU A 93 -10.03 7.15 10.11
C LEU A 93 -10.45 7.90 8.84
N THR A 94 -9.95 9.09 8.68
CA THR A 94 -10.31 9.89 7.47
C THR A 94 -9.03 10.32 6.74
N ARG A 95 -9.13 10.63 5.49
CA ARG A 95 -7.92 11.05 4.71
C ARG A 95 -7.08 12.06 5.50
N PHE A 96 -7.57 13.25 5.65
CA PHE A 96 -6.76 14.28 6.38
C PHE A 96 -6.42 13.80 7.78
N GLU A 97 -7.38 13.31 8.50
CA GLU A 97 -7.09 12.83 9.88
C GLU A 97 -5.94 11.83 9.82
N ALA A 98 -5.94 10.95 8.86
CA ALA A 98 -4.84 9.94 8.77
C ALA A 98 -3.50 10.62 8.52
N TRP A 99 -3.34 11.22 7.39
CA TRP A 99 -2.03 11.89 7.08
C TRP A 99 -1.66 12.89 8.18
N ASN A 100 -2.59 13.33 8.99
CA ASN A 100 -2.25 14.31 10.06
C ASN A 100 -1.63 13.60 11.29
N ILE A 101 -2.23 12.53 11.75
CA ILE A 101 -1.64 11.81 12.94
C ILE A 101 -0.16 11.57 12.71
N ILE A 102 0.21 11.26 11.52
CA ILE A 102 1.64 10.98 11.23
C ILE A 102 2.48 12.21 11.57
N LYS A 103 2.25 13.29 10.89
CA LYS A 103 3.04 14.54 11.16
C LYS A 103 3.14 14.76 12.66
N ALA A 104 2.17 14.30 13.39
CA ALA A 104 2.17 14.49 14.87
C ALA A 104 3.08 13.47 15.57
N LEU A 105 3.71 12.60 14.81
CA LEU A 105 4.59 11.59 15.46
C LEU A 105 6.03 12.12 15.52
N PRO A 106 6.90 11.35 16.13
CA PRO A 106 8.32 11.71 16.27
C PRO A 106 9.11 11.39 14.99
N ASP A 107 10.38 11.66 14.98
CA ASP A 107 11.21 11.38 13.77
C ASP A 107 11.91 10.04 13.91
N GLY A 108 11.31 9.00 13.41
CA GLY A 108 11.94 7.64 13.51
C GLY A 108 11.62 6.82 12.25
N PRO A 109 11.69 5.52 12.40
CA PRO A 109 11.41 4.59 11.29
C PRO A 109 9.89 4.45 11.07
N VAL A 110 9.38 5.16 10.11
CA VAL A 110 7.93 5.08 9.81
C VAL A 110 7.72 3.94 8.82
N THR A 111 7.12 2.90 9.25
CA THR A 111 6.91 1.75 8.34
C THR A 111 5.60 1.91 7.56
N ILE A 112 5.68 1.76 6.27
CA ILE A 112 4.49 1.91 5.40
C ILE A 112 4.17 0.56 4.75
N VAL A 113 2.95 0.37 4.32
CA VAL A 113 2.60 -0.92 3.66
C VAL A 113 1.90 -0.59 2.35
N ILE A 114 2.60 -0.69 1.27
CA ILE A 114 1.99 -0.35 -0.04
C ILE A 114 1.73 -1.62 -0.85
N ARG A 115 0.56 -1.75 -1.40
CA ARG A 115 0.23 -2.95 -2.22
C ARG A 115 -0.27 -2.46 -3.58
N ARG A 116 0.48 -2.67 -4.62
CA ARG A 116 0.03 -2.20 -5.95
C ARG A 116 -0.54 -3.38 -6.75
N LYS A 117 -1.64 -3.19 -7.42
CA LYS A 117 -2.23 -4.31 -8.20
C LYS A 117 -1.99 -4.07 -9.70
N SER A 118 -0.93 -4.60 -10.24
CA SER A 118 -0.65 -4.39 -11.68
C SER A 118 -1.59 -5.26 -12.51
N LEU A 119 -1.28 -5.45 -13.77
CA LEU A 119 -2.16 -6.29 -14.63
C LEU A 119 -2.49 -7.60 -13.91
N GLN A 120 -3.71 -8.06 -14.02
CA GLN A 120 -4.10 -9.33 -13.34
C GLN A 120 -5.38 -9.87 -13.94
N SER A 121 -6.43 -9.11 -13.88
CA SER A 121 -7.74 -9.58 -14.44
C SER A 121 -7.98 -11.02 -14.02
N LYS A 122 -8.61 -11.22 -12.88
CA LYS A 122 -8.88 -12.61 -12.41
C LYS A 122 -10.14 -13.14 -13.08
N GLU A 123 -10.22 -13.09 -14.38
CA GLU A 123 -11.43 -13.59 -15.08
C GLU A 123 -11.30 -15.10 -15.29
N THR A 124 -10.11 -15.58 -15.53
CA THR A 124 -9.92 -17.04 -15.73
C THR A 124 -10.37 -17.44 -17.14
N THR A 125 -10.04 -16.66 -18.13
CA THR A 125 -10.45 -16.99 -19.52
C THR A 125 -10.18 -18.48 -19.77
N ALA A 126 -8.93 -18.87 -19.74
CA ALA A 126 -8.59 -20.30 -19.97
C ALA A 126 -8.87 -20.67 -21.43
N ALA A 127 -9.09 -19.70 -22.27
CA ALA A 127 -9.38 -19.99 -23.70
C ALA A 127 -8.12 -19.70 -24.54
N GLY A 128 -8.04 -20.25 -25.72
CA GLY A 128 -6.84 -20.01 -26.58
C GLY A 128 -5.58 -20.28 -25.77
N ASP A 129 -5.03 -21.46 -25.90
CA ASP A 129 -3.79 -21.78 -25.14
C ASP A 129 -2.57 -21.25 -25.90
N SER A 130 -1.59 -20.75 -25.20
CA SER A 130 -0.38 -20.22 -25.89
C SER A 130 0.60 -19.68 -24.84
#